data_1H3Z
#
_entry.id   1H3Z
#
_cell.length_a   1.000
_cell.length_b   1.000
_cell.length_c   1.000
_cell.angle_alpha   90.00
_cell.angle_beta   90.00
_cell.angle_gamma   90.00
#
_symmetry.space_group_name_H-M   'P 1'
#
_entity_poly.entity_id   1
_entity_poly.type   'polypeptide(L)'
_entity_poly.pdbx_seq_one_letter_code
;GSERVNYKPGMRVLTKMSGFPWWPSMVVTESKMTSVARKSKPKRAGTFYPVIFFPNKEYLWTGSDSLTPLTSEAISQFLE
KPKPKTASLIKAYKMAQSTPDLDSLSVPS
;
_entity_poly.pdbx_strand_id   A
#
# COMPACT_ATOMS: atom_id res chain seq x y z
N SER A 2 -8.10 6.26 -16.94
CA SER A 2 -7.58 5.50 -15.76
C SER A 2 -6.60 4.42 -16.22
N GLU A 3 -5.98 4.60 -17.36
CA GLU A 3 -5.02 3.59 -17.87
C GLU A 3 -4.00 3.24 -16.78
N ARG A 4 -3.22 2.21 -16.98
CA ARG A 4 -2.21 1.82 -15.95
C ARG A 4 -1.41 3.05 -15.50
N VAL A 5 -0.92 3.02 -14.29
CA VAL A 5 -0.13 4.18 -13.78
C VAL A 5 1.28 3.72 -13.43
N ASN A 6 2.25 4.57 -13.56
CA ASN A 6 3.64 4.17 -13.21
C ASN A 6 3.87 4.41 -11.71
N TYR A 7 3.93 3.35 -10.96
CA TYR A 7 4.14 3.50 -9.49
C TYR A 7 5.62 3.41 -9.13
N LYS A 8 6.10 4.33 -8.33
CA LYS A 8 7.53 4.31 -7.93
C LYS A 8 7.67 3.91 -6.47
N PRO A 9 8.85 3.51 -6.10
CA PRO A 9 9.12 3.09 -4.70
C PRO A 9 9.01 4.29 -3.76
N GLY A 10 8.07 4.25 -2.85
CA GLY A 10 7.90 5.40 -1.92
C GLY A 10 6.63 6.17 -2.29
N MET A 11 5.96 5.77 -3.35
CA MET A 11 4.71 6.48 -3.75
C MET A 11 3.51 5.86 -3.02
N ARG A 12 2.65 6.68 -2.45
CA ARG A 12 1.48 6.13 -1.73
C ARG A 12 0.37 5.74 -2.72
N VAL A 13 0.02 4.48 -2.76
CA VAL A 13 -1.04 4.05 -3.72
C VAL A 13 -2.12 3.24 -2.99
N LEU A 14 -3.18 2.93 -3.68
CA LEU A 14 -4.27 2.14 -3.04
C LEU A 14 -4.31 0.75 -3.66
N THR A 15 -4.26 -0.27 -2.86
CA THR A 15 -4.28 -1.66 -3.41
C THR A 15 -5.56 -2.39 -3.01
N LYS A 16 -6.41 -2.70 -3.95
CA LYS A 16 -7.67 -3.42 -3.61
C LYS A 16 -7.43 -4.94 -3.58
N MET A 17 -7.99 -5.63 -2.61
CA MET A 17 -7.77 -7.10 -2.56
C MET A 17 -9.12 -7.83 -2.59
N SER A 18 -9.11 -9.12 -2.80
CA SER A 18 -10.40 -9.88 -2.84
C SER A 18 -11.18 -9.65 -1.54
N GLY A 19 -12.40 -9.19 -1.66
CA GLY A 19 -13.23 -8.94 -0.43
C GLY A 19 -12.61 -7.80 0.36
N PHE A 20 -11.66 -7.11 -0.21
CA PHE A 20 -11.01 -5.99 0.53
C PHE A 20 -11.07 -4.70 -0.29
N PRO A 21 -11.55 -3.66 0.33
CA PRO A 21 -11.64 -2.33 -0.33
C PRO A 21 -10.23 -1.81 -0.63
N TRP A 22 -10.09 -0.91 -1.55
CA TRP A 22 -8.72 -0.41 -1.85
C TRP A 22 -8.05 -0.01 -0.54
N TRP A 23 -6.90 -0.58 -0.27
CA TRP A 23 -6.21 -0.25 1.00
C TRP A 23 -5.03 0.68 0.75
N PRO A 24 -4.84 1.59 1.66
CA PRO A 24 -3.72 2.55 1.53
C PRO A 24 -2.39 1.80 1.65
N SER A 25 -1.72 1.64 0.54
CA SER A 25 -0.41 0.92 0.53
C SER A 25 0.56 1.66 -0.37
N MET A 26 1.80 1.73 0.00
CA MET A 26 2.79 2.45 -0.85
C MET A 26 3.66 1.46 -1.61
N VAL A 27 4.05 1.78 -2.81
CA VAL A 27 4.90 0.83 -3.59
C VAL A 27 6.32 0.78 -2.99
N VAL A 28 6.71 -0.36 -2.50
CA VAL A 28 8.06 -0.49 -1.91
C VAL A 28 8.89 -1.49 -2.70
N THR A 29 10.01 -1.90 -2.19
CA THR A 29 10.86 -2.88 -2.91
C THR A 29 11.31 -3.98 -1.95
N GLU A 30 11.62 -5.14 -2.47
CA GLU A 30 12.07 -6.24 -1.58
C GLU A 30 13.17 -5.76 -0.64
N SER A 31 13.86 -4.71 -1.00
CA SER A 31 14.94 -4.19 -0.12
C SER A 31 14.38 -3.78 1.24
N LYS A 32 13.14 -3.37 1.30
CA LYS A 32 12.55 -2.95 2.60
C LYS A 32 11.62 -4.06 3.14
N MET A 33 11.47 -5.12 2.40
CA MET A 33 10.58 -6.23 2.86
C MET A 33 11.38 -7.26 3.66
N THR A 34 11.04 -7.44 4.91
CA THR A 34 11.77 -8.45 5.72
C THR A 34 11.52 -9.84 5.15
N SER A 35 11.66 -10.88 5.94
CA SER A 35 11.41 -12.24 5.41
C SER A 35 9.91 -12.51 5.33
N VAL A 36 9.14 -11.86 6.15
CA VAL A 36 7.67 -12.06 6.11
C VAL A 36 7.11 -11.56 4.77
N ALA A 37 7.54 -10.39 4.36
CA ALA A 37 7.04 -9.84 3.06
C ALA A 37 7.72 -10.57 1.88
N ARG A 38 8.93 -11.02 2.08
CA ARG A 38 9.64 -11.74 0.99
C ARG A 38 9.07 -13.14 0.81
N LYS A 39 8.50 -13.70 1.85
CA LYS A 39 7.92 -15.07 1.74
C LYS A 39 6.59 -15.04 0.98
N SER A 40 5.94 -13.91 0.97
CA SER A 40 4.63 -13.82 0.26
C SER A 40 4.85 -13.40 -1.20
N LYS A 41 6.07 -13.16 -1.59
CA LYS A 41 6.33 -12.75 -3.00
C LYS A 41 5.74 -13.78 -3.97
N PRO A 42 4.80 -13.33 -4.76
CA PRO A 42 4.14 -14.21 -5.75
C PRO A 42 5.10 -14.59 -6.88
N LYS A 43 5.00 -15.79 -7.38
CA LYS A 43 5.89 -16.23 -8.49
C LYS A 43 5.04 -16.55 -9.72
N ARG A 44 3.87 -15.98 -9.79
CA ARG A 44 2.97 -16.24 -10.95
C ARG A 44 3.32 -15.31 -12.12
N ALA A 45 2.67 -15.49 -13.25
CA ALA A 45 2.96 -14.62 -14.43
C ALA A 45 2.52 -13.18 -14.15
N GLY A 46 3.20 -12.22 -14.71
CA GLY A 46 2.84 -10.81 -14.47
C GLY A 46 3.74 -10.22 -13.39
N THR A 47 4.25 -9.04 -13.60
CA THR A 47 5.13 -8.43 -12.57
C THR A 47 4.29 -7.89 -11.42
N PHE A 48 4.55 -8.33 -10.24
CA PHE A 48 3.75 -7.85 -9.07
C PHE A 48 4.49 -6.75 -8.32
N TYR A 49 3.77 -5.79 -7.80
CA TYR A 49 4.42 -4.67 -7.07
C TYR A 49 4.36 -4.92 -5.56
N PRO A 50 5.51 -4.95 -4.95
CA PRO A 50 5.56 -5.14 -3.49
C PRO A 50 5.21 -3.80 -2.84
N VAL A 51 4.16 -3.73 -2.07
CA VAL A 51 3.81 -2.43 -1.45
C VAL A 51 3.75 -2.57 0.07
N ILE A 52 3.73 -1.49 0.78
CA ILE A 52 3.62 -1.58 2.25
C ILE A 52 2.19 -1.23 2.62
N PHE A 53 1.55 -2.08 3.38
CA PHE A 53 0.14 -1.81 3.73
C PHE A 53 0.05 -1.11 5.08
N PHE A 54 -0.78 -0.12 5.19
CA PHE A 54 -0.93 0.60 6.49
C PHE A 54 -2.17 0.07 7.21
N PRO A 55 -2.14 0.06 8.52
CA PRO A 55 -0.97 0.55 9.28
C PRO A 55 0.00 -0.61 9.56
N ASN A 56 0.79 -0.50 10.60
CA ASN A 56 1.75 -1.59 10.96
C ASN A 56 2.72 -1.86 9.80
N LYS A 57 2.74 -0.99 8.82
CA LYS A 57 3.67 -1.19 7.66
C LYS A 57 3.75 -2.68 7.31
N GLU A 58 2.83 -3.14 6.51
CA GLU A 58 2.83 -4.57 6.10
C GLU A 58 3.41 -4.66 4.70
N TYR A 59 3.32 -5.78 4.04
CA TYR A 59 3.87 -5.86 2.67
C TYR A 59 3.00 -6.77 1.80
N LEU A 60 2.59 -6.29 0.66
CA LEU A 60 1.73 -7.11 -0.23
C LEU A 60 2.24 -7.07 -1.67
N TRP A 61 2.05 -8.13 -2.41
CA TRP A 61 2.50 -8.16 -3.82
C TRP A 61 1.29 -8.06 -4.75
N THR A 62 0.95 -6.88 -5.18
CA THR A 62 -0.23 -6.73 -6.08
C THR A 62 0.19 -6.19 -7.44
N GLY A 63 -0.47 -6.61 -8.48
CA GLY A 63 -0.09 -6.11 -9.84
C GLY A 63 -0.61 -4.67 -10.01
N SER A 64 -0.07 -3.95 -10.96
CA SER A 64 -0.51 -2.54 -11.19
C SER A 64 -2.03 -2.50 -11.44
N ASP A 65 -2.59 -3.58 -11.90
CA ASP A 65 -4.06 -3.60 -12.19
C ASP A 65 -4.88 -3.20 -10.96
N SER A 66 -4.72 -3.89 -9.87
CA SER A 66 -5.50 -3.54 -8.65
C SER A 66 -4.82 -2.40 -7.89
N LEU A 67 -3.83 -1.79 -8.51
CA LEU A 67 -3.11 -0.67 -7.84
C LEU A 67 -3.54 0.68 -8.43
N THR A 68 -3.84 1.62 -7.58
CA THR A 68 -4.25 2.96 -8.06
C THR A 68 -3.47 4.03 -7.29
N PRO A 69 -3.30 5.17 -7.89
CA PRO A 69 -2.55 6.27 -7.23
C PRO A 69 -3.34 6.83 -6.03
N LEU A 70 -2.72 6.90 -4.89
CA LEU A 70 -3.42 7.43 -3.68
C LEU A 70 -2.83 8.79 -3.30
N THR A 71 -3.53 9.85 -3.57
CA THR A 71 -3.01 11.20 -3.23
C THR A 71 -3.25 11.53 -1.75
N SER A 72 -2.52 12.47 -1.22
CA SER A 72 -2.72 12.85 0.21
C SER A 72 -4.13 13.38 0.41
N GLU A 73 -4.62 14.12 -0.55
CA GLU A 73 -6.01 14.67 -0.43
C GLU A 73 -7.01 13.51 -0.30
N ALA A 74 -6.89 12.53 -1.15
CA ALA A 74 -7.81 11.37 -1.08
C ALA A 74 -7.67 10.71 0.29
N ILE A 75 -6.47 10.57 0.77
CA ILE A 75 -6.25 9.95 2.11
C ILE A 75 -6.96 10.77 3.18
N SER A 76 -6.72 12.06 3.20
CA SER A 76 -7.38 12.92 4.22
C SER A 76 -8.90 12.85 4.05
N GLN A 77 -9.37 12.90 2.83
CA GLN A 77 -10.84 12.82 2.61
C GLN A 77 -11.37 11.56 3.30
N PHE A 78 -10.65 10.48 3.20
CA PHE A 78 -11.10 9.23 3.86
C PHE A 78 -11.11 9.45 5.37
N LEU A 79 -10.07 10.04 5.90
CA LEU A 79 -10.02 10.27 7.37
C LEU A 79 -11.32 10.95 7.80
N GLU A 80 -11.77 11.92 7.06
CA GLU A 80 -13.06 12.58 7.41
C GLU A 80 -14.17 11.54 7.35
N LYS A 81 -14.16 10.74 6.31
CA LYS A 81 -15.18 9.66 6.18
C LYS A 81 -14.52 8.40 5.61
N PRO A 82 -14.40 7.42 6.46
CA PRO A 82 -13.78 6.14 6.07
C PRO A 82 -14.84 5.15 5.56
N LYS A 83 -14.50 4.32 4.61
CA LYS A 83 -15.50 3.34 4.09
C LYS A 83 -14.79 2.13 3.46
N PRO A 84 -15.21 0.95 3.83
CA PRO A 84 -16.32 0.77 4.81
C PRO A 84 -15.83 1.14 6.21
N LYS A 85 -16.51 0.72 7.23
CA LYS A 85 -16.06 1.08 8.61
C LYS A 85 -15.15 -0.03 9.16
N THR A 86 -13.89 0.01 8.82
CA THR A 86 -12.94 -1.01 9.32
C THR A 86 -11.85 -0.33 10.18
N ALA A 87 -11.84 -0.59 11.45
CA ALA A 87 -10.82 0.07 12.33
C ALA A 87 -9.41 -0.09 11.74
N SER A 88 -9.11 -1.21 11.15
CA SER A 88 -7.75 -1.41 10.57
C SER A 88 -7.53 -0.48 9.38
N LEU A 89 -8.46 -0.41 8.46
CA LEU A 89 -8.26 0.50 7.29
C LEU A 89 -8.15 1.93 7.78
N ILE A 90 -9.07 2.36 8.60
CA ILE A 90 -9.00 3.76 9.11
C ILE A 90 -7.62 4.00 9.69
N LYS A 91 -7.11 3.05 10.42
CA LYS A 91 -5.74 3.23 10.98
C LYS A 91 -4.75 3.21 9.81
N ALA A 92 -5.13 2.55 8.74
CA ALA A 92 -4.25 2.51 7.54
C ALA A 92 -4.09 3.91 6.96
N TYR A 93 -5.18 4.56 6.68
CA TYR A 93 -5.11 5.93 6.12
C TYR A 93 -4.54 6.89 7.16
N LYS A 94 -4.86 6.68 8.41
CA LYS A 94 -4.33 7.58 9.47
C LYS A 94 -2.81 7.44 9.59
N MET A 95 -2.30 6.24 9.54
CA MET A 95 -0.81 6.08 9.64
C MET A 95 -0.16 6.32 8.28
N ALA A 96 -0.83 5.96 7.22
CA ALA A 96 -0.26 6.19 5.87
C ALA A 96 -0.35 7.68 5.54
N GLN A 97 -1.37 8.32 6.02
CA GLN A 97 -1.53 9.78 5.76
C GLN A 97 -0.36 10.54 6.39
N SER A 98 0.14 10.07 7.49
CA SER A 98 1.30 10.75 8.14
C SER A 98 2.60 10.31 7.45
N THR A 99 2.61 9.13 6.91
CA THR A 99 3.84 8.65 6.21
C THR A 99 3.88 9.25 4.80
N PRO A 100 4.84 10.11 4.60
CA PRO A 100 4.99 10.79 3.28
C PRO A 100 5.51 9.82 2.21
N ASP A 101 6.66 9.23 2.42
CA ASP A 101 7.20 8.30 1.39
C ASP A 101 7.79 7.04 2.03
N LEU A 102 8.44 6.23 1.25
CA LEU A 102 9.04 4.97 1.77
C LEU A 102 10.26 5.30 2.65
N ASP A 103 11.00 6.30 2.28
CA ASP A 103 12.21 6.67 3.10
C ASP A 103 11.79 7.11 4.51
N SER A 104 10.53 7.33 4.72
CA SER A 104 10.06 7.77 6.07
C SER A 104 9.59 6.56 6.89
N LEU A 105 9.21 5.51 6.24
CA LEU A 105 8.74 4.31 7.00
C LEU A 105 9.87 3.73 7.85
N SER A 106 9.55 2.94 8.83
CA SER A 106 10.62 2.36 9.69
C SER A 106 10.89 0.90 9.30
N VAL A 107 12.12 0.58 8.99
CA VAL A 107 12.44 -0.82 8.60
C VAL A 107 13.12 -1.55 9.77
N PRO A 108 12.85 -2.81 9.86
CA PRO A 108 13.44 -3.64 10.94
C PRO A 108 14.94 -3.86 10.71
N SER A 109 15.69 -2.78 10.60
CA SER A 109 17.15 -2.92 10.37
C SER A 109 17.92 -2.47 11.61
N SER A 2 -8.83 2.79 -15.33
CA SER A 2 -8.68 3.38 -16.69
C SER A 2 -7.51 2.73 -17.43
N GLU A 3 -6.32 2.87 -16.91
CA GLU A 3 -5.15 2.26 -17.59
C GLU A 3 -4.03 2.00 -16.57
N ARG A 4 -3.30 0.93 -16.73
CA ARG A 4 -2.20 0.63 -15.77
C ARG A 4 -1.39 1.90 -15.49
N VAL A 5 -0.95 2.09 -14.28
CA VAL A 5 -0.16 3.31 -13.96
C VAL A 5 1.27 2.94 -13.57
N ASN A 6 2.22 3.78 -13.88
CA ASN A 6 3.62 3.48 -13.51
C ASN A 6 3.88 3.93 -12.07
N TYR A 7 3.93 2.99 -11.15
CA TYR A 7 4.15 3.36 -9.72
C TYR A 7 5.64 3.35 -9.37
N LYS A 8 6.06 4.22 -8.50
CA LYS A 8 7.50 4.27 -8.10
C LYS A 8 7.66 3.90 -6.63
N PRO A 9 8.85 3.53 -6.27
CA PRO A 9 9.15 3.12 -4.87
C PRO A 9 9.01 4.32 -3.91
N GLY A 10 8.10 4.24 -2.99
CA GLY A 10 7.90 5.35 -2.03
C GLY A 10 6.63 6.12 -2.40
N MET A 11 5.99 5.74 -3.47
CA MET A 11 4.74 6.44 -3.87
C MET A 11 3.55 5.80 -3.14
N ARG A 12 2.79 6.58 -2.43
CA ARG A 12 1.62 6.01 -1.70
C ARG A 12 0.51 5.63 -2.68
N VAL A 13 0.18 4.37 -2.74
CA VAL A 13 -0.90 3.94 -3.66
C VAL A 13 -1.95 3.13 -2.92
N LEU A 14 -3.06 2.88 -3.55
CA LEU A 14 -4.14 2.09 -2.90
C LEU A 14 -4.18 0.69 -3.51
N THR A 15 -4.06 -0.32 -2.71
CA THR A 15 -4.06 -1.71 -3.26
C THR A 15 -5.36 -2.44 -2.91
N LYS A 16 -6.15 -2.75 -3.89
CA LYS A 16 -7.43 -3.48 -3.63
C LYS A 16 -7.15 -4.99 -3.52
N MET A 17 -7.77 -5.66 -2.59
CA MET A 17 -7.51 -7.14 -2.46
C MET A 17 -8.83 -7.91 -2.52
N SER A 18 -8.77 -9.21 -2.62
CA SER A 18 -10.02 -10.01 -2.69
C SER A 18 -10.89 -9.75 -1.45
N GLY A 19 -12.11 -9.31 -1.65
CA GLY A 19 -13.00 -9.04 -0.48
C GLY A 19 -12.44 -7.88 0.33
N PHE A 20 -11.46 -7.19 -0.19
CA PHE A 20 -10.85 -6.06 0.56
C PHE A 20 -10.90 -4.77 -0.25
N PRO A 21 -11.39 -3.74 0.38
CA PRO A 21 -11.48 -2.41 -0.28
C PRO A 21 -10.06 -1.89 -0.55
N TRP A 22 -9.91 -0.99 -1.47
CA TRP A 22 -8.53 -0.49 -1.75
C TRP A 22 -7.87 -0.08 -0.44
N TRP A 23 -6.72 -0.62 -0.14
CA TRP A 23 -6.03 -0.28 1.13
C TRP A 23 -4.84 0.65 0.86
N PRO A 24 -4.64 1.58 1.74
CA PRO A 24 -3.51 2.53 1.60
C PRO A 24 -2.18 1.80 1.76
N SER A 25 -1.49 1.59 0.67
CA SER A 25 -0.19 0.88 0.73
C SER A 25 0.83 1.63 -0.14
N MET A 26 2.08 1.56 0.21
CA MET A 26 3.11 2.27 -0.61
C MET A 26 3.89 1.28 -1.47
N VAL A 27 4.26 1.67 -2.66
CA VAL A 27 5.04 0.74 -3.52
C VAL A 27 6.46 0.63 -2.97
N VAL A 28 6.80 -0.47 -2.36
CA VAL A 28 8.17 -0.63 -1.80
C VAL A 28 8.97 -1.64 -2.63
N THR A 29 10.10 -2.06 -2.13
CA THR A 29 10.93 -3.04 -2.89
C THR A 29 11.25 -4.26 -2.02
N GLU A 30 11.62 -5.35 -2.62
CA GLU A 30 11.96 -6.56 -1.82
C GLU A 30 12.99 -6.24 -0.74
N SER A 31 13.70 -5.14 -0.89
CA SER A 31 14.73 -4.78 0.12
C SER A 31 14.08 -4.02 1.28
N LYS A 32 12.84 -3.64 1.14
CA LYS A 32 12.16 -2.89 2.24
C LYS A 32 11.25 -3.83 3.03
N MET A 33 10.68 -4.82 2.38
CA MET A 33 9.79 -5.77 3.09
C MET A 33 10.61 -6.86 3.75
N THR A 34 10.43 -7.07 5.03
CA THR A 34 11.22 -8.12 5.75
C THR A 34 11.03 -9.47 5.07
N SER A 35 11.50 -10.53 5.70
CA SER A 35 11.35 -11.88 5.10
C SER A 35 9.88 -12.31 5.12
N VAL A 36 9.12 -11.79 6.04
CA VAL A 36 7.68 -12.15 6.12
C VAL A 36 6.99 -11.82 4.79
N ALA A 37 7.28 -10.68 4.22
CA ALA A 37 6.64 -10.31 2.93
C ALA A 37 7.27 -11.12 1.78
N ARG A 38 8.51 -11.48 1.91
CA ARG A 38 9.18 -12.28 0.85
C ARG A 38 8.50 -13.64 0.71
N LYS A 39 7.84 -14.09 1.75
CA LYS A 39 7.15 -15.41 1.68
C LYS A 39 5.77 -15.24 1.04
N SER A 40 5.26 -14.04 1.01
CA SER A 40 3.92 -13.82 0.39
C SER A 40 4.07 -13.48 -1.10
N LYS A 41 5.28 -13.43 -1.58
CA LYS A 41 5.49 -13.12 -3.02
C LYS A 41 4.60 -14.02 -3.88
N PRO A 42 4.17 -13.47 -4.98
CA PRO A 42 3.28 -14.22 -5.90
C PRO A 42 4.09 -15.18 -6.78
N LYS A 43 3.57 -16.36 -7.04
CA LYS A 43 4.29 -17.34 -7.90
C LYS A 43 3.87 -17.15 -9.37
N ARG A 44 2.94 -16.28 -9.59
CA ARG A 44 2.44 -15.99 -10.98
C ARG A 44 3.49 -15.24 -11.80
N ALA A 45 3.17 -14.96 -13.04
CA ALA A 45 4.14 -14.25 -13.91
C ALA A 45 3.69 -12.80 -14.11
N GLY A 46 4.63 -11.90 -14.28
CA GLY A 46 4.25 -10.48 -14.48
C GLY A 46 5.03 -9.61 -13.50
N THR A 47 5.04 -8.32 -13.69
CA THR A 47 5.79 -7.45 -12.76
C THR A 47 4.87 -6.98 -11.64
N PHE A 48 5.04 -7.55 -10.47
CA PHE A 48 4.18 -7.16 -9.32
C PHE A 48 4.93 -6.20 -8.40
N TYR A 49 4.25 -5.25 -7.83
CA TYR A 49 4.93 -4.29 -6.94
C TYR A 49 4.69 -4.66 -5.47
N PRO A 50 5.76 -4.94 -4.78
CA PRO A 50 5.64 -5.26 -3.34
C PRO A 50 5.35 -3.95 -2.60
N VAL A 51 4.24 -3.87 -1.93
CA VAL A 51 3.90 -2.61 -1.22
C VAL A 51 3.81 -2.82 0.28
N ILE A 52 3.84 -1.76 1.03
CA ILE A 52 3.69 -1.89 2.50
C ILE A 52 2.27 -1.45 2.85
N PHE A 53 1.55 -2.27 3.56
CA PHE A 53 0.15 -1.90 3.89
C PHE A 53 0.07 -1.16 5.22
N PHE A 54 -0.77 -0.17 5.29
CA PHE A 54 -0.91 0.59 6.57
C PHE A 54 -2.16 0.09 7.31
N PRO A 55 -2.07 0.00 8.62
CA PRO A 55 -0.85 0.33 9.37
C PRO A 55 -0.06 -0.95 9.67
N ASN A 56 0.73 -0.95 10.71
CA ASN A 56 1.51 -2.16 11.09
C ASN A 56 2.61 -2.47 10.07
N LYS A 57 2.74 -1.67 9.05
CA LYS A 57 3.82 -1.92 8.05
C LYS A 57 3.71 -3.33 7.45
N GLU A 58 2.55 -3.71 6.97
CA GLU A 58 2.43 -5.06 6.35
C GLU A 58 3.02 -5.01 4.94
N TYR A 59 3.05 -6.11 4.25
CA TYR A 59 3.63 -6.09 2.88
C TYR A 59 2.79 -6.96 1.93
N LEU A 60 2.38 -6.41 0.82
CA LEU A 60 1.55 -7.20 -0.14
C LEU A 60 2.11 -7.08 -1.56
N TRP A 61 2.02 -8.13 -2.33
CA TRP A 61 2.50 -8.07 -3.74
C TRP A 61 1.31 -7.83 -4.67
N THR A 62 1.19 -6.65 -5.21
CA THR A 62 0.05 -6.37 -6.11
C THR A 62 0.52 -5.69 -7.40
N GLY A 63 -0.02 -6.09 -8.52
CA GLY A 63 0.41 -5.47 -9.81
C GLY A 63 -0.18 -4.07 -9.94
N SER A 64 0.17 -3.36 -10.97
CA SER A 64 -0.38 -1.98 -11.16
C SER A 64 -1.89 -2.02 -11.43
N ASP A 65 -2.38 -3.12 -11.93
CA ASP A 65 -3.84 -3.22 -12.21
C ASP A 65 -4.67 -2.92 -10.96
N SER A 66 -4.46 -3.67 -9.91
CA SER A 66 -5.25 -3.42 -8.66
C SER A 66 -4.60 -2.29 -7.85
N LEU A 67 -3.65 -1.61 -8.44
CA LEU A 67 -2.96 -0.51 -7.72
C LEU A 67 -3.38 0.85 -8.29
N THR A 68 -3.76 1.75 -7.43
CA THR A 68 -4.18 3.11 -7.90
C THR A 68 -3.40 4.16 -7.11
N PRO A 69 -3.23 5.31 -7.70
CA PRO A 69 -2.47 6.40 -7.03
C PRO A 69 -3.27 6.97 -5.86
N LEU A 70 -2.71 6.91 -4.68
CA LEU A 70 -3.41 7.46 -3.48
C LEU A 70 -2.88 8.86 -3.18
N THR A 71 -3.63 9.87 -3.52
CA THR A 71 -3.16 11.28 -3.27
C THR A 71 -3.36 11.67 -1.82
N SER A 72 -2.65 12.66 -1.36
CA SER A 72 -2.81 13.11 0.06
C SER A 72 -4.22 13.63 0.26
N GLU A 73 -4.76 14.30 -0.72
CA GLU A 73 -6.15 14.83 -0.58
C GLU A 73 -7.12 13.67 -0.40
N ALA A 74 -6.94 12.62 -1.15
CA ALA A 74 -7.83 11.44 -1.01
C ALA A 74 -7.69 10.84 0.38
N ILE A 75 -6.48 10.74 0.87
CA ILE A 75 -6.27 10.16 2.23
C ILE A 75 -7.05 10.97 3.25
N SER A 76 -6.86 12.26 3.28
CA SER A 76 -7.60 13.10 4.28
C SER A 76 -9.10 12.92 4.09
N GLN A 77 -9.57 12.92 2.88
CA GLN A 77 -11.04 12.74 2.65
C GLN A 77 -11.49 11.46 3.36
N PHE A 78 -10.69 10.43 3.30
CA PHE A 78 -11.07 9.17 3.99
C PHE A 78 -11.01 9.38 5.51
N LEU A 79 -9.98 10.02 5.99
CA LEU A 79 -9.89 10.26 7.46
C LEU A 79 -11.19 10.88 7.95
N GLU A 80 -11.66 11.88 7.26
CA GLU A 80 -12.95 12.51 7.67
C GLU A 80 -14.05 11.45 7.58
N LYS A 81 -14.04 10.68 6.53
CA LYS A 81 -15.04 9.59 6.38
C LYS A 81 -14.36 8.35 5.78
N PRO A 82 -14.22 7.34 6.59
CA PRO A 82 -13.60 6.08 6.16
C PRO A 82 -14.65 5.08 5.67
N LYS A 83 -14.34 4.32 4.65
CA LYS A 83 -15.32 3.33 4.13
C LYS A 83 -14.60 2.20 3.39
N PRO A 84 -14.99 0.97 3.67
CA PRO A 84 -16.06 0.69 4.66
C PRO A 84 -15.55 0.96 6.08
N LYS A 85 -16.27 0.52 7.08
CA LYS A 85 -15.80 0.77 8.47
C LYS A 85 -14.85 -0.34 8.94
N THR A 86 -13.59 -0.22 8.61
CA THR A 86 -12.60 -1.24 9.05
C THR A 86 -11.58 -0.58 9.98
N ALA A 87 -11.59 -0.92 11.24
CA ALA A 87 -10.61 -0.27 12.18
C ALA A 87 -9.19 -0.33 11.62
N SER A 88 -8.82 -1.42 11.03
CA SER A 88 -7.44 -1.50 10.46
C SER A 88 -7.30 -0.54 9.28
N LEU A 89 -8.30 -0.44 8.46
CA LEU A 89 -8.22 0.48 7.30
C LEU A 89 -8.18 1.92 7.82
N ILE A 90 -9.14 2.30 8.61
CA ILE A 90 -9.13 3.69 9.14
C ILE A 90 -7.76 3.97 9.75
N LYS A 91 -7.19 3.01 10.41
CA LYS A 91 -5.83 3.24 10.99
C LYS A 91 -4.84 3.23 9.84
N ALA A 92 -5.18 2.57 8.76
CA ALA A 92 -4.29 2.52 7.57
C ALA A 92 -4.12 3.93 6.99
N TYR A 93 -5.21 4.63 6.85
CA TYR A 93 -5.15 6.02 6.29
C TYR A 93 -4.56 6.99 7.32
N LYS A 94 -4.93 6.84 8.55
CA LYS A 94 -4.39 7.76 9.60
C LYS A 94 -2.89 7.53 9.76
N MET A 95 -2.45 6.30 9.65
CA MET A 95 -0.99 6.02 9.77
C MET A 95 -0.29 6.29 8.44
N ALA A 96 -0.90 5.89 7.36
CA ALA A 96 -0.27 6.14 6.03
C ALA A 96 -0.30 7.63 5.73
N GLN A 97 -1.32 8.30 6.20
CA GLN A 97 -1.43 9.77 5.98
C GLN A 97 -0.21 10.46 6.58
N SER A 98 0.30 9.94 7.66
CA SER A 98 1.50 10.56 8.29
C SER A 98 2.75 10.23 7.45
N THR A 99 2.74 9.09 6.81
CA THR A 99 3.92 8.70 5.97
C THR A 99 3.69 9.14 4.53
N PRO A 100 4.42 10.14 4.12
CA PRO A 100 4.27 10.67 2.74
C PRO A 100 4.86 9.69 1.72
N ASP A 101 6.05 9.20 1.95
CA ASP A 101 6.66 8.25 0.99
C ASP A 101 7.52 7.21 1.72
N LEU A 102 8.22 6.40 0.99
CA LEU A 102 9.08 5.36 1.61
C LEU A 102 10.25 6.02 2.34
N ASP A 103 10.75 7.10 1.81
CA ASP A 103 11.89 7.80 2.46
C ASP A 103 11.52 8.22 3.89
N SER A 104 10.27 8.24 4.21
CA SER A 104 9.85 8.64 5.58
C SER A 104 9.52 7.41 6.42
N LEU A 105 9.14 6.33 5.78
CA LEU A 105 8.80 5.09 6.54
C LEU A 105 10.07 4.47 7.12
N SER A 106 9.91 3.60 8.09
CA SER A 106 11.12 2.97 8.71
C SER A 106 10.99 1.44 8.67
N VAL A 107 12.09 0.75 8.45
CA VAL A 107 12.05 -0.73 8.41
C VAL A 107 12.34 -1.31 9.79
N PRO A 108 11.72 -2.42 10.08
CA PRO A 108 11.92 -3.09 11.39
C PRO A 108 13.30 -3.73 11.47
N SER A 109 14.00 -3.77 10.36
CA SER A 109 15.36 -4.38 10.37
C SER A 109 16.38 -3.41 10.98
N SER A 2 -3.81 -1.80 -19.98
CA SER A 2 -4.62 -0.63 -20.46
C SER A 2 -4.09 0.66 -19.84
N GLU A 3 -3.13 1.28 -20.47
CA GLU A 3 -2.57 2.54 -19.91
C GLU A 3 -2.27 2.37 -18.42
N ARG A 4 -1.63 1.29 -18.05
CA ARG A 4 -1.30 1.07 -16.62
C ARG A 4 -0.69 2.34 -16.01
N VAL A 5 -0.57 2.39 -14.72
CA VAL A 5 0.02 3.59 -14.07
C VAL A 5 1.44 3.30 -13.61
N ASN A 6 2.33 4.24 -13.74
CA ASN A 6 3.73 4.00 -13.29
C ASN A 6 3.85 4.23 -11.79
N TYR A 7 4.10 3.18 -11.05
CA TYR A 7 4.23 3.32 -9.57
C TYR A 7 5.70 3.28 -9.15
N LYS A 8 6.17 4.33 -8.55
CA LYS A 8 7.59 4.38 -8.11
C LYS A 8 7.71 3.98 -6.63
N PRO A 9 8.90 3.61 -6.25
CA PRO A 9 9.16 3.19 -4.85
C PRO A 9 8.95 4.36 -3.89
N GLY A 10 8.06 4.23 -2.95
CA GLY A 10 7.81 5.32 -1.98
C GLY A 10 6.56 6.09 -2.39
N MET A 11 5.96 5.75 -3.51
CA MET A 11 4.73 6.46 -3.93
C MET A 11 3.52 5.85 -3.22
N ARG A 12 2.74 6.66 -2.57
CA ARG A 12 1.55 6.13 -1.86
C ARG A 12 0.45 5.75 -2.85
N VAL A 13 0.08 4.51 -2.90
CA VAL A 13 -0.98 4.07 -3.85
C VAL A 13 -2.05 3.28 -3.09
N LEU A 14 -3.14 3.00 -3.74
CA LEU A 14 -4.23 2.23 -3.08
C LEU A 14 -4.23 0.81 -3.64
N THR A 15 -4.10 -0.17 -2.79
CA THR A 15 -4.06 -1.58 -3.30
C THR A 15 -5.40 -2.29 -3.06
N LYS A 16 -6.10 -2.58 -4.13
CA LYS A 16 -7.40 -3.30 -4.01
C LYS A 16 -7.14 -4.80 -3.82
N MET A 17 -7.80 -5.45 -2.90
CA MET A 17 -7.55 -6.91 -2.72
C MET A 17 -8.88 -7.67 -2.82
N SER A 18 -8.85 -8.95 -3.04
CA SER A 18 -10.11 -9.72 -3.16
C SER A 18 -11.01 -9.48 -1.93
N GLY A 19 -12.21 -9.01 -2.14
CA GLY A 19 -13.12 -8.76 -0.99
C GLY A 19 -12.53 -7.67 -0.11
N PHE A 20 -11.60 -6.90 -0.63
CA PHE A 20 -10.98 -5.84 0.19
C PHE A 20 -10.97 -4.50 -0.57
N PRO A 21 -11.47 -3.49 0.09
CA PRO A 21 -11.51 -2.13 -0.51
C PRO A 21 -10.09 -1.60 -0.71
N TRP A 22 -9.91 -0.65 -1.59
CA TRP A 22 -8.53 -0.14 -1.82
C TRP A 22 -7.88 0.21 -0.48
N TRP A 23 -6.74 -0.34 -0.21
CA TRP A 23 -6.05 -0.05 1.07
C TRP A 23 -4.87 0.88 0.84
N PRO A 24 -4.66 1.77 1.77
CA PRO A 24 -3.53 2.72 1.66
C PRO A 24 -2.20 1.98 1.77
N SER A 25 -1.51 1.84 0.68
CA SER A 25 -0.20 1.12 0.70
C SER A 25 0.79 1.86 -0.19
N MET A 26 2.05 1.72 0.06
CA MET A 26 3.06 2.42 -0.80
C MET A 26 3.85 1.40 -1.60
N VAL A 27 4.20 1.71 -2.81
CA VAL A 27 4.98 0.73 -3.62
C VAL A 27 6.43 0.66 -3.12
N VAL A 28 6.83 -0.48 -2.63
CA VAL A 28 8.23 -0.62 -2.12
C VAL A 28 8.98 -1.67 -2.93
N THR A 29 10.13 -2.08 -2.48
CA THR A 29 10.91 -3.11 -3.23
C THR A 29 11.21 -4.30 -2.32
N GLU A 30 11.55 -5.42 -2.90
CA GLU A 30 11.86 -6.62 -2.07
C GLU A 30 12.92 -6.31 -1.03
N SER A 31 13.79 -5.36 -1.30
CA SER A 31 14.85 -5.02 -0.31
C SER A 31 14.24 -4.32 0.90
N LYS A 32 13.10 -3.70 0.76
CA LYS A 32 12.47 -3.00 1.91
C LYS A 32 11.56 -3.94 2.69
N MET A 33 10.89 -4.84 2.02
CA MET A 33 9.98 -5.78 2.74
C MET A 33 10.80 -6.89 3.42
N THR A 34 10.75 -6.96 4.72
CA THR A 34 11.52 -8.02 5.44
C THR A 34 11.19 -9.41 4.87
N SER A 35 11.65 -10.44 5.51
CA SER A 35 11.35 -11.81 5.01
C SER A 35 9.87 -12.13 5.19
N VAL A 36 9.24 -11.51 6.14
CA VAL A 36 7.78 -11.77 6.36
C VAL A 36 7.01 -11.55 5.05
N ALA A 37 7.28 -10.46 4.37
CA ALA A 37 6.58 -10.18 3.09
C ALA A 37 7.12 -11.09 1.99
N ARG A 38 8.40 -11.38 2.03
CA ARG A 38 8.99 -12.25 0.99
C ARG A 38 8.33 -13.63 1.01
N LYS A 39 7.95 -14.09 2.18
CA LYS A 39 7.30 -15.43 2.28
C LYS A 39 5.98 -15.43 1.48
N SER A 40 5.37 -14.30 1.33
CA SER A 40 4.08 -14.23 0.58
C SER A 40 4.34 -13.77 -0.85
N LYS A 41 5.58 -13.62 -1.22
CA LYS A 41 5.90 -13.17 -2.62
C LYS A 41 5.28 -14.12 -3.63
N PRO A 42 4.45 -13.58 -4.49
CA PRO A 42 3.78 -14.39 -5.53
C PRO A 42 4.77 -14.81 -6.61
N LYS A 43 4.54 -15.94 -7.23
CA LYS A 43 5.46 -16.41 -8.29
C LYS A 43 4.66 -16.68 -9.57
N ARG A 44 3.68 -15.88 -9.85
CA ARG A 44 2.85 -16.10 -11.07
C ARG A 44 3.28 -15.13 -12.18
N ALA A 45 2.75 -15.30 -13.36
CA ALA A 45 3.13 -14.38 -14.48
C ALA A 45 2.78 -12.94 -14.14
N GLY A 46 3.54 -12.01 -14.63
CA GLY A 46 3.25 -10.58 -14.33
C GLY A 46 4.16 -10.09 -13.20
N THR A 47 4.80 -8.96 -13.38
CA THR A 47 5.70 -8.45 -12.31
C THR A 47 4.86 -7.83 -11.19
N PHE A 48 4.83 -8.46 -10.05
CA PHE A 48 4.02 -7.93 -8.93
C PHE A 48 4.78 -6.84 -8.16
N TYR A 49 4.09 -5.85 -7.70
CA TYR A 49 4.75 -4.75 -6.95
C TYR A 49 4.65 -4.99 -5.44
N PRO A 50 5.78 -5.16 -4.81
CA PRO A 50 5.78 -5.34 -3.34
C PRO A 50 5.47 -3.99 -2.70
N VAL A 51 4.41 -3.89 -1.96
CA VAL A 51 4.06 -2.57 -1.35
C VAL A 51 4.00 -2.67 0.18
N ILE A 52 3.98 -1.56 0.84
CA ILE A 52 3.86 -1.59 2.32
C ILE A 52 2.42 -1.21 2.67
N PHE A 53 1.77 -2.01 3.45
CA PHE A 53 0.35 -1.71 3.79
C PHE A 53 0.23 -0.95 5.11
N PHE A 54 -0.68 -0.02 5.17
CA PHE A 54 -0.88 0.75 6.42
C PHE A 54 -2.10 0.18 7.16
N PRO A 55 -2.02 0.13 8.47
CA PRO A 55 -0.83 0.57 9.21
C PRO A 55 0.11 -0.61 9.44
N ASN A 56 0.96 -0.54 10.45
CA ASN A 56 1.90 -1.66 10.73
C ASN A 56 2.77 -1.97 9.52
N LYS A 57 3.04 -0.98 8.70
CA LYS A 57 3.90 -1.17 7.50
C LYS A 57 3.84 -2.61 6.97
N GLU A 58 2.66 -3.17 6.82
CA GLU A 58 2.57 -4.56 6.31
C GLU A 58 3.18 -4.62 4.91
N TYR A 59 3.13 -5.74 4.25
CA TYR A 59 3.72 -5.83 2.89
C TYR A 59 2.87 -6.73 2.00
N LEU A 60 2.52 -6.27 0.82
CA LEU A 60 1.68 -7.10 -0.09
C LEU A 60 2.23 -7.08 -1.51
N TRP A 61 2.10 -8.17 -2.21
CA TRP A 61 2.58 -8.22 -3.62
C TRP A 61 1.40 -8.06 -4.57
N THR A 62 1.21 -6.90 -5.11
CA THR A 62 0.05 -6.66 -6.02
C THR A 62 0.54 -6.11 -7.37
N GLY A 63 -0.07 -6.53 -8.44
CA GLY A 63 0.36 -6.02 -9.78
C GLY A 63 -0.17 -4.61 -9.99
N SER A 64 0.21 -3.97 -11.07
CA SER A 64 -0.27 -2.59 -11.34
C SER A 64 -1.78 -2.60 -11.63
N ASP A 65 -2.30 -3.71 -12.08
CA ASP A 65 -3.76 -3.79 -12.40
C ASP A 65 -4.61 -3.37 -11.20
N SER A 66 -4.43 -4.02 -10.08
CA SER A 66 -5.25 -3.66 -8.88
C SER A 66 -4.60 -2.51 -8.12
N LEU A 67 -3.62 -1.87 -8.71
CA LEU A 67 -2.95 -0.75 -8.00
C LEU A 67 -3.37 0.61 -8.57
N THR A 68 -3.76 1.51 -7.72
CA THR A 68 -4.16 2.86 -8.19
C THR A 68 -3.35 3.91 -7.43
N PRO A 69 -3.16 5.05 -8.03
CA PRO A 69 -2.37 6.12 -7.38
C PRO A 69 -3.16 6.75 -6.23
N LEU A 70 -2.54 6.89 -5.08
CA LEU A 70 -3.22 7.50 -3.91
C LEU A 70 -2.52 8.81 -3.54
N THR A 71 -3.24 9.80 -3.11
CA THR A 71 -2.60 11.09 -2.74
C THR A 71 -2.91 11.46 -1.30
N SER A 72 -2.13 12.35 -0.73
CA SER A 72 -2.37 12.77 0.67
C SER A 72 -3.78 13.38 0.78
N GLU A 73 -4.20 14.06 -0.24
CA GLU A 73 -5.56 14.67 -0.23
C GLU A 73 -6.61 13.56 -0.14
N ALA A 74 -6.50 12.56 -0.97
CA ALA A 74 -7.49 11.45 -0.93
C ALA A 74 -7.48 10.80 0.46
N ILE A 75 -6.32 10.53 0.98
CA ILE A 75 -6.24 9.91 2.33
C ILE A 75 -7.03 10.75 3.33
N SER A 76 -6.77 12.03 3.38
CA SER A 76 -7.51 12.91 4.33
C SER A 76 -9.02 12.77 4.10
N GLN A 77 -9.43 12.73 2.86
CA GLN A 77 -10.89 12.58 2.58
C GLN A 77 -11.42 11.35 3.31
N PHE A 78 -10.75 10.23 3.18
CA PHE A 78 -11.21 9.01 3.90
C PHE A 78 -11.26 9.29 5.40
N LEU A 79 -10.23 9.91 5.92
CA LEU A 79 -10.20 10.20 7.39
C LEU A 79 -11.52 10.88 7.78
N GLU A 80 -11.96 11.84 7.02
CA GLU A 80 -13.25 12.49 7.35
C GLU A 80 -14.36 11.45 7.30
N LYS A 81 -14.33 10.62 6.29
CA LYS A 81 -15.36 9.54 6.18
C LYS A 81 -14.70 8.24 5.69
N PRO A 82 -14.60 7.31 6.58
CA PRO A 82 -14.00 6.00 6.26
C PRO A 82 -15.08 4.99 5.84
N LYS A 83 -14.77 4.12 4.91
CA LYS A 83 -15.79 3.13 4.47
C LYS A 83 -15.11 1.91 3.83
N PRO A 84 -15.50 0.72 4.24
CA PRO A 84 -16.55 0.57 5.28
C PRO A 84 -15.97 0.95 6.65
N LYS A 85 -16.67 0.66 7.72
CA LYS A 85 -16.12 1.02 9.06
C LYS A 85 -15.22 -0.10 9.57
N THR A 86 -13.98 -0.08 9.15
CA THR A 86 -13.01 -1.12 9.63
C THR A 86 -11.89 -0.45 10.43
N ALA A 87 -11.82 -0.71 11.70
CA ALA A 87 -10.75 -0.06 12.52
C ALA A 87 -9.38 -0.25 11.86
N SER A 88 -9.18 -1.33 11.17
CA SER A 88 -7.86 -1.56 10.51
C SER A 88 -7.66 -0.58 9.35
N LEU A 89 -8.62 -0.44 8.48
CA LEU A 89 -8.45 0.50 7.36
C LEU A 89 -8.36 1.94 7.88
N ILE A 90 -9.20 2.29 8.81
CA ILE A 90 -9.13 3.67 9.35
C ILE A 90 -7.74 3.91 9.93
N LYS A 91 -7.19 2.90 10.56
CA LYS A 91 -5.82 3.06 11.11
C LYS A 91 -4.83 3.07 9.94
N ALA A 92 -5.21 2.45 8.85
CA ALA A 92 -4.33 2.41 7.65
C ALA A 92 -4.20 3.81 7.05
N TYR A 93 -5.29 4.50 6.91
CA TYR A 93 -5.25 5.88 6.32
C TYR A 93 -4.69 6.87 7.34
N LYS A 94 -5.09 6.77 8.57
CA LYS A 94 -4.57 7.71 9.60
C LYS A 94 -3.07 7.53 9.78
N MET A 95 -2.59 6.32 9.71
CA MET A 95 -1.12 6.09 9.86
C MET A 95 -0.41 6.44 8.55
N ALA A 96 -0.96 6.03 7.44
CA ALA A 96 -0.31 6.36 6.13
C ALA A 96 -0.40 7.86 5.88
N GLN A 97 -1.39 8.48 6.45
CA GLN A 97 -1.56 9.95 6.28
C GLN A 97 -0.38 10.69 6.92
N SER A 98 0.14 10.15 8.01
CA SER A 98 1.30 10.80 8.68
C SER A 98 2.59 10.44 7.96
N THR A 99 2.61 9.33 7.27
CA THR A 99 3.84 8.92 6.53
C THR A 99 3.88 9.61 5.17
N PRO A 100 4.93 10.36 4.96
CA PRO A 100 5.10 11.09 3.67
C PRO A 100 5.41 10.12 2.52
N ASP A 101 6.27 9.17 2.76
CA ASP A 101 6.61 8.19 1.69
C ASP A 101 7.56 7.13 2.22
N LEU A 102 7.92 6.17 1.40
CA LEU A 102 8.85 5.10 1.86
C LEU A 102 10.11 5.73 2.48
N ASP A 103 10.41 6.94 2.14
CA ASP A 103 11.61 7.61 2.71
C ASP A 103 11.42 7.86 4.21
N SER A 104 10.21 7.96 4.66
CA SER A 104 9.97 8.20 6.11
C SER A 104 9.55 6.90 6.81
N LEU A 105 8.98 5.99 6.07
CA LEU A 105 8.54 4.70 6.69
C LEU A 105 9.71 4.03 7.42
N SER A 106 9.43 3.12 8.30
CA SER A 106 10.53 2.43 9.04
C SER A 106 10.89 1.12 8.35
N VAL A 107 11.74 1.18 7.35
CA VAL A 107 12.13 -0.07 6.63
C VAL A 107 13.38 -0.67 7.27
N PRO A 108 13.37 -1.98 7.37
CA PRO A 108 14.51 -2.70 7.97
C PRO A 108 15.70 -2.73 6.99
N SER A 109 16.17 -1.59 6.57
CA SER A 109 17.32 -1.56 5.62
C SER A 109 18.16 -0.31 5.84
N SER A 2 -0.67 4.42 -23.04
CA SER A 2 -1.79 5.39 -23.22
C SER A 2 -2.18 6.01 -21.86
N GLU A 3 -1.56 7.10 -21.50
CA GLU A 3 -1.89 7.75 -20.20
C GLU A 3 -2.00 6.69 -19.10
N ARG A 4 -0.90 6.21 -18.60
CA ARG A 4 -0.96 5.18 -17.53
C ARG A 4 -0.28 5.70 -16.25
N VAL A 5 -0.19 4.88 -15.24
CA VAL A 5 0.45 5.31 -13.97
C VAL A 5 1.64 4.41 -13.62
N ASN A 6 2.83 4.90 -13.76
CA ASN A 6 4.02 4.08 -13.41
C ASN A 6 4.36 4.31 -11.94
N TYR A 7 3.99 3.38 -11.11
CA TYR A 7 4.27 3.52 -9.65
C TYR A 7 5.77 3.49 -9.37
N LYS A 8 6.18 4.15 -8.33
CA LYS A 8 7.64 4.19 -7.98
C LYS A 8 7.83 3.81 -6.51
N PRO A 9 9.03 3.45 -6.16
CA PRO A 9 9.34 3.06 -4.77
C PRO A 9 9.15 4.25 -3.83
N GLY A 10 8.24 4.15 -2.90
CA GLY A 10 8.01 5.27 -1.96
C GLY A 10 6.75 6.03 -2.36
N MET A 11 6.09 5.63 -3.41
CA MET A 11 4.85 6.35 -3.83
C MET A 11 3.63 5.79 -3.09
N ARG A 12 2.83 6.67 -2.55
CA ARG A 12 1.61 6.21 -1.81
C ARG A 12 0.52 5.81 -2.79
N VAL A 13 0.07 4.60 -2.73
CA VAL A 13 -1.01 4.16 -3.67
C VAL A 13 -2.07 3.36 -2.93
N LEU A 14 -3.15 3.06 -3.61
CA LEU A 14 -4.23 2.27 -2.98
C LEU A 14 -4.17 0.85 -3.54
N THR A 15 -4.10 -0.13 -2.69
CA THR A 15 -3.99 -1.53 -3.18
C THR A 15 -5.30 -2.29 -2.96
N LYS A 16 -5.97 -2.64 -4.02
CA LYS A 16 -7.25 -3.40 -3.89
C LYS A 16 -6.95 -4.88 -3.64
N MET A 17 -7.58 -5.49 -2.67
CA MET A 17 -7.30 -6.94 -2.43
C MET A 17 -8.61 -7.72 -2.48
N SER A 18 -8.55 -9.00 -2.70
CA SER A 18 -9.81 -9.80 -2.76
C SER A 18 -10.65 -9.57 -1.51
N GLY A 19 -11.87 -9.12 -1.68
CA GLY A 19 -12.74 -8.87 -0.49
C GLY A 19 -12.17 -7.72 0.34
N PHE A 20 -11.32 -6.92 -0.25
CA PHE A 20 -10.72 -5.78 0.51
C PHE A 20 -10.75 -4.49 -0.32
N PRO A 21 -11.27 -3.45 0.28
CA PRO A 21 -11.35 -2.13 -0.38
C PRO A 21 -9.94 -1.58 -0.61
N TRP A 22 -9.77 -0.68 -1.53
CA TRP A 22 -8.41 -0.14 -1.79
C TRP A 22 -7.77 0.27 -0.46
N TRP A 23 -6.61 -0.25 -0.18
CA TRP A 23 -5.93 0.07 1.10
C TRP A 23 -4.73 0.99 0.84
N PRO A 24 -4.51 1.90 1.75
CA PRO A 24 -3.37 2.84 1.62
C PRO A 24 -2.05 2.08 1.77
N SER A 25 -1.44 1.74 0.66
CA SER A 25 -0.14 1.01 0.71
C SER A 25 0.86 1.71 -0.20
N MET A 26 2.12 1.71 0.16
CA MET A 26 3.15 2.38 -0.70
C MET A 26 3.92 1.34 -1.49
N VAL A 27 4.26 1.65 -2.71
CA VAL A 27 5.03 0.67 -3.54
C VAL A 27 6.47 0.59 -3.03
N VAL A 28 6.83 -0.50 -2.40
CA VAL A 28 8.21 -0.65 -1.87
C VAL A 28 8.99 -1.69 -2.68
N THR A 29 10.12 -2.10 -2.19
CA THR A 29 10.91 -3.13 -2.92
C THR A 29 11.27 -4.28 -1.97
N GLU A 30 11.57 -5.43 -2.50
CA GLU A 30 11.92 -6.59 -1.62
C GLU A 30 12.99 -6.18 -0.60
N SER A 31 13.72 -5.13 -0.88
CA SER A 31 14.79 -4.69 0.08
C SER A 31 14.17 -3.97 1.28
N LYS A 32 12.92 -3.57 1.18
CA LYS A 32 12.27 -2.88 2.33
C LYS A 32 11.32 -3.83 3.06
N MET A 33 10.69 -4.72 2.35
CA MET A 33 9.76 -5.68 3.02
C MET A 33 10.56 -6.75 3.77
N THR A 34 10.14 -7.08 4.96
CA THR A 34 10.88 -8.11 5.75
C THR A 34 10.77 -9.47 5.06
N SER A 35 11.25 -10.51 5.70
CA SER A 35 11.16 -11.86 5.08
C SER A 35 9.70 -12.30 5.03
N VAL A 36 8.90 -11.78 5.93
CA VAL A 36 7.45 -12.14 5.93
C VAL A 36 6.84 -11.83 4.56
N ALA A 37 7.08 -10.66 4.05
CA ALA A 37 6.52 -10.29 2.73
C ALA A 37 7.19 -11.13 1.63
N ARG A 38 8.48 -11.32 1.72
CA ARG A 38 9.18 -12.13 0.69
C ARG A 38 8.60 -13.55 0.66
N LYS A 39 8.36 -14.11 1.81
CA LYS A 39 7.77 -15.48 1.85
C LYS A 39 6.41 -15.49 1.17
N SER A 40 5.75 -14.36 1.18
CA SER A 40 4.41 -14.29 0.52
C SER A 40 4.56 -13.77 -0.91
N LYS A 41 5.77 -13.54 -1.34
CA LYS A 41 5.99 -13.04 -2.73
C LYS A 41 5.35 -13.99 -3.74
N PRO A 42 4.52 -13.45 -4.58
CA PRO A 42 3.84 -14.26 -5.62
C PRO A 42 4.83 -14.68 -6.70
N LYS A 43 4.66 -15.86 -7.23
CA LYS A 43 5.58 -16.33 -8.30
C LYS A 43 4.79 -16.67 -9.56
N ARG A 44 3.75 -15.94 -9.83
CA ARG A 44 2.93 -16.23 -11.04
C ARG A 44 3.26 -15.23 -12.17
N ALA A 45 2.68 -15.45 -13.32
CA ALA A 45 2.96 -14.53 -14.46
C ALA A 45 2.53 -13.11 -14.11
N GLY A 46 3.26 -12.14 -14.59
CA GLY A 46 2.91 -10.72 -14.29
C GLY A 46 3.85 -10.20 -13.20
N THR A 47 4.45 -9.06 -13.42
CA THR A 47 5.37 -8.52 -12.39
C THR A 47 4.55 -7.90 -11.26
N PHE A 48 4.61 -8.50 -10.10
CA PHE A 48 3.82 -7.97 -8.96
C PHE A 48 4.60 -6.88 -8.21
N TYR A 49 3.91 -5.92 -7.68
CA TYR A 49 4.57 -4.82 -6.93
C TYR A 49 4.48 -5.04 -5.42
N PRO A 50 5.62 -5.13 -4.78
CA PRO A 50 5.62 -5.31 -3.32
C PRO A 50 5.29 -3.96 -2.68
N VAL A 51 4.22 -3.87 -1.93
CA VAL A 51 3.88 -2.57 -1.30
C VAL A 51 3.85 -2.70 0.22
N ILE A 52 3.88 -1.60 0.91
CA ILE A 52 3.77 -1.67 2.39
C ILE A 52 2.34 -1.25 2.73
N PHE A 53 1.65 -2.06 3.48
CA PHE A 53 0.24 -1.73 3.81
C PHE A 53 0.15 -0.94 5.12
N PHE A 54 -0.70 0.05 5.15
CA PHE A 54 -0.86 0.84 6.40
C PHE A 54 -2.11 0.35 7.15
N PRO A 55 -2.03 0.28 8.46
CA PRO A 55 -0.79 0.62 9.19
C PRO A 55 0.03 -0.65 9.44
N ASN A 56 0.84 -0.68 10.47
CA ASN A 56 1.65 -1.90 10.76
C ASN A 56 2.66 -2.18 9.65
N LYS A 57 2.86 -1.24 8.77
CA LYS A 57 3.84 -1.47 7.66
C LYS A 57 3.76 -2.90 7.12
N GLU A 58 2.59 -3.39 6.87
CA GLU A 58 2.49 -4.79 6.32
C GLU A 58 3.05 -4.79 4.89
N TYR A 59 3.06 -5.93 4.25
CA TYR A 59 3.61 -5.97 2.85
C TYR A 59 2.71 -6.81 1.96
N LEU A 60 2.43 -6.35 0.77
CA LEU A 60 1.55 -7.14 -0.15
C LEU A 60 2.08 -7.06 -1.59
N TRP A 61 1.99 -8.14 -2.31
CA TRP A 61 2.45 -8.14 -3.73
C TRP A 61 1.25 -7.98 -4.66
N THR A 62 1.07 -6.80 -5.20
CA THR A 62 -0.09 -6.57 -6.10
C THR A 62 0.38 -6.04 -7.46
N GLY A 63 -0.23 -6.48 -8.52
CA GLY A 63 0.19 -6.01 -9.87
C GLY A 63 -0.33 -4.58 -10.10
N SER A 64 0.25 -3.88 -11.04
CA SER A 64 -0.20 -2.48 -11.30
C SER A 64 -1.70 -2.45 -11.58
N ASP A 65 -2.25 -3.51 -12.12
CA ASP A 65 -3.70 -3.55 -12.43
C ASP A 65 -4.54 -3.26 -11.17
N SER A 66 -4.36 -4.04 -10.14
CA SER A 66 -5.15 -3.80 -8.90
C SER A 66 -4.52 -2.68 -8.07
N LEU A 67 -3.58 -1.98 -8.64
CA LEU A 67 -2.92 -0.88 -7.88
C LEU A 67 -3.33 0.48 -8.45
N THR A 68 -3.73 1.38 -7.61
CA THR A 68 -4.13 2.74 -8.08
C THR A 68 -3.35 3.81 -7.31
N PRO A 69 -3.21 4.96 -7.89
CA PRO A 69 -2.47 6.06 -7.21
C PRO A 69 -3.28 6.59 -6.03
N LEU A 70 -2.63 6.84 -4.92
CA LEU A 70 -3.36 7.38 -3.73
C LEU A 70 -2.79 8.75 -3.34
N THR A 71 -3.62 9.76 -3.35
CA THR A 71 -3.12 11.12 -2.99
C THR A 71 -3.47 11.46 -1.54
N SER A 72 -2.83 12.46 -1.00
CA SER A 72 -3.13 12.85 0.41
C SER A 72 -4.55 13.42 0.48
N GLU A 73 -4.96 14.12 -0.53
CA GLU A 73 -6.34 14.69 -0.53
C GLU A 73 -7.35 13.57 -0.38
N ALA A 74 -7.23 12.57 -1.20
CA ALA A 74 -8.19 11.41 -1.10
C ALA A 74 -8.08 10.79 0.30
N ILE A 75 -6.88 10.58 0.76
CA ILE A 75 -6.69 9.99 2.11
C ILE A 75 -7.38 10.86 3.16
N SER A 76 -7.11 12.14 3.17
CA SER A 76 -7.76 13.04 4.16
C SER A 76 -9.28 12.91 4.07
N GLN A 77 -9.81 12.91 2.87
CA GLN A 77 -11.27 12.78 2.71
C GLN A 77 -11.75 11.54 3.46
N PHE A 78 -11.04 10.44 3.30
CA PHE A 78 -11.45 9.20 4.01
C PHE A 78 -11.36 9.42 5.51
N LEU A 79 -10.31 10.05 5.98
CA LEU A 79 -10.20 10.29 7.44
C LEU A 79 -11.49 10.93 7.94
N GLU A 80 -11.99 11.90 7.24
CA GLU A 80 -13.27 12.52 7.66
C GLU A 80 -14.38 11.46 7.62
N LYS A 81 -14.37 10.65 6.59
CA LYS A 81 -15.39 9.56 6.49
C LYS A 81 -14.73 8.30 5.93
N PRO A 82 -14.57 7.32 6.80
CA PRO A 82 -13.95 6.04 6.41
C PRO A 82 -15.01 5.01 6.01
N LYS A 83 -14.72 4.18 5.03
CA LYS A 83 -15.72 3.16 4.61
C LYS A 83 -15.01 1.99 3.89
N PRO A 84 -15.41 0.78 4.20
CA PRO A 84 -16.48 0.53 5.21
C PRO A 84 -15.96 0.83 6.62
N LYS A 85 -16.55 0.26 7.64
CA LYS A 85 -16.05 0.54 9.01
C LYS A 85 -15.02 -0.50 9.43
N THR A 86 -13.79 -0.31 9.03
CA THR A 86 -12.71 -1.26 9.43
C THR A 86 -11.66 -0.51 10.26
N ALA A 87 -11.60 -0.76 11.54
CA ALA A 87 -10.59 -0.05 12.39
C ALA A 87 -9.21 -0.13 11.74
N SER A 88 -8.91 -1.20 11.08
CA SER A 88 -7.57 -1.33 10.45
C SER A 88 -7.44 -0.35 9.28
N LEU A 89 -8.42 -0.31 8.41
CA LEU A 89 -8.32 0.65 7.26
C LEU A 89 -8.30 2.07 7.79
N ILE A 90 -9.23 2.41 8.65
CA ILE A 90 -9.24 3.79 9.19
C ILE A 90 -7.85 4.10 9.75
N LYS A 91 -7.24 3.15 10.38
CA LYS A 91 -5.87 3.38 10.90
C LYS A 91 -4.90 3.37 9.71
N ALA A 92 -5.26 2.68 8.68
CA ALA A 92 -4.40 2.62 7.47
C ALA A 92 -4.31 4.01 6.84
N TYR A 93 -5.42 4.69 6.78
CA TYR A 93 -5.43 6.06 6.21
C TYR A 93 -4.78 7.04 7.16
N LYS A 94 -5.10 6.96 8.42
CA LYS A 94 -4.50 7.89 9.41
C LYS A 94 -2.98 7.66 9.48
N MET A 95 -2.55 6.42 9.43
CA MET A 95 -1.09 6.15 9.48
C MET A 95 -0.46 6.39 8.11
N ALA A 96 -1.12 5.97 7.06
CA ALA A 96 -0.57 6.20 5.69
C ALA A 96 -0.62 7.70 5.39
N GLN A 97 -1.51 8.40 6.04
CA GLN A 97 -1.63 9.86 5.83
C GLN A 97 -0.52 10.58 6.57
N SER A 98 0.18 9.87 7.43
CA SER A 98 1.29 10.49 8.20
C SER A 98 2.62 10.22 7.48
N THR A 99 2.81 9.01 7.01
CA THR A 99 4.08 8.69 6.30
C THR A 99 4.03 9.25 4.88
N PRO A 100 4.95 10.12 4.58
CA PRO A 100 5.01 10.76 3.24
C PRO A 100 5.45 9.74 2.17
N ASP A 101 6.63 9.20 2.30
CA ASP A 101 7.10 8.23 1.27
C ASP A 101 7.91 7.09 1.91
N LEU A 102 8.46 6.22 1.11
CA LEU A 102 9.26 5.09 1.65
C LEU A 102 10.47 5.63 2.42
N ASP A 103 11.05 6.70 1.95
CA ASP A 103 12.24 7.27 2.65
C ASP A 103 11.86 7.72 4.07
N SER A 104 10.59 7.79 4.37
CA SER A 104 10.17 8.21 5.73
C SER A 104 9.72 7.00 6.56
N LEU A 105 9.62 5.85 5.93
CA LEU A 105 9.18 4.64 6.69
C LEU A 105 10.39 4.00 7.38
N SER A 106 10.15 3.18 8.37
CA SER A 106 11.29 2.53 9.08
C SER A 106 11.21 1.01 8.94
N VAL A 107 12.09 0.43 8.15
CA VAL A 107 12.09 -1.04 7.97
C VAL A 107 12.96 -1.70 9.03
N PRO A 108 12.42 -2.73 9.65
CA PRO A 108 13.16 -3.46 10.70
C PRO A 108 14.27 -4.30 10.09
N SER A 109 14.28 -4.45 8.79
CA SER A 109 15.34 -5.26 8.14
C SER A 109 16.12 -4.41 7.13
N SER A 2 -4.19 6.44 -18.99
CA SER A 2 -5.38 5.55 -18.83
C SER A 2 -4.95 4.16 -18.37
N GLU A 3 -5.30 3.79 -17.17
CA GLU A 3 -4.91 2.44 -16.66
C GLU A 3 -3.40 2.25 -16.79
N ARG A 4 -2.89 1.18 -16.24
CA ARG A 4 -1.42 0.94 -16.33
C ARG A 4 -0.66 2.18 -15.84
N VAL A 5 -0.53 2.34 -14.55
CA VAL A 5 0.19 3.53 -14.02
C VAL A 5 1.64 3.16 -13.68
N ASN A 6 2.54 4.08 -13.81
CA ASN A 6 3.96 3.77 -13.47
C ASN A 6 4.21 4.14 -12.01
N TYR A 7 4.23 3.17 -11.14
CA TYR A 7 4.45 3.46 -9.69
C TYR A 7 5.94 3.45 -9.35
N LYS A 8 6.30 4.15 -8.31
CA LYS A 8 7.74 4.21 -7.91
C LYS A 8 7.90 3.79 -6.44
N PRO A 9 9.11 3.45 -6.08
CA PRO A 9 9.40 3.02 -4.69
C PRO A 9 9.18 4.17 -3.71
N GLY A 10 8.28 4.01 -2.78
CA GLY A 10 8.02 5.09 -1.79
C GLY A 10 6.77 5.87 -2.19
N MET A 11 6.18 5.53 -3.30
CA MET A 11 4.95 6.25 -3.72
C MET A 11 3.73 5.63 -3.02
N ARG A 12 2.96 6.43 -2.33
CA ARG A 12 1.78 5.88 -1.62
C ARG A 12 0.68 5.50 -2.63
N VAL A 13 0.34 4.25 -2.70
CA VAL A 13 -0.71 3.81 -3.66
C VAL A 13 -1.80 3.04 -2.92
N LEU A 14 -2.90 2.81 -3.56
CA LEU A 14 -3.99 2.05 -2.90
C LEU A 14 -4.07 0.64 -3.50
N THR A 15 -4.02 -0.36 -2.68
CA THR A 15 -4.06 -1.75 -3.21
C THR A 15 -5.36 -2.44 -2.82
N LYS A 16 -6.20 -2.72 -3.78
CA LYS A 16 -7.49 -3.42 -3.46
C LYS A 16 -7.26 -4.92 -3.43
N MET A 17 -7.84 -5.62 -2.47
CA MET A 17 -7.62 -7.09 -2.42
C MET A 17 -8.96 -7.82 -2.49
N SER A 18 -8.94 -9.11 -2.73
CA SER A 18 -10.22 -9.86 -2.82
C SER A 18 -11.03 -9.65 -1.54
N GLY A 19 -12.24 -9.19 -1.67
CA GLY A 19 -13.09 -8.96 -0.46
C GLY A 19 -12.48 -7.82 0.37
N PHE A 20 -11.57 -7.08 -0.20
CA PHE A 20 -10.92 -5.96 0.55
C PHE A 20 -10.93 -4.68 -0.29
N PRO A 21 -11.37 -3.62 0.34
CA PRO A 21 -11.40 -2.30 -0.34
C PRO A 21 -9.97 -1.82 -0.59
N TRP A 22 -9.77 -0.92 -1.52
CA TRP A 22 -8.39 -0.45 -1.78
C TRP A 22 -7.74 -0.06 -0.45
N TRP A 23 -6.60 -0.64 -0.14
CA TRP A 23 -5.94 -0.30 1.16
C TRP A 23 -4.75 0.62 0.93
N PRO A 24 -4.57 1.54 1.83
CA PRO A 24 -3.43 2.49 1.74
C PRO A 24 -2.11 1.74 1.87
N SER A 25 -1.43 1.56 0.78
CA SER A 25 -0.12 0.84 0.81
C SER A 25 0.88 1.54 -0.11
N MET A 26 2.13 1.52 0.23
CA MET A 26 3.14 2.19 -0.62
C MET A 26 3.93 1.16 -1.43
N VAL A 27 4.31 1.49 -2.63
CA VAL A 27 5.10 0.53 -3.44
C VAL A 27 6.55 0.49 -2.95
N VAL A 28 6.93 -0.57 -2.30
CA VAL A 28 8.34 -0.68 -1.79
C VAL A 28 9.12 -1.68 -2.64
N THR A 29 10.28 -2.06 -2.20
CA THR A 29 11.09 -3.03 -3.00
C THR A 29 11.49 -4.23 -2.14
N GLU A 30 11.92 -5.29 -2.77
CA GLU A 30 12.32 -6.50 -1.98
C GLU A 30 13.31 -6.11 -0.88
N SER A 31 13.97 -5.00 -1.02
CA SER A 31 14.96 -4.58 0.02
C SER A 31 14.23 -3.99 1.23
N LYS A 32 13.07 -3.42 1.02
CA LYS A 32 12.31 -2.82 2.16
C LYS A 32 11.48 -3.88 2.87
N MET A 33 10.95 -4.82 2.14
CA MET A 33 10.13 -5.89 2.78
C MET A 33 11.03 -7.01 3.31
N THR A 34 11.06 -7.19 4.61
CA THR A 34 11.93 -8.24 5.19
C THR A 34 11.65 -9.60 4.54
N SER A 35 12.16 -10.66 5.11
CA SER A 35 11.93 -12.01 4.51
C SER A 35 10.47 -12.44 4.71
N VAL A 36 9.82 -11.95 5.73
CA VAL A 36 8.39 -12.33 5.96
C VAL A 36 7.56 -11.92 4.73
N ALA A 37 7.74 -10.71 4.27
CA ALA A 37 6.98 -10.25 3.08
C ALA A 37 7.48 -10.97 1.82
N ARG A 38 8.73 -11.30 1.79
CA ARG A 38 9.30 -12.01 0.60
C ARG A 38 8.60 -13.36 0.42
N LYS A 39 8.14 -13.94 1.49
CA LYS A 39 7.46 -15.26 1.38
C LYS A 39 6.07 -15.11 0.77
N SER A 40 5.54 -13.91 0.77
CA SER A 40 4.19 -13.70 0.19
C SER A 40 4.30 -13.30 -1.29
N LYS A 41 5.48 -13.30 -1.83
CA LYS A 41 5.64 -12.93 -3.26
C LYS A 41 4.70 -13.78 -4.12
N PRO A 42 4.26 -13.20 -5.21
CA PRO A 42 3.34 -13.89 -6.12
C PRO A 42 4.11 -14.75 -7.13
N LYS A 43 3.58 -15.89 -7.48
CA LYS A 43 4.28 -16.76 -8.46
C LYS A 43 3.43 -16.89 -9.73
N ARG A 44 2.91 -15.81 -10.22
CA ARG A 44 2.08 -15.86 -11.45
C ARG A 44 2.63 -14.91 -12.52
N ALA A 45 2.04 -14.93 -13.68
CA ALA A 45 2.51 -14.04 -14.78
C ALA A 45 2.18 -12.58 -14.47
N GLY A 46 2.99 -11.67 -14.92
CA GLY A 46 2.72 -10.23 -14.66
C GLY A 46 3.67 -9.73 -13.58
N THR A 47 4.15 -8.52 -13.71
CA THR A 47 5.09 -7.98 -12.68
C THR A 47 4.29 -7.49 -11.46
N PHE A 48 4.55 -8.04 -10.32
CA PHE A 48 3.81 -7.62 -9.09
C PHE A 48 4.66 -6.66 -8.25
N TYR A 49 4.05 -5.67 -7.68
CA TYR A 49 4.82 -4.69 -6.86
C TYR A 49 4.67 -5.01 -5.37
N PRO A 50 5.78 -5.10 -4.70
CA PRO A 50 5.75 -5.35 -3.24
C PRO A 50 5.43 -4.03 -2.56
N VAL A 51 4.35 -3.96 -1.82
CA VAL A 51 4.00 -2.66 -1.18
C VAL A 51 3.94 -2.81 0.34
N ILE A 52 3.93 -1.71 1.04
CA ILE A 52 3.81 -1.80 2.52
C ILE A 52 2.38 -1.40 2.88
N PHE A 53 1.71 -2.22 3.63
CA PHE A 53 0.29 -1.92 3.99
C PHE A 53 0.21 -1.15 5.31
N PHE A 54 -0.68 -0.19 5.39
CA PHE A 54 -0.84 0.58 6.65
C PHE A 54 -2.05 0.05 7.44
N PRO A 55 -1.92 -0.03 8.74
CA PRO A 55 -0.66 0.32 9.44
C PRO A 55 0.21 -0.93 9.64
N ASN A 56 1.02 -0.96 10.66
CA ASN A 56 1.88 -2.16 10.92
C ASN A 56 2.87 -2.39 9.78
N LYS A 57 2.98 -1.45 8.88
CA LYS A 57 3.93 -1.60 7.75
C LYS A 57 3.88 -3.03 7.19
N GLU A 58 2.72 -3.57 6.97
CA GLU A 58 2.64 -4.95 6.41
C GLU A 58 3.23 -4.94 5.00
N TYR A 59 3.24 -6.06 4.34
CA TYR A 59 3.80 -6.09 2.96
C TYR A 59 2.93 -6.97 2.05
N LEU A 60 2.54 -6.45 0.91
CA LEU A 60 1.69 -7.26 -0.01
C LEU A 60 2.19 -7.15 -1.45
N TRP A 61 2.07 -8.20 -2.20
CA TRP A 61 2.52 -8.16 -3.62
C TRP A 61 1.31 -8.00 -4.54
N THR A 62 1.07 -6.81 -5.04
CA THR A 62 -0.11 -6.61 -5.92
C THR A 62 0.32 -6.07 -7.28
N GLY A 63 -0.33 -6.47 -8.34
CA GLY A 63 0.05 -5.98 -9.69
C GLY A 63 -0.47 -4.56 -9.89
N SER A 64 0.15 -3.81 -10.77
CA SER A 64 -0.30 -2.41 -11.01
C SER A 64 -1.81 -2.36 -11.26
N ASP A 65 -2.38 -3.44 -11.71
CA ASP A 65 -3.86 -3.46 -11.99
C ASP A 65 -4.65 -3.07 -10.74
N SER A 66 -4.47 -3.78 -9.66
CA SER A 66 -5.22 -3.44 -8.41
C SER A 66 -4.52 -2.31 -7.67
N LEU A 67 -3.55 -1.69 -8.30
CA LEU A 67 -2.82 -0.58 -7.65
C LEU A 67 -3.22 0.76 -8.25
N THR A 68 -3.58 1.69 -7.43
CA THR A 68 -3.97 3.04 -7.94
C THR A 68 -3.17 4.10 -7.17
N PRO A 69 -2.91 5.19 -7.82
CA PRO A 69 -2.12 6.27 -7.17
C PRO A 69 -2.91 6.88 -6.02
N LEU A 70 -2.38 6.79 -4.83
CA LEU A 70 -3.08 7.36 -3.64
C LEU A 70 -2.40 8.67 -3.25
N THR A 71 -3.15 9.75 -3.19
CA THR A 71 -2.54 11.06 -2.85
C THR A 71 -2.96 11.50 -1.43
N SER A 72 -2.24 12.42 -0.86
CA SER A 72 -2.61 12.91 0.50
C SER A 72 -4.04 13.45 0.46
N GLU A 73 -4.44 13.96 -0.66
CA GLU A 73 -5.83 14.49 -0.79
C GLU A 73 -6.83 13.34 -0.64
N ALA A 74 -6.64 12.29 -1.38
CA ALA A 74 -7.56 11.13 -1.27
C ALA A 74 -7.48 10.55 0.13
N ILE A 75 -6.30 10.47 0.68
CA ILE A 75 -6.15 9.90 2.05
C ILE A 75 -7.00 10.72 3.03
N SER A 76 -6.84 12.02 3.02
CA SER A 76 -7.65 12.87 3.94
C SER A 76 -9.14 12.68 3.64
N GLN A 77 -9.48 12.57 2.39
CA GLN A 77 -10.92 12.37 2.04
C GLN A 77 -11.45 11.18 2.81
N PHE A 78 -10.71 10.11 2.85
CA PHE A 78 -11.17 8.92 3.62
C PHE A 78 -11.25 9.28 5.10
N LEU A 79 -10.24 9.94 5.62
CA LEU A 79 -10.26 10.32 7.07
C LEU A 79 -11.58 11.01 7.39
N GLU A 80 -11.99 11.95 6.57
CA GLU A 80 -13.28 12.63 6.84
C GLU A 80 -14.40 11.58 6.77
N LYS A 81 -14.32 10.71 5.80
CA LYS A 81 -15.34 9.63 5.68
C LYS A 81 -14.65 8.33 5.26
N PRO A 82 -14.60 7.40 6.18
CA PRO A 82 -13.97 6.10 5.94
C PRO A 82 -15.00 5.06 5.46
N LYS A 83 -14.62 4.18 4.57
CA LYS A 83 -15.57 3.15 4.08
C LYS A 83 -14.81 1.93 3.52
N PRO A 84 -15.22 0.74 3.92
CA PRO A 84 -16.35 0.58 4.87
C PRO A 84 -15.90 0.99 6.27
N LYS A 85 -16.69 0.73 7.28
CA LYS A 85 -16.27 1.14 8.64
C LYS A 85 -15.40 0.05 9.27
N THR A 86 -14.14 0.08 8.97
CA THR A 86 -13.19 -0.91 9.55
C THR A 86 -12.12 -0.18 10.37
N ALA A 87 -12.15 -0.31 11.67
CA ALA A 87 -11.13 0.39 12.49
C ALA A 87 -9.73 0.11 11.95
N SER A 88 -9.55 -0.98 11.26
CA SER A 88 -8.20 -1.31 10.71
C SER A 88 -7.89 -0.45 9.48
N LEU A 89 -8.85 -0.25 8.61
CA LEU A 89 -8.55 0.60 7.43
C LEU A 89 -8.48 2.05 7.89
N ILE A 90 -9.31 2.41 8.82
CA ILE A 90 -9.28 3.81 9.33
C ILE A 90 -7.94 4.04 10.00
N LYS A 91 -7.43 3.06 10.68
CA LYS A 91 -6.10 3.23 11.30
C LYS A 91 -5.05 3.18 10.20
N ALA A 92 -5.37 2.54 9.10
CA ALA A 92 -4.43 2.47 7.95
C ALA A 92 -4.30 3.83 7.28
N TYR A 93 -5.40 4.51 7.08
CA TYR A 93 -5.34 5.86 6.43
C TYR A 93 -4.79 6.90 7.40
N LYS A 94 -5.17 6.83 8.65
CA LYS A 94 -4.66 7.83 9.62
C LYS A 94 -3.16 7.61 9.83
N MET A 95 -2.71 6.38 9.80
CA MET A 95 -1.25 6.13 9.98
C MET A 95 -0.54 6.35 8.65
N ALA A 96 -1.10 5.87 7.58
CA ALA A 96 -0.45 6.07 6.25
C ALA A 96 -0.51 7.55 5.89
N GLN A 97 -1.51 8.24 6.36
CA GLN A 97 -1.64 9.69 6.08
C GLN A 97 -0.47 10.44 6.70
N SER A 98 0.12 9.88 7.73
CA SER A 98 1.29 10.55 8.37
C SER A 98 2.57 10.18 7.62
N THR A 99 2.53 9.14 6.83
CA THR A 99 3.74 8.73 6.06
C THR A 99 3.65 9.23 4.61
N PRO A 100 4.47 10.18 4.29
CA PRO A 100 4.49 10.76 2.92
C PRO A 100 5.05 9.76 1.92
N ASP A 101 6.14 9.12 2.24
CA ASP A 101 6.74 8.14 1.28
C ASP A 101 7.61 7.13 2.02
N LEU A 102 8.10 6.14 1.31
CA LEU A 102 8.96 5.11 1.96
C LEU A 102 10.13 5.78 2.69
N ASP A 103 10.63 6.85 2.16
CA ASP A 103 11.77 7.56 2.80
C ASP A 103 11.36 8.07 4.18
N SER A 104 10.08 8.14 4.44
CA SER A 104 9.62 8.65 5.77
C SER A 104 9.31 7.47 6.71
N LEU A 105 8.99 6.33 6.15
CA LEU A 105 8.68 5.15 7.02
C LEU A 105 9.93 4.76 7.82
N SER A 106 9.74 4.04 8.90
CA SER A 106 10.92 3.64 9.72
C SER A 106 11.39 2.23 9.34
N VAL A 107 12.45 2.14 8.58
CA VAL A 107 12.96 0.81 8.17
C VAL A 107 13.90 0.28 9.27
N PRO A 108 13.72 -0.97 9.61
CA PRO A 108 14.55 -1.62 10.65
C PRO A 108 15.96 -1.90 10.11
N SER A 109 16.05 -2.62 9.05
CA SER A 109 17.40 -2.94 8.47
C SER A 109 17.44 -2.54 6.99
N SER A 2 -4.11 -2.98 -20.88
CA SER A 2 -3.37 -2.03 -21.77
C SER A 2 -3.12 -0.71 -21.03
N GLU A 3 -4.06 -0.29 -20.23
CA GLU A 3 -3.87 1.00 -19.49
C GLU A 3 -3.32 0.72 -18.08
N ARG A 4 -2.08 1.04 -17.84
CA ARG A 4 -1.50 0.80 -16.49
C ARG A 4 -0.82 2.07 -15.98
N VAL A 5 -0.68 2.20 -14.69
CA VAL A 5 -0.04 3.42 -14.12
C VAL A 5 1.42 3.12 -13.75
N ASN A 6 2.27 4.09 -13.82
CA ASN A 6 3.70 3.85 -13.45
C ASN A 6 3.90 4.12 -11.97
N TYR A 7 4.13 3.09 -11.21
CA TYR A 7 4.30 3.28 -9.74
C TYR A 7 5.79 3.28 -9.37
N LYS A 8 6.16 4.09 -8.41
CA LYS A 8 7.59 4.16 -7.99
C LYS A 8 7.72 3.83 -6.50
N PRO A 9 8.92 3.47 -6.13
CA PRO A 9 9.20 3.11 -4.71
C PRO A 9 9.06 4.35 -3.82
N GLY A 10 8.16 4.32 -2.87
CA GLY A 10 7.97 5.50 -1.99
C GLY A 10 6.67 6.21 -2.38
N MET A 11 6.01 5.74 -3.40
CA MET A 11 4.73 6.40 -3.81
C MET A 11 3.54 5.77 -3.06
N ARG A 12 2.74 6.58 -2.44
CA ARG A 12 1.56 6.04 -1.69
C ARG A 12 0.47 5.65 -2.69
N VAL A 13 0.12 4.39 -2.74
CA VAL A 13 -0.93 3.95 -3.69
C VAL A 13 -1.99 3.13 -2.96
N LEU A 14 -3.08 2.87 -3.63
CA LEU A 14 -4.16 2.08 -3.01
C LEU A 14 -4.17 0.67 -3.60
N THR A 15 -4.16 -0.34 -2.79
CA THR A 15 -4.14 -1.73 -3.33
C THR A 15 -5.41 -2.49 -2.95
N LYS A 16 -6.24 -2.80 -3.92
CA LYS A 16 -7.50 -3.54 -3.61
C LYS A 16 -7.20 -5.04 -3.51
N MET A 17 -7.78 -5.72 -2.55
CA MET A 17 -7.53 -7.18 -2.44
C MET A 17 -8.84 -7.95 -2.53
N SER A 18 -8.80 -9.23 -2.77
CA SER A 18 -10.06 -10.01 -2.86
C SER A 18 -10.90 -9.80 -1.60
N GLY A 19 -12.11 -9.34 -1.74
CA GLY A 19 -12.98 -9.12 -0.55
C GLY A 19 -12.39 -7.98 0.30
N PHE A 20 -11.54 -7.19 -0.27
CA PHE A 20 -10.93 -6.07 0.50
C PHE A 20 -10.95 -4.78 -0.32
N PRO A 21 -11.41 -3.74 0.30
CA PRO A 21 -11.47 -2.41 -0.37
C PRO A 21 -10.06 -1.90 -0.62
N TRP A 22 -9.87 -1.01 -1.56
CA TRP A 22 -8.50 -0.52 -1.82
C TRP A 22 -7.85 -0.09 -0.51
N TRP A 23 -6.71 -0.64 -0.19
CA TRP A 23 -6.04 -0.28 1.09
C TRP A 23 -4.87 0.65 0.83
N PRO A 24 -4.69 1.58 1.73
CA PRO A 24 -3.58 2.55 1.60
C PRO A 24 -2.24 1.83 1.76
N SER A 25 -1.55 1.63 0.68
CA SER A 25 -0.24 0.93 0.73
C SER A 25 0.73 1.63 -0.21
N MET A 26 2.00 1.61 0.08
CA MET A 26 2.98 2.29 -0.81
C MET A 26 3.79 1.27 -1.60
N VAL A 27 4.17 1.59 -2.80
CA VAL A 27 4.98 0.63 -3.60
C VAL A 27 6.41 0.61 -3.07
N VAL A 28 6.86 -0.52 -2.61
CA VAL A 28 8.25 -0.61 -2.08
C VAL A 28 9.07 -1.62 -2.89
N THR A 29 10.23 -1.97 -2.42
CA THR A 29 11.07 -2.95 -3.16
C THR A 29 11.49 -4.10 -2.24
N GLU A 30 12.05 -5.14 -2.81
CA GLU A 30 12.47 -6.30 -1.96
C GLU A 30 13.42 -5.84 -0.87
N SER A 31 14.10 -4.74 -1.06
CA SER A 31 15.04 -4.25 -0.02
C SER A 31 14.29 -3.51 1.09
N LYS A 32 13.03 -3.22 0.87
CA LYS A 32 12.25 -2.50 1.92
C LYS A 32 11.44 -3.50 2.76
N MET A 33 10.96 -4.56 2.15
CA MET A 33 10.17 -5.57 2.91
C MET A 33 11.10 -6.63 3.51
N THR A 34 10.90 -6.99 4.75
CA THR A 34 11.78 -8.02 5.38
C THR A 34 11.55 -9.37 4.72
N SER A 35 11.86 -10.45 5.40
CA SER A 35 11.66 -11.79 4.79
C SER A 35 10.18 -12.20 4.91
N VAL A 36 9.50 -11.68 5.90
CA VAL A 36 8.06 -12.03 6.07
C VAL A 36 7.29 -11.69 4.79
N ALA A 37 7.66 -10.61 4.15
CA ALA A 37 6.95 -10.21 2.90
C ALA A 37 7.37 -11.13 1.74
N ARG A 38 8.64 -11.45 1.66
CA ARG A 38 9.11 -12.32 0.56
C ARG A 38 8.36 -13.66 0.59
N LYS A 39 7.83 -14.03 1.73
CA LYS A 39 7.08 -15.32 1.82
C LYS A 39 5.75 -15.20 1.08
N SER A 40 5.23 -14.01 0.94
CA SER A 40 3.93 -13.84 0.23
C SER A 40 4.18 -13.53 -1.24
N LYS A 41 5.42 -13.47 -1.65
CA LYS A 41 5.72 -13.18 -3.08
C LYS A 41 4.88 -14.08 -4.00
N PRO A 42 4.40 -13.49 -5.06
CA PRO A 42 3.56 -14.23 -6.01
C PRO A 42 4.43 -14.94 -7.06
N LYS A 43 4.02 -16.10 -7.49
CA LYS A 43 4.81 -16.85 -8.51
C LYS A 43 3.98 -17.01 -9.78
N ARG A 44 3.27 -15.98 -10.17
CA ARG A 44 2.42 -16.08 -11.39
C ARG A 44 2.90 -15.08 -12.45
N ALA A 45 2.30 -15.12 -13.61
CA ALA A 45 2.70 -14.18 -14.70
C ALA A 45 2.34 -12.74 -14.34
N GLY A 46 3.11 -11.80 -14.80
CA GLY A 46 2.82 -10.37 -14.49
C GLY A 46 3.81 -9.88 -13.43
N THR A 47 4.22 -8.65 -13.51
CA THR A 47 5.17 -8.11 -12.51
C THR A 47 4.42 -7.57 -11.30
N PHE A 48 4.48 -8.25 -10.20
CA PHE A 48 3.76 -7.79 -8.98
C PHE A 48 4.65 -6.83 -8.20
N TYR A 49 4.09 -5.76 -7.69
CA TYR A 49 4.89 -4.79 -6.91
C TYR A 49 4.75 -5.05 -5.41
N PRO A 50 5.86 -5.19 -4.74
CA PRO A 50 5.83 -5.39 -3.27
C PRO A 50 5.53 -4.04 -2.64
N VAL A 51 4.46 -3.93 -1.91
CA VAL A 51 4.13 -2.61 -1.30
C VAL A 51 4.07 -2.72 0.22
N ILE A 52 4.04 -1.59 0.88
CA ILE A 52 3.91 -1.62 2.35
C ILE A 52 2.47 -1.23 2.69
N PHE A 53 1.81 -2.04 3.46
CA PHE A 53 0.39 -1.73 3.78
C PHE A 53 0.27 -0.99 5.11
N PHE A 54 -0.64 -0.07 5.19
CA PHE A 54 -0.84 0.67 6.45
C PHE A 54 -2.04 0.10 7.21
N PRO A 55 -1.96 0.04 8.51
CA PRO A 55 -0.76 0.50 9.24
C PRO A 55 0.19 -0.69 9.47
N ASN A 56 1.01 -0.65 10.48
CA ASN A 56 1.94 -1.79 10.76
C ASN A 56 2.83 -2.07 9.54
N LYS A 57 2.98 -1.10 8.67
CA LYS A 57 3.83 -1.28 7.45
C LYS A 57 3.78 -2.72 6.93
N GLU A 58 2.62 -3.29 6.80
CA GLU A 58 2.54 -4.68 6.28
C GLU A 58 3.18 -4.71 4.89
N TYR A 59 3.19 -5.85 4.24
CA TYR A 59 3.80 -5.90 2.89
C TYR A 59 2.97 -6.80 1.98
N LEU A 60 2.59 -6.30 0.82
CA LEU A 60 1.75 -7.13 -0.10
C LEU A 60 2.29 -7.10 -1.53
N TRP A 61 2.16 -8.17 -2.24
CA TRP A 61 2.62 -8.21 -3.65
C TRP A 61 1.41 -8.09 -4.58
N THR A 62 1.19 -6.94 -5.14
CA THR A 62 0.01 -6.77 -6.04
C THR A 62 0.44 -6.24 -7.41
N GLY A 63 -0.24 -6.64 -8.44
CA GLY A 63 0.12 -6.16 -9.81
C GLY A 63 -0.42 -4.74 -10.02
N SER A 64 0.16 -4.01 -10.92
CA SER A 64 -0.33 -2.62 -11.18
C SER A 64 -1.85 -2.62 -11.43
N ASP A 65 -2.38 -3.73 -11.88
CA ASP A 65 -3.85 -3.80 -12.16
C ASP A 65 -4.67 -3.43 -10.91
N SER A 66 -4.46 -4.12 -9.81
CA SER A 66 -5.24 -3.80 -8.58
C SER A 66 -4.57 -2.63 -7.85
N LEU A 67 -3.61 -2.00 -8.47
CA LEU A 67 -2.91 -0.86 -7.81
C LEU A 67 -3.36 0.48 -8.41
N THR A 68 -3.60 1.44 -7.57
CA THR A 68 -4.02 2.78 -8.07
C THR A 68 -3.24 3.85 -7.31
N PRO A 69 -3.06 4.99 -7.93
CA PRO A 69 -2.31 6.09 -7.28
C PRO A 69 -3.11 6.69 -6.13
N LEU A 70 -2.52 6.79 -4.97
CA LEU A 70 -3.23 7.36 -3.80
C LEU A 70 -2.56 8.69 -3.41
N THR A 71 -3.33 9.75 -3.33
CA THR A 71 -2.74 11.07 -2.97
C THR A 71 -2.96 11.40 -1.50
N SER A 72 -2.19 12.30 -0.96
CA SER A 72 -2.38 12.67 0.48
C SER A 72 -3.76 13.29 0.66
N GLU A 73 -4.20 14.06 -0.31
CA GLU A 73 -5.54 14.69 -0.19
C GLU A 73 -6.61 13.60 -0.11
N ALA A 74 -6.61 12.70 -1.04
CA ALA A 74 -7.61 11.59 -1.01
C ALA A 74 -7.50 10.85 0.33
N ILE A 75 -6.31 10.67 0.82
CA ILE A 75 -6.14 9.97 2.12
C ILE A 75 -6.87 10.76 3.21
N SER A 76 -6.61 12.03 3.30
CA SER A 76 -7.29 12.87 4.33
C SER A 76 -8.81 12.78 4.13
N GLN A 77 -9.26 12.83 2.91
CA GLN A 77 -10.73 12.74 2.66
C GLN A 77 -11.26 11.46 3.32
N PHE A 78 -10.57 10.37 3.16
CA PHE A 78 -11.04 9.11 3.79
C PHE A 78 -11.07 9.30 5.31
N LEU A 79 -10.04 9.88 5.86
CA LEU A 79 -10.02 10.09 7.34
C LEU A 79 -11.33 10.74 7.76
N GLU A 80 -11.75 11.75 7.05
CA GLU A 80 -13.04 12.40 7.39
C GLU A 80 -14.15 11.37 7.26
N LYS A 81 -14.10 10.59 6.21
CA LYS A 81 -15.14 9.53 6.02
C LYS A 81 -14.48 8.25 5.48
N PRO A 82 -14.42 7.26 6.32
CA PRO A 82 -13.84 5.96 5.94
C PRO A 82 -14.92 5.00 5.45
N LYS A 83 -14.59 4.09 4.58
CA LYS A 83 -15.63 3.14 4.08
C LYS A 83 -14.98 1.84 3.56
N PRO A 84 -15.47 0.72 4.02
CA PRO A 84 -16.56 0.69 5.04
C PRO A 84 -16.01 1.15 6.39
N LYS A 85 -16.68 0.84 7.46
CA LYS A 85 -16.16 1.26 8.79
C LYS A 85 -15.26 0.18 9.38
N THR A 86 -14.02 0.16 9.00
CA THR A 86 -13.08 -0.87 9.55
C THR A 86 -11.97 -0.19 10.35
N ALA A 87 -11.95 -0.37 11.64
CA ALA A 87 -10.89 0.27 12.47
C ALA A 87 -9.50 0.01 11.88
N SER A 88 -9.32 -1.11 11.22
CA SER A 88 -7.99 -1.42 10.63
C SER A 88 -7.71 -0.51 9.44
N LEU A 89 -8.64 -0.38 8.53
CA LEU A 89 -8.39 0.51 7.36
C LEU A 89 -8.31 1.95 7.84
N ILE A 90 -9.22 2.35 8.68
CA ILE A 90 -9.19 3.74 9.19
C ILE A 90 -7.83 3.98 9.85
N LYS A 91 -7.30 2.97 10.48
CA LYS A 91 -5.96 3.13 11.10
C LYS A 91 -4.90 3.11 9.99
N ALA A 92 -5.20 2.44 8.91
CA ALA A 92 -4.26 2.37 7.77
C ALA A 92 -4.10 3.75 7.14
N TYR A 93 -5.19 4.42 6.90
CA TYR A 93 -5.12 5.77 6.30
C TYR A 93 -4.59 6.78 7.32
N LYS A 94 -5.08 6.74 8.52
CA LYS A 94 -4.58 7.68 9.56
C LYS A 94 -3.07 7.56 9.68
N MET A 95 -2.55 6.36 9.57
CA MET A 95 -1.08 6.17 9.67
C MET A 95 -0.41 6.49 8.33
N ALA A 96 -0.99 6.06 7.25
CA ALA A 96 -0.39 6.36 5.91
C ALA A 96 -0.42 7.86 5.65
N GLN A 97 -1.41 8.53 6.19
CA GLN A 97 -1.52 10.01 5.99
C GLN A 97 -0.28 10.69 6.59
N SER A 98 0.16 10.24 7.72
CA SER A 98 1.36 10.84 8.35
C SER A 98 2.62 10.53 7.54
N THR A 99 2.73 9.34 7.03
CA THR A 99 3.94 8.99 6.22
C THR A 99 3.80 9.52 4.79
N PRO A 100 4.62 10.48 4.47
CA PRO A 100 4.59 11.09 3.13
C PRO A 100 5.33 10.23 2.10
N ASP A 101 6.46 9.68 2.45
CA ASP A 101 7.22 8.84 1.47
C ASP A 101 7.85 7.63 2.16
N LEU A 102 8.65 6.90 1.43
CA LEU A 102 9.30 5.69 2.03
C LEU A 102 10.38 6.10 3.02
N ASP A 103 11.16 7.08 2.69
CA ASP A 103 12.24 7.54 3.62
C ASP A 103 11.66 7.95 4.97
N SER A 104 10.37 8.16 5.03
CA SER A 104 9.74 8.57 6.32
C SER A 104 9.22 7.34 7.07
N LEU A 105 8.98 6.27 6.38
CA LEU A 105 8.48 5.04 7.06
C LEU A 105 9.60 4.37 7.87
N SER A 106 9.24 3.50 8.78
CA SER A 106 10.29 2.82 9.59
C SER A 106 10.15 1.29 9.47
N VAL A 107 10.88 0.69 8.58
CA VAL A 107 10.80 -0.78 8.41
C VAL A 107 11.73 -1.48 9.41
N PRO A 108 11.29 -2.63 9.88
CA PRO A 108 12.09 -3.41 10.86
C PRO A 108 13.28 -4.06 10.15
N SER A 109 14.00 -4.90 10.86
CA SER A 109 15.19 -5.57 10.24
C SER A 109 15.66 -6.71 11.13
N SER A 2 -8.55 0.91 -15.75
CA SER A 2 -8.05 0.50 -17.08
C SER A 2 -6.97 1.46 -17.57
N GLU A 3 -6.07 1.85 -16.71
CA GLU A 3 -4.99 2.79 -17.13
C GLU A 3 -3.65 2.37 -16.49
N ARG A 4 -2.69 2.04 -17.30
CA ARG A 4 -1.37 1.62 -16.75
C ARG A 4 -0.71 2.79 -15.99
N VAL A 5 -0.75 2.77 -14.69
CA VAL A 5 -0.13 3.87 -13.91
C VAL A 5 1.33 3.53 -13.60
N ASN A 6 2.17 4.52 -13.53
CA ASN A 6 3.61 4.26 -13.22
C ASN A 6 3.86 4.43 -11.72
N TYR A 7 4.08 3.36 -11.03
CA TYR A 7 4.30 3.45 -9.56
C TYR A 7 5.80 3.40 -9.24
N LYS A 8 6.23 4.18 -8.28
CA LYS A 8 7.67 4.20 -7.91
C LYS A 8 7.82 3.78 -6.44
N PRO A 9 9.01 3.39 -6.08
CA PRO A 9 9.29 2.95 -4.70
C PRO A 9 9.12 4.11 -3.72
N GLY A 10 8.19 4.00 -2.81
CA GLY A 10 7.95 5.09 -1.83
C GLY A 10 6.73 5.91 -2.23
N MET A 11 6.08 5.54 -3.32
CA MET A 11 4.86 6.30 -3.73
C MET A 11 3.62 5.75 -3.04
N ARG A 12 2.88 6.57 -2.37
CA ARG A 12 1.66 6.10 -1.66
C ARG A 12 0.56 5.77 -2.67
N VAL A 13 0.14 4.54 -2.70
CA VAL A 13 -0.94 4.13 -3.65
C VAL A 13 -2.03 3.35 -2.91
N LEU A 14 -3.11 3.09 -3.57
CA LEU A 14 -4.21 2.31 -2.94
C LEU A 14 -4.22 0.90 -3.51
N THR A 15 -4.09 -0.10 -2.69
CA THR A 15 -4.07 -1.49 -3.20
C THR A 15 -5.41 -2.19 -2.98
N LYS A 16 -6.15 -2.38 -4.02
CA LYS A 16 -7.47 -3.08 -3.90
C LYS A 16 -7.23 -4.57 -3.61
N MET A 17 -7.97 -5.15 -2.70
CA MET A 17 -7.74 -6.59 -2.42
C MET A 17 -9.05 -7.36 -2.61
N SER A 18 -8.99 -8.65 -2.82
CA SER A 18 -10.25 -9.43 -3.03
C SER A 18 -11.24 -9.20 -1.89
N GLY A 19 -12.42 -8.74 -2.19
CA GLY A 19 -13.43 -8.50 -1.12
C GLY A 19 -12.92 -7.40 -0.19
N PHE A 20 -11.92 -6.67 -0.63
CA PHE A 20 -11.35 -5.60 0.22
C PHE A 20 -11.22 -4.27 -0.54
N PRO A 21 -11.62 -3.22 0.13
CA PRO A 21 -11.58 -1.85 -0.45
C PRO A 21 -10.13 -1.40 -0.64
N TRP A 22 -9.92 -0.44 -1.51
CA TRP A 22 -8.52 0.04 -1.75
C TRP A 22 -7.85 0.37 -0.43
N TRP A 23 -6.71 -0.22 -0.17
CA TRP A 23 -6.00 0.06 1.12
C TRP A 23 -4.80 0.96 0.87
N PRO A 24 -4.56 1.84 1.81
CA PRO A 24 -3.40 2.76 1.70
C PRO A 24 -2.10 1.96 1.78
N SER A 25 -1.44 1.80 0.68
CA SER A 25 -0.17 1.03 0.67
C SER A 25 0.85 1.73 -0.23
N MET A 26 2.10 1.68 0.11
CA MET A 26 3.12 2.35 -0.74
C MET A 26 3.91 1.31 -1.54
N VAL A 27 4.24 1.61 -2.76
CA VAL A 27 5.01 0.62 -3.57
C VAL A 27 6.45 0.57 -3.06
N VAL A 28 6.87 -0.56 -2.56
CA VAL A 28 8.26 -0.69 -2.04
C VAL A 28 9.04 -1.72 -2.86
N THR A 29 10.19 -2.12 -2.38
CA THR A 29 11.00 -3.12 -3.13
C THR A 29 11.40 -4.27 -2.20
N GLU A 30 11.75 -5.40 -2.75
CA GLU A 30 12.15 -6.55 -1.89
C GLU A 30 13.18 -6.10 -0.84
N SER A 31 13.87 -5.03 -1.11
CA SER A 31 14.88 -4.54 -0.13
C SER A 31 14.20 -3.83 1.03
N LYS A 32 12.95 -3.48 0.87
CA LYS A 32 12.23 -2.77 1.96
C LYS A 32 11.36 -3.76 2.74
N MET A 33 10.83 -4.75 2.08
CA MET A 33 9.98 -5.76 2.77
C MET A 33 10.86 -6.84 3.40
N THR A 34 10.85 -6.94 4.70
CA THR A 34 11.70 -7.97 5.37
C THR A 34 11.41 -9.36 4.80
N SER A 35 11.87 -10.39 5.46
CA SER A 35 11.64 -11.77 4.95
C SER A 35 10.15 -12.12 5.06
N VAL A 36 9.44 -11.52 5.98
CA VAL A 36 8.00 -11.82 6.13
C VAL A 36 7.28 -11.67 4.79
N ALA A 37 7.43 -10.53 4.16
CA ALA A 37 6.76 -10.33 2.84
C ALA A 37 7.49 -11.09 1.74
N ARG A 38 8.79 -11.11 1.78
CA ARG A 38 9.56 -11.84 0.74
C ARG A 38 9.20 -13.33 0.78
N LYS A 39 8.74 -13.80 1.90
CA LYS A 39 8.37 -15.24 2.02
C LYS A 39 7.01 -15.49 1.36
N SER A 40 6.16 -14.49 1.34
CA SER A 40 4.82 -14.67 0.72
C SER A 40 4.80 -14.13 -0.71
N LYS A 41 5.93 -13.71 -1.21
CA LYS A 41 5.98 -13.16 -2.60
C LYS A 41 5.29 -14.13 -3.58
N PRO A 42 4.45 -13.58 -4.41
CA PRO A 42 3.71 -14.39 -5.40
C PRO A 42 4.64 -14.84 -6.53
N LYS A 43 4.43 -16.02 -7.05
CA LYS A 43 5.29 -16.52 -8.15
C LYS A 43 4.43 -16.82 -9.39
N ARG A 44 3.58 -15.92 -9.77
CA ARG A 44 2.71 -16.16 -10.96
C ARG A 44 3.07 -15.18 -12.08
N ALA A 45 2.47 -15.34 -13.22
CA ALA A 45 2.78 -14.43 -14.37
C ALA A 45 2.44 -12.98 -14.02
N GLY A 46 3.17 -12.05 -14.56
CA GLY A 46 2.89 -10.61 -14.27
C GLY A 46 3.83 -10.11 -13.17
N THR A 47 4.43 -8.98 -13.37
CA THR A 47 5.37 -8.45 -12.33
C THR A 47 4.56 -7.83 -11.18
N PHE A 48 4.59 -8.46 -10.04
CA PHE A 48 3.83 -7.93 -8.87
C PHE A 48 4.64 -6.88 -8.13
N TYR A 49 4.00 -5.86 -7.63
CA TYR A 49 4.73 -4.80 -6.89
C TYR A 49 4.64 -5.06 -5.38
N PRO A 50 5.77 -5.20 -4.76
CA PRO A 50 5.79 -5.40 -3.30
C PRO A 50 5.49 -4.05 -2.64
N VAL A 51 4.44 -3.95 -1.89
CA VAL A 51 4.11 -2.64 -1.26
C VAL A 51 4.04 -2.76 0.25
N ILE A 52 4.03 -1.65 0.93
CA ILE A 52 3.90 -1.69 2.40
C ILE A 52 2.47 -1.30 2.73
N PHE A 53 1.79 -2.10 3.51
CA PHE A 53 0.38 -1.78 3.83
C PHE A 53 0.23 -1.03 5.14
N PHE A 54 -0.67 -0.10 5.20
CA PHE A 54 -0.88 0.67 6.45
C PHE A 54 -2.12 0.10 7.18
N PRO A 55 -2.05 0.04 8.49
CA PRO A 55 -0.86 0.46 9.25
C PRO A 55 0.07 -0.74 9.46
N ASN A 56 0.88 -0.71 10.49
CA ASN A 56 1.79 -1.86 10.77
C ASN A 56 2.71 -2.14 9.57
N LYS A 57 2.94 -1.14 8.74
CA LYS A 57 3.83 -1.32 7.55
C LYS A 57 3.80 -2.76 7.03
N GLU A 58 2.64 -3.34 6.88
CA GLU A 58 2.59 -4.73 6.37
C GLU A 58 3.20 -4.75 4.96
N TYR A 59 3.18 -5.88 4.29
CA TYR A 59 3.77 -5.92 2.93
C TYR A 59 2.91 -6.81 2.02
N LEU A 60 2.55 -6.33 0.86
CA LEU A 60 1.71 -7.15 -0.06
C LEU A 60 2.24 -7.11 -1.49
N TRP A 61 2.08 -8.17 -2.22
CA TRP A 61 2.54 -8.22 -3.63
C TRP A 61 1.32 -8.07 -4.55
N THR A 62 1.11 -6.90 -5.10
CA THR A 62 -0.07 -6.71 -5.99
C THR A 62 0.37 -6.20 -7.37
N GLY A 63 -0.31 -6.62 -8.40
CA GLY A 63 0.07 -6.16 -9.76
C GLY A 63 -0.39 -4.72 -9.96
N SER A 64 0.12 -4.05 -10.96
CA SER A 64 -0.29 -2.63 -11.20
C SER A 64 -1.79 -2.55 -11.50
N ASP A 65 -2.37 -3.62 -11.97
CA ASP A 65 -3.83 -3.61 -12.29
C ASP A 65 -4.65 -3.21 -11.06
N SER A 66 -4.52 -3.92 -9.97
CA SER A 66 -5.30 -3.58 -8.75
C SER A 66 -4.61 -2.45 -7.99
N LEU A 67 -3.63 -1.82 -8.58
CA LEU A 67 -2.92 -0.72 -7.88
C LEU A 67 -3.34 0.64 -8.45
N THR A 68 -3.71 1.55 -7.59
CA THR A 68 -4.11 2.91 -8.05
C THR A 68 -3.29 3.95 -7.28
N PRO A 69 -3.07 5.07 -7.89
CA PRO A 69 -2.28 6.14 -7.24
C PRO A 69 -3.07 6.77 -6.10
N LEU A 70 -2.46 6.95 -4.96
CA LEU A 70 -3.17 7.57 -3.80
C LEU A 70 -2.56 8.93 -3.49
N THR A 71 -3.38 9.94 -3.33
CA THR A 71 -2.83 11.30 -3.03
C THR A 71 -3.11 11.70 -1.57
N SER A 72 -2.42 12.67 -1.08
CA SER A 72 -2.65 13.11 0.33
C SER A 72 -4.08 13.62 0.47
N GLU A 73 -4.57 14.31 -0.52
CA GLU A 73 -5.96 14.82 -0.46
C GLU A 73 -6.94 13.65 -0.35
N ALA A 74 -6.71 12.62 -1.10
CA ALA A 74 -7.62 11.43 -1.04
C ALA A 74 -7.53 10.79 0.34
N ILE A 75 -6.34 10.60 0.83
CA ILE A 75 -6.18 9.98 2.18
C ILE A 75 -6.98 10.78 3.20
N SER A 76 -6.78 12.06 3.25
CA SER A 76 -7.53 12.90 4.24
C SER A 76 -9.03 12.78 3.99
N GLN A 77 -9.44 12.72 2.75
CA GLN A 77 -10.90 12.58 2.47
C GLN A 77 -11.43 11.34 3.21
N PHE A 78 -10.71 10.25 3.13
CA PHE A 78 -11.17 9.03 3.84
C PHE A 78 -11.19 9.29 5.35
N LEU A 79 -10.16 9.89 5.88
CA LEU A 79 -10.13 10.18 7.34
C LEU A 79 -11.44 10.87 7.74
N GLU A 80 -11.85 11.85 6.99
CA GLU A 80 -13.13 12.53 7.33
C GLU A 80 -14.26 11.51 7.24
N LYS A 81 -14.23 10.69 6.21
CA LYS A 81 -15.27 9.64 6.07
C LYS A 81 -14.62 8.34 5.56
N PRO A 82 -14.55 7.37 6.43
CA PRO A 82 -13.97 6.07 6.08
C PRO A 82 -15.06 5.08 5.62
N LYS A 83 -14.74 4.22 4.71
CA LYS A 83 -15.78 3.24 4.23
C LYS A 83 -15.10 2.01 3.61
N PRO A 84 -15.55 0.84 4.00
CA PRO A 84 -16.64 0.70 4.99
C PRO A 84 -16.10 1.02 6.40
N LYS A 85 -16.73 0.53 7.43
CA LYS A 85 -16.22 0.80 8.80
C LYS A 85 -15.27 -0.30 9.26
N THR A 86 -14.03 -0.21 8.89
CA THR A 86 -13.03 -1.25 9.31
C THR A 86 -11.96 -0.59 10.18
N ALA A 87 -11.90 -0.94 11.44
CA ALA A 87 -10.90 -0.33 12.35
C ALA A 87 -9.49 -0.40 11.73
N SER A 88 -9.14 -1.51 11.15
CA SER A 88 -7.78 -1.64 10.55
C SER A 88 -7.58 -0.64 9.41
N LEU A 89 -8.52 -0.55 8.50
CA LEU A 89 -8.36 0.41 7.38
C LEU A 89 -8.28 1.83 7.93
N ILE A 90 -9.23 2.21 8.73
CA ILE A 90 -9.17 3.59 9.28
C ILE A 90 -7.80 3.82 9.92
N LYS A 91 -7.24 2.80 10.51
CA LYS A 91 -5.90 2.96 11.10
C LYS A 91 -4.88 2.98 9.96
N ALA A 92 -5.23 2.37 8.86
CA ALA A 92 -4.33 2.34 7.68
C ALA A 92 -4.18 3.74 7.11
N TYR A 93 -5.28 4.41 6.85
CA TYR A 93 -5.21 5.78 6.29
C TYR A 93 -4.69 6.75 7.34
N LYS A 94 -5.20 6.67 8.53
CA LYS A 94 -4.73 7.61 9.60
C LYS A 94 -3.22 7.49 9.76
N MET A 95 -2.68 6.31 9.68
CA MET A 95 -1.20 6.15 9.84
C MET A 95 -0.50 6.45 8.51
N ALA A 96 -1.06 6.03 7.42
CA ALA A 96 -0.42 6.30 6.09
C ALA A 96 -0.48 7.80 5.80
N GLN A 97 -1.46 8.48 6.36
CA GLN A 97 -1.58 9.94 6.12
C GLN A 97 -0.38 10.66 6.77
N SER A 98 -0.04 10.27 7.97
CA SER A 98 1.12 10.92 8.65
C SER A 98 2.41 10.48 7.98
N THR A 99 2.36 9.38 7.27
CA THR A 99 3.59 8.89 6.57
C THR A 99 3.57 9.33 5.10
N PRO A 100 4.55 10.11 4.74
CA PRO A 100 4.65 10.62 3.34
C PRO A 100 5.03 9.50 2.38
N ASP A 101 6.29 9.18 2.27
CA ASP A 101 6.71 8.09 1.34
C ASP A 101 7.66 7.11 2.03
N LEU A 102 8.07 6.09 1.33
CA LEU A 102 9.00 5.09 1.91
C LEU A 102 10.22 5.78 2.52
N ASP A 103 10.56 6.94 2.02
CA ASP A 103 11.74 7.67 2.57
C ASP A 103 11.52 7.97 4.05
N SER A 104 10.31 7.87 4.52
CA SER A 104 10.02 8.16 5.95
C SER A 104 9.65 6.86 6.69
N LEU A 105 9.17 5.89 5.98
CA LEU A 105 8.79 4.60 6.65
C LEU A 105 10.01 3.97 7.30
N SER A 106 9.80 3.08 8.24
CA SER A 106 10.96 2.42 8.91
C SER A 106 11.09 0.98 8.42
N VAL A 107 11.85 0.76 7.38
CA VAL A 107 12.02 -0.62 6.86
C VAL A 107 13.04 -1.39 7.71
N PRO A 108 12.58 -2.43 8.34
CA PRO A 108 13.46 -3.26 9.19
C PRO A 108 14.38 -4.12 8.32
N SER A 109 15.67 -3.95 8.45
CA SER A 109 16.61 -4.77 7.62
C SER A 109 16.65 -6.21 8.14
N SER A 2 -4.87 -1.47 -20.66
CA SER A 2 -4.63 -0.22 -21.42
C SER A 2 -4.41 0.95 -20.46
N GLU A 3 -5.37 1.22 -19.61
CA GLU A 3 -5.21 2.36 -18.66
C GLU A 3 -4.36 1.92 -17.46
N ARG A 4 -3.07 2.09 -17.54
CA ARG A 4 -2.19 1.69 -16.41
C ARG A 4 -1.57 2.93 -15.76
N VAL A 5 -1.22 2.85 -14.51
CA VAL A 5 -0.61 4.02 -13.82
C VAL A 5 0.88 3.77 -13.56
N ASN A 6 1.66 4.80 -13.48
CA ASN A 6 3.10 4.61 -13.20
C ASN A 6 3.36 4.80 -11.70
N TYR A 7 3.76 3.75 -11.03
CA TYR A 7 4.00 3.86 -9.56
C TYR A 7 5.50 3.84 -9.25
N LYS A 8 5.90 4.50 -8.21
CA LYS A 8 7.35 4.53 -7.83
C LYS A 8 7.52 4.08 -6.38
N PRO A 9 8.72 3.71 -6.05
CA PRO A 9 9.01 3.25 -4.66
C PRO A 9 8.84 4.41 -3.67
N GLY A 10 7.92 4.29 -2.75
CA GLY A 10 7.70 5.39 -1.78
C GLY A 10 6.43 6.16 -2.16
N MET A 11 5.81 5.80 -3.25
CA MET A 11 4.57 6.53 -3.65
C MET A 11 3.34 5.93 -2.96
N ARG A 12 2.51 6.75 -2.39
CA ARG A 12 1.29 6.22 -1.70
C ARG A 12 0.25 5.77 -2.73
N VAL A 13 -0.08 4.51 -2.73
CA VAL A 13 -1.09 4.02 -3.70
C VAL A 13 -2.17 3.22 -2.98
N LEU A 14 -3.26 2.96 -3.64
CA LEU A 14 -4.35 2.17 -3.00
C LEU A 14 -4.36 0.77 -3.61
N THR A 15 -4.16 -0.23 -2.79
CA THR A 15 -4.12 -1.62 -3.33
C THR A 15 -5.44 -2.35 -3.07
N LYS A 16 -6.14 -2.70 -4.11
CA LYS A 16 -7.44 -3.43 -3.95
C LYS A 16 -7.16 -4.92 -3.78
N MET A 17 -7.80 -5.57 -2.84
CA MET A 17 -7.53 -7.04 -2.66
C MET A 17 -8.86 -7.81 -2.69
N SER A 18 -8.81 -9.08 -2.96
CA SER A 18 -10.07 -9.88 -3.02
C SER A 18 -10.88 -9.70 -1.72
N GLY A 19 -12.10 -9.25 -1.84
CA GLY A 19 -12.93 -9.07 -0.61
C GLY A 19 -12.32 -7.95 0.24
N PHE A 20 -11.50 -7.13 -0.35
CA PHE A 20 -10.84 -6.04 0.43
C PHE A 20 -10.91 -4.72 -0.34
N PRO A 21 -11.42 -3.71 0.33
CA PRO A 21 -11.52 -2.36 -0.27
C PRO A 21 -10.12 -1.78 -0.50
N TRP A 22 -9.98 -0.82 -1.37
CA TRP A 22 -8.63 -0.27 -1.62
C TRP A 22 -7.98 0.08 -0.28
N TRP A 23 -6.81 -0.45 -0.03
CA TRP A 23 -6.13 -0.17 1.26
C TRP A 23 -4.92 0.75 1.05
N PRO A 24 -4.73 1.63 2.00
CA PRO A 24 -3.60 2.58 1.92
C PRO A 24 -2.27 1.82 1.97
N SER A 25 -1.62 1.73 0.83
CA SER A 25 -0.33 0.99 0.77
C SER A 25 0.65 1.76 -0.12
N MET A 26 1.93 1.68 0.16
CA MET A 26 2.91 2.41 -0.69
C MET A 26 3.73 1.42 -1.52
N VAL A 27 4.11 1.79 -2.70
CA VAL A 27 4.93 0.86 -3.54
C VAL A 27 6.35 0.76 -2.96
N VAL A 28 6.74 -0.40 -2.52
CA VAL A 28 8.10 -0.54 -1.93
C VAL A 28 8.94 -1.51 -2.76
N THR A 29 10.09 -1.87 -2.27
CA THR A 29 10.96 -2.81 -3.01
C THR A 29 11.51 -3.87 -2.04
N GLU A 30 11.78 -5.04 -2.53
CA GLU A 30 12.31 -6.11 -1.64
C GLU A 30 13.49 -5.57 -0.82
N SER A 31 14.14 -4.54 -1.31
CA SER A 31 15.30 -3.97 -0.56
C SER A 31 14.80 -3.29 0.72
N LYS A 32 13.64 -2.69 0.67
CA LYS A 32 13.09 -2.03 1.89
C LYS A 32 12.12 -3.01 2.55
N MET A 33 11.51 -3.84 1.74
CA MET A 33 10.54 -4.83 2.26
C MET A 33 11.30 -5.95 3.00
N THR A 34 10.89 -6.26 4.21
CA THR A 34 11.59 -7.32 4.98
C THR A 34 11.28 -8.70 4.37
N SER A 35 11.78 -9.75 4.96
CA SER A 35 11.51 -11.12 4.42
C SER A 35 10.05 -11.50 4.64
N VAL A 36 9.43 -10.95 5.65
CA VAL A 36 7.99 -11.28 5.91
C VAL A 36 7.18 -11.16 4.62
N ALA A 37 7.42 -10.15 3.84
CA ALA A 37 6.66 -9.99 2.57
C ALA A 37 7.15 -11.00 1.54
N ARG A 38 8.45 -11.15 1.40
CA ARG A 38 8.98 -12.12 0.40
C ARG A 38 8.33 -13.48 0.62
N LYS A 39 8.00 -13.79 1.84
CA LYS A 39 7.36 -15.10 2.14
C LYS A 39 5.95 -15.12 1.53
N SER A 40 5.36 -13.97 1.34
CA SER A 40 4.00 -13.93 0.75
C SER A 40 4.07 -13.61 -0.75
N LYS A 41 5.25 -13.56 -1.30
CA LYS A 41 5.39 -13.26 -2.76
C LYS A 41 4.46 -14.17 -3.57
N PRO A 42 3.97 -13.65 -4.66
CA PRO A 42 3.04 -14.41 -5.52
C PRO A 42 3.80 -15.44 -6.37
N LYS A 43 3.23 -16.60 -6.57
CA LYS A 43 3.89 -17.65 -7.40
C LYS A 43 3.46 -17.51 -8.87
N ARG A 44 2.55 -16.61 -9.12
CA ARG A 44 2.04 -16.38 -10.50
C ARG A 44 3.10 -15.70 -11.38
N ALA A 45 2.78 -15.47 -12.62
CA ALA A 45 3.75 -14.82 -13.55
C ALA A 45 3.31 -13.39 -13.86
N GLY A 46 4.25 -12.51 -14.11
CA GLY A 46 3.90 -11.10 -14.42
C GLY A 46 4.64 -10.17 -13.48
N THR A 47 4.61 -8.89 -13.74
CA THR A 47 5.32 -7.94 -12.85
C THR A 47 4.40 -7.52 -11.70
N PHE A 48 4.79 -7.81 -10.49
CA PHE A 48 3.95 -7.44 -9.32
C PHE A 48 4.65 -6.38 -8.47
N TYR A 49 3.90 -5.46 -7.93
CA TYR A 49 4.52 -4.39 -7.11
C TYR A 49 4.42 -4.70 -5.62
N PRO A 50 5.54 -4.94 -5.01
CA PRO A 50 5.55 -5.19 -3.56
C PRO A 50 5.27 -3.86 -2.86
N VAL A 51 4.20 -3.78 -2.12
CA VAL A 51 3.87 -2.49 -1.44
C VAL A 51 3.85 -2.68 0.07
N ILE A 52 3.86 -1.61 0.81
CA ILE A 52 3.78 -1.74 2.27
C ILE A 52 2.36 -1.38 2.70
N PHE A 53 1.71 -2.22 3.46
CA PHE A 53 0.32 -1.92 3.86
C PHE A 53 0.25 -1.22 5.21
N PHE A 54 -0.65 -0.28 5.34
CA PHE A 54 -0.79 0.44 6.63
C PHE A 54 -1.99 -0.15 7.41
N PRO A 55 -1.85 -0.25 8.71
CA PRO A 55 -0.61 0.17 9.42
C PRO A 55 0.33 -1.04 9.60
N ASN A 56 1.21 -0.98 10.57
CA ASN A 56 2.15 -2.12 10.81
C ASN A 56 3.03 -2.35 9.60
N LYS A 57 3.17 -1.35 8.77
CA LYS A 57 4.01 -1.46 7.54
C LYS A 57 4.02 -2.89 6.99
N GLU A 58 2.88 -3.47 6.78
CA GLU A 58 2.86 -4.85 6.21
C GLU A 58 3.38 -4.78 4.79
N TYR A 59 3.39 -5.87 4.08
CA TYR A 59 3.88 -5.81 2.67
C TYR A 59 3.02 -6.73 1.79
N LEU A 60 2.49 -6.21 0.72
CA LEU A 60 1.63 -7.05 -0.17
C LEU A 60 2.14 -7.02 -1.61
N TRP A 61 1.99 -8.11 -2.32
CA TRP A 61 2.43 -8.14 -3.73
C TRP A 61 1.22 -7.92 -4.65
N THR A 62 1.07 -6.75 -5.19
CA THR A 62 -0.09 -6.48 -6.07
C THR A 62 0.38 -5.92 -7.43
N GLY A 63 -0.20 -6.38 -8.50
CA GLY A 63 0.22 -5.86 -9.84
C GLY A 63 -0.33 -4.46 -10.05
N SER A 64 0.14 -3.77 -11.06
CA SER A 64 -0.36 -2.39 -11.32
C SER A 64 -1.87 -2.41 -11.63
N ASP A 65 -2.35 -3.52 -12.13
CA ASP A 65 -3.82 -3.61 -12.47
C ASP A 65 -4.69 -3.26 -11.25
N SER A 66 -4.52 -3.97 -10.17
CA SER A 66 -5.34 -3.69 -8.96
C SER A 66 -4.71 -2.55 -8.15
N LEU A 67 -3.73 -1.89 -8.71
CA LEU A 67 -3.08 -0.77 -7.96
C LEU A 67 -3.53 0.58 -8.50
N THR A 68 -3.93 1.47 -7.62
CA THR A 68 -4.39 2.81 -8.06
C THR A 68 -3.57 3.87 -7.31
N PRO A 69 -3.43 5.02 -7.89
CA PRO A 69 -2.66 6.12 -7.25
C PRO A 69 -3.41 6.66 -6.03
N LEU A 70 -2.74 6.78 -4.92
CA LEU A 70 -3.38 7.31 -3.69
C LEU A 70 -2.60 8.54 -3.21
N THR A 71 -3.08 9.72 -3.52
CA THR A 71 -2.36 10.95 -3.11
C THR A 71 -2.65 11.28 -1.64
N SER A 72 -1.87 12.15 -1.06
CA SER A 72 -2.12 12.53 0.36
C SER A 72 -3.54 13.08 0.49
N GLU A 73 -4.04 13.66 -0.57
CA GLU A 73 -5.43 14.20 -0.52
C GLU A 73 -6.42 13.04 -0.42
N ALA A 74 -6.25 12.04 -1.23
CA ALA A 74 -7.17 10.87 -1.17
C ALA A 74 -7.12 10.26 0.23
N ILE A 75 -5.94 10.20 0.81
CA ILE A 75 -5.80 9.62 2.17
C ILE A 75 -6.58 10.49 3.17
N SER A 76 -6.33 11.77 3.18
CA SER A 76 -7.07 12.66 4.12
C SER A 76 -8.57 12.59 3.83
N GLN A 77 -8.93 12.59 2.58
CA GLN A 77 -10.37 12.51 2.24
C GLN A 77 -10.97 11.27 2.91
N PHE A 78 -10.25 10.18 2.91
CA PHE A 78 -10.78 8.97 3.58
C PHE A 78 -10.93 9.25 5.08
N LEU A 79 -9.94 9.85 5.67
CA LEU A 79 -10.02 10.16 7.13
C LEU A 79 -11.34 10.88 7.42
N GLU A 80 -11.68 11.87 6.63
CA GLU A 80 -12.96 12.58 6.87
C GLU A 80 -14.11 11.57 6.71
N LYS A 81 -14.03 10.74 5.71
CA LYS A 81 -15.08 9.70 5.52
C LYS A 81 -14.42 8.40 5.05
N PRO A 82 -14.39 7.43 5.92
CA PRO A 82 -13.79 6.13 5.61
C PRO A 82 -14.82 5.15 5.05
N LYS A 83 -14.42 4.27 4.18
CA LYS A 83 -15.39 3.29 3.60
C LYS A 83 -14.66 2.05 3.09
N PRO A 84 -15.13 0.88 3.50
CA PRO A 84 -16.30 0.79 4.41
C PRO A 84 -15.89 1.23 5.82
N LYS A 85 -16.61 0.85 6.83
CA LYS A 85 -16.22 1.28 8.20
C LYS A 85 -15.42 0.17 8.89
N THR A 86 -14.14 0.13 8.63
CA THR A 86 -13.28 -0.91 9.29
C THR A 86 -12.25 -0.22 10.18
N ALA A 87 -12.37 -0.34 11.47
CA ALA A 87 -11.39 0.32 12.37
C ALA A 87 -9.96 0.01 11.93
N SER A 88 -9.75 -1.08 11.25
CA SER A 88 -8.37 -1.42 10.79
C SER A 88 -7.95 -0.52 9.64
N LEU A 89 -8.78 -0.38 8.64
CA LEU A 89 -8.39 0.51 7.50
C LEU A 89 -8.39 1.96 7.97
N ILE A 90 -9.34 2.31 8.78
CA ILE A 90 -9.37 3.71 9.29
C ILE A 90 -8.09 3.99 10.03
N LYS A 91 -7.61 3.04 10.78
CA LYS A 91 -6.32 3.25 11.50
C LYS A 91 -5.20 3.12 10.46
N ALA A 92 -5.45 2.40 9.39
CA ALA A 92 -4.41 2.25 8.33
C ALA A 92 -4.20 3.59 7.63
N TYR A 93 -5.28 4.24 7.24
CA TYR A 93 -5.14 5.56 6.57
C TYR A 93 -4.58 6.57 7.56
N LYS A 94 -5.09 6.59 8.75
CA LYS A 94 -4.58 7.56 9.77
C LYS A 94 -3.08 7.36 9.97
N MET A 95 -2.60 6.14 9.91
CA MET A 95 -1.14 5.90 10.08
C MET A 95 -0.40 6.19 8.77
N ALA A 96 -0.95 5.76 7.66
CA ALA A 96 -0.29 6.02 6.36
C ALA A 96 -0.27 7.53 6.11
N GLN A 97 -1.28 8.22 6.58
CA GLN A 97 -1.34 9.69 6.39
C GLN A 97 -0.09 10.34 7.01
N SER A 98 0.25 9.93 8.19
CA SER A 98 1.46 10.50 8.86
C SER A 98 2.72 10.15 8.06
N THR A 99 2.74 9.00 7.44
CA THR A 99 3.94 8.61 6.64
C THR A 99 3.87 9.21 5.24
N PRO A 100 4.84 10.04 4.92
CA PRO A 100 4.88 10.69 3.59
C PRO A 100 5.24 9.69 2.49
N ASP A 101 6.26 8.90 2.69
CA ASP A 101 6.64 7.91 1.62
C ASP A 101 7.40 6.72 2.21
N LEU A 102 8.16 6.04 1.39
CA LEU A 102 8.93 4.86 1.86
C LEU A 102 10.14 5.30 2.69
N ASP A 103 10.75 6.40 2.35
CA ASP A 103 11.94 6.87 3.12
C ASP A 103 11.56 7.22 4.55
N SER A 104 10.36 7.70 4.76
CA SER A 104 9.94 8.06 6.14
C SER A 104 9.51 6.82 6.93
N LEU A 105 9.13 5.78 6.25
CA LEU A 105 8.71 4.54 6.97
C LEU A 105 9.89 3.93 7.73
N SER A 106 9.63 2.99 8.60
CA SER A 106 10.74 2.37 9.37
C SER A 106 11.36 1.22 8.57
N VAL A 107 12.63 1.00 8.72
CA VAL A 107 13.30 -0.08 7.96
C VAL A 107 14.18 -0.94 8.89
N PRO A 108 14.25 -2.20 8.58
CA PRO A 108 15.07 -3.14 9.39
C PRO A 108 16.56 -2.89 9.17
N SER A 109 17.40 -3.76 9.64
CA SER A 109 18.87 -3.57 9.45
C SER A 109 19.49 -4.84 8.85
N SER A 2 1.15 5.89 -22.33
CA SER A 2 1.19 4.42 -22.12
C SER A 2 0.06 4.00 -21.18
N GLU A 3 -0.55 2.86 -21.46
CA GLU A 3 -1.66 2.39 -20.58
C GLU A 3 -1.14 2.06 -19.18
N ARG A 4 -2.02 1.65 -18.30
CA ARG A 4 -1.58 1.30 -16.92
C ARG A 4 -0.88 2.50 -16.27
N VAL A 5 -0.63 2.43 -14.99
CA VAL A 5 0.05 3.55 -14.30
C VAL A 5 1.46 3.14 -13.91
N ASN A 6 2.40 4.04 -13.96
CA ASN A 6 3.79 3.68 -13.56
C ASN A 6 4.00 4.01 -12.08
N TYR A 7 4.09 3.01 -11.26
CA TYR A 7 4.29 3.25 -9.80
C TYR A 7 5.77 3.16 -9.43
N LYS A 8 6.24 4.01 -8.56
CA LYS A 8 7.67 3.98 -8.17
C LYS A 8 7.80 3.73 -6.66
N PRO A 9 8.97 3.32 -6.25
CA PRO A 9 9.21 3.03 -4.82
C PRO A 9 9.08 4.30 -3.98
N GLY A 10 8.16 4.31 -3.05
CA GLY A 10 7.97 5.51 -2.20
C GLY A 10 6.67 6.21 -2.59
N MET A 11 6.00 5.73 -3.61
CA MET A 11 4.72 6.37 -4.03
C MET A 11 3.54 5.70 -3.34
N ARG A 12 2.73 6.46 -2.65
CA ARG A 12 1.57 5.87 -1.94
C ARG A 12 0.45 5.52 -2.94
N VAL A 13 0.11 4.26 -3.03
CA VAL A 13 -0.98 3.86 -3.97
C VAL A 13 -2.08 3.12 -3.22
N LEU A 14 -3.18 2.89 -3.87
CA LEU A 14 -4.31 2.16 -3.22
C LEU A 14 -4.39 0.75 -3.80
N THR A 15 -4.24 -0.24 -2.99
CA THR A 15 -4.26 -1.64 -3.51
C THR A 15 -5.65 -2.28 -3.33
N LYS A 16 -6.33 -2.49 -4.40
CA LYS A 16 -7.68 -3.12 -4.34
C LYS A 16 -7.54 -4.64 -4.17
N MET A 17 -8.31 -5.26 -3.31
CA MET A 17 -8.18 -6.73 -3.16
C MET A 17 -9.57 -7.39 -3.19
N SER A 18 -9.64 -8.67 -3.43
CA SER A 18 -10.97 -9.34 -3.49
C SER A 18 -11.76 -9.07 -2.21
N GLY A 19 -12.94 -8.52 -2.34
CA GLY A 19 -13.76 -8.23 -1.13
C GLY A 19 -13.05 -7.19 -0.27
N PHE A 20 -12.11 -6.48 -0.83
CA PHE A 20 -11.38 -5.46 -0.04
C PHE A 20 -11.33 -4.12 -0.78
N PRO A 21 -11.78 -3.10 -0.10
CA PRO A 21 -11.78 -1.74 -0.66
C PRO A 21 -10.35 -1.27 -0.90
N TRP A 22 -10.16 -0.31 -1.75
CA TRP A 22 -8.77 0.14 -2.02
C TRP A 22 -8.06 0.40 -0.68
N TRP A 23 -6.95 -0.24 -0.46
CA TRP A 23 -6.23 -0.05 0.83
C TRP A 23 -4.99 0.82 0.61
N PRO A 24 -4.75 1.68 1.56
CA PRO A 24 -3.58 2.58 1.49
C PRO A 24 -2.28 1.78 1.56
N SER A 25 -1.63 1.60 0.44
CA SER A 25 -0.35 0.83 0.43
C SER A 25 0.64 1.55 -0.48
N MET A 26 1.89 1.59 -0.10
CA MET A 26 2.91 2.29 -0.94
C MET A 26 3.75 1.27 -1.69
N VAL A 27 4.13 1.58 -2.90
CA VAL A 27 4.98 0.64 -3.67
C VAL A 27 6.39 0.64 -3.09
N VAL A 28 6.83 -0.47 -2.56
CA VAL A 28 8.19 -0.52 -1.96
C VAL A 28 9.06 -1.53 -2.71
N THR A 29 10.20 -1.85 -2.15
CA THR A 29 11.11 -2.83 -2.81
C THR A 29 11.52 -3.90 -1.81
N GLU A 30 11.86 -5.06 -2.28
CA GLU A 30 12.27 -6.16 -1.37
C GLU A 30 13.32 -5.65 -0.38
N SER A 31 14.03 -4.61 -0.75
CA SER A 31 15.06 -4.06 0.18
C SER A 31 14.40 -3.54 1.46
N LYS A 32 13.17 -3.10 1.36
CA LYS A 32 12.47 -2.58 2.56
C LYS A 32 11.56 -3.66 3.15
N MET A 33 11.52 -4.82 2.54
CA MET A 33 10.65 -5.91 3.06
C MET A 33 11.46 -6.87 3.93
N THR A 34 10.84 -7.42 4.95
CA THR A 34 11.57 -8.37 5.83
C THR A 34 11.40 -9.79 5.30
N SER A 35 11.46 -10.79 6.14
CA SER A 35 11.27 -12.18 5.66
C SER A 35 9.79 -12.52 5.58
N VAL A 36 8.99 -11.87 6.39
CA VAL A 36 7.51 -12.13 6.35
C VAL A 36 6.95 -11.67 5.00
N ALA A 37 7.37 -10.53 4.53
CA ALA A 37 6.86 -10.02 3.23
C ALA A 37 7.49 -10.80 2.08
N ARG A 38 8.70 -11.26 2.25
CA ARG A 38 9.38 -12.03 1.17
C ARG A 38 8.68 -13.38 0.97
N LYS A 39 8.29 -14.01 2.04
CA LYS A 39 7.60 -15.32 1.92
C LYS A 39 6.24 -15.14 1.27
N SER A 40 5.80 -13.91 1.12
CA SER A 40 4.47 -13.66 0.49
C SER A 40 4.66 -13.34 -0.99
N LYS A 41 5.87 -13.17 -1.45
CA LYS A 41 6.10 -12.85 -2.89
C LYS A 41 5.37 -13.88 -3.76
N PRO A 42 4.87 -13.41 -4.87
CA PRO A 42 4.13 -14.28 -5.81
C PRO A 42 5.09 -14.94 -6.80
N LYS A 43 4.85 -16.18 -7.12
CA LYS A 43 5.73 -16.88 -8.10
C LYS A 43 4.95 -17.11 -9.40
N ARG A 44 3.95 -16.30 -9.63
CA ARG A 44 3.12 -16.44 -10.87
C ARG A 44 3.66 -15.52 -11.97
N ALA A 45 3.09 -15.62 -13.15
CA ALA A 45 3.55 -14.77 -14.27
C ALA A 45 3.15 -13.31 -14.06
N GLY A 46 3.94 -12.39 -14.55
CA GLY A 46 3.62 -10.95 -14.36
C GLY A 46 4.46 -10.38 -13.23
N THR A 47 5.02 -9.22 -13.41
CA THR A 47 5.86 -8.62 -12.33
C THR A 47 4.95 -7.95 -11.29
N PHE A 48 4.86 -8.52 -10.12
CA PHE A 48 3.98 -7.93 -9.08
C PHE A 48 4.72 -6.82 -8.31
N TYR A 49 3.99 -5.86 -7.83
CA TYR A 49 4.63 -4.75 -7.07
C TYR A 49 4.55 -5.00 -5.57
N PRO A 50 5.68 -5.08 -4.93
CA PRO A 50 5.69 -5.27 -3.47
C PRO A 50 5.33 -3.94 -2.82
N VAL A 51 4.28 -3.89 -2.06
CA VAL A 51 3.90 -2.59 -1.44
C VAL A 51 3.83 -2.73 0.07
N ILE A 52 3.79 -1.64 0.77
CA ILE A 52 3.66 -1.72 2.25
C ILE A 52 2.22 -1.37 2.59
N PHE A 53 1.56 -2.22 3.33
CA PHE A 53 0.14 -1.96 3.65
C PHE A 53 0.00 -1.24 4.98
N PHE A 54 -0.85 -0.26 5.05
CA PHE A 54 -1.05 0.46 6.33
C PHE A 54 -2.31 -0.09 7.01
N PRO A 55 -2.27 -0.19 8.31
CA PRO A 55 -1.08 0.18 9.11
C PRO A 55 -0.21 -1.06 9.36
N ASN A 56 0.51 -1.09 10.46
CA ASN A 56 1.36 -2.27 10.77
C ASN A 56 2.47 -2.47 9.75
N LYS A 57 2.63 -1.57 8.82
CA LYS A 57 3.72 -1.73 7.81
C LYS A 57 3.71 -3.14 7.21
N GLU A 58 2.57 -3.61 6.76
CA GLU A 58 2.54 -4.96 6.15
C GLU A 58 3.11 -4.91 4.73
N TYR A 59 3.22 -6.01 4.06
CA TYR A 59 3.77 -5.99 2.68
C TYR A 59 2.94 -6.90 1.77
N LEU A 60 2.48 -6.38 0.66
CA LEU A 60 1.66 -7.21 -0.26
C LEU A 60 2.21 -7.14 -1.68
N TRP A 61 2.15 -8.23 -2.38
CA TRP A 61 2.65 -8.24 -3.79
C TRP A 61 1.44 -8.18 -4.74
N THR A 62 1.12 -7.02 -5.22
CA THR A 62 -0.05 -6.89 -6.13
C THR A 62 0.38 -6.36 -7.49
N GLY A 63 -0.29 -6.76 -8.55
CA GLY A 63 0.08 -6.27 -9.90
C GLY A 63 -0.34 -4.82 -10.08
N SER A 64 0.10 -4.19 -11.13
CA SER A 64 -0.28 -2.76 -11.37
C SER A 64 -1.76 -2.66 -11.74
N ASP A 65 -2.32 -3.72 -12.25
CA ASP A 65 -3.76 -3.70 -12.65
C ASP A 65 -4.65 -3.27 -11.48
N SER A 66 -4.58 -3.96 -10.38
CA SER A 66 -5.44 -3.60 -9.21
C SER A 66 -4.77 -2.48 -8.39
N LEU A 67 -3.73 -1.89 -8.92
CA LEU A 67 -3.05 -0.81 -8.17
C LEU A 67 -3.41 0.57 -8.72
N THR A 68 -3.83 1.46 -7.87
CA THR A 68 -4.20 2.83 -8.33
C THR A 68 -3.38 3.85 -7.53
N PRO A 69 -3.16 5.00 -8.13
CA PRO A 69 -2.38 6.05 -7.44
C PRO A 69 -3.20 6.66 -6.30
N LEU A 70 -2.62 6.76 -5.13
CA LEU A 70 -3.36 7.34 -3.96
C LEU A 70 -2.81 8.73 -3.64
N THR A 71 -3.66 9.67 -3.34
CA THR A 71 -3.19 11.05 -3.02
C THR A 71 -3.33 11.32 -1.52
N SER A 72 -2.48 12.15 -0.99
CA SER A 72 -2.57 12.47 0.46
C SER A 72 -3.90 13.16 0.74
N GLU A 73 -4.38 13.94 -0.19
CA GLU A 73 -5.69 14.62 0.01
C GLU A 73 -6.78 13.57 0.19
N ALA A 74 -6.89 12.67 -0.75
CA ALA A 74 -7.93 11.61 -0.62
C ALA A 74 -7.75 10.88 0.72
N ILE A 75 -6.53 10.67 1.10
CA ILE A 75 -6.26 9.98 2.40
C ILE A 75 -6.86 10.78 3.55
N SER A 76 -6.54 12.06 3.63
CA SER A 76 -7.09 12.89 4.73
C SER A 76 -8.62 12.91 4.67
N GLN A 77 -9.17 13.04 3.49
CA GLN A 77 -10.65 13.04 3.38
C GLN A 77 -11.20 11.78 4.04
N PHE A 78 -10.58 10.65 3.80
CA PHE A 78 -11.06 9.40 4.44
C PHE A 78 -10.94 9.53 5.96
N LEU A 79 -9.84 10.05 6.44
CA LEU A 79 -9.67 10.20 7.90
C LEU A 79 -10.91 10.89 8.47
N GLU A 80 -11.35 11.95 7.84
CA GLU A 80 -12.58 12.62 8.34
C GLU A 80 -13.74 11.64 8.25
N LYS A 81 -13.81 10.91 7.18
CA LYS A 81 -14.90 9.89 7.03
C LYS A 81 -14.34 8.62 6.40
N PRO A 82 -14.23 7.59 7.20
CA PRO A 82 -13.70 6.29 6.73
C PRO A 82 -14.85 5.35 6.32
N LYS A 83 -14.60 4.51 5.35
CA LYS A 83 -15.67 3.56 4.90
C LYS A 83 -15.05 2.34 4.21
N PRO A 84 -15.49 1.16 4.59
CA PRO A 84 -16.55 1.01 5.62
C PRO A 84 -15.96 1.26 7.01
N LYS A 85 -16.59 0.78 8.05
CA LYS A 85 -16.02 1.02 9.40
C LYS A 85 -15.08 -0.13 9.79
N THR A 86 -13.87 -0.07 9.33
CA THR A 86 -12.87 -1.13 9.69
C THR A 86 -11.70 -0.51 10.45
N ALA A 87 -11.59 -0.78 11.71
CA ALA A 87 -10.46 -0.19 12.49
C ALA A 87 -9.13 -0.40 11.77
N SER A 88 -9.04 -1.41 10.95
CA SER A 88 -7.76 -1.66 10.22
C SER A 88 -7.58 -0.64 9.08
N LEU A 89 -8.58 -0.43 8.28
CA LEU A 89 -8.44 0.55 7.18
C LEU A 89 -8.35 1.95 7.77
N ILE A 90 -9.16 2.24 8.74
CA ILE A 90 -9.10 3.59 9.36
C ILE A 90 -7.71 3.79 9.95
N LYS A 91 -7.16 2.76 10.53
CA LYS A 91 -5.77 2.88 11.07
C LYS A 91 -4.81 2.86 9.88
N ALA A 92 -5.23 2.27 8.80
CA ALA A 92 -4.37 2.21 7.58
C ALA A 92 -4.22 3.62 7.00
N TYR A 93 -5.32 4.31 6.85
CA TYR A 93 -5.26 5.68 6.29
C TYR A 93 -4.61 6.62 7.32
N LYS A 94 -5.00 6.50 8.57
CA LYS A 94 -4.39 7.37 9.61
C LYS A 94 -2.87 7.19 9.63
N MET A 95 -2.41 5.98 9.45
CA MET A 95 -0.94 5.74 9.45
C MET A 95 -0.35 6.07 8.08
N ALA A 96 -1.05 5.72 7.03
CA ALA A 96 -0.54 6.03 5.67
C ALA A 96 -0.44 7.55 5.50
N GLN A 97 -1.45 8.26 5.95
CA GLN A 97 -1.43 9.74 5.84
C GLN A 97 -0.16 10.29 6.49
N SER A 98 0.15 9.83 7.66
CA SER A 98 1.38 10.32 8.35
C SER A 98 2.61 9.99 7.51
N THR A 99 2.56 8.93 6.73
CA THR A 99 3.72 8.56 5.89
C THR A 99 3.49 9.03 4.45
N PRO A 100 4.16 10.11 4.10
CA PRO A 100 4.04 10.68 2.74
C PRO A 100 4.83 9.84 1.73
N ASP A 101 6.10 9.61 1.99
CA ASP A 101 6.92 8.81 1.03
C ASP A 101 7.69 7.71 1.77
N LEU A 102 8.56 7.03 1.08
CA LEU A 102 9.34 5.94 1.71
C LEU A 102 10.36 6.51 2.70
N ASP A 103 11.00 7.59 2.34
CA ASP A 103 12.02 8.21 3.26
C ASP A 103 11.39 8.50 4.62
N SER A 104 10.10 8.70 4.66
CA SER A 104 9.44 8.99 5.97
C SER A 104 9.09 7.68 6.69
N LEU A 105 8.94 6.62 5.95
CA LEU A 105 8.60 5.31 6.57
C LEU A 105 9.85 4.72 7.24
N SER A 106 9.68 3.73 8.09
CA SER A 106 10.88 3.13 8.76
C SER A 106 10.80 1.61 8.72
N VAL A 107 11.89 0.96 8.44
CA VAL A 107 11.89 -0.53 8.38
C VAL A 107 12.07 -1.11 9.79
N PRO A 108 11.44 -2.23 10.01
CA PRO A 108 11.53 -2.89 11.34
C PRO A 108 12.91 -3.53 11.53
N SER A 109 13.93 -2.72 11.71
CA SER A 109 15.29 -3.27 11.91
C SER A 109 16.02 -2.51 13.02
N SER A 2 -7.72 8.14 -18.29
CA SER A 2 -7.10 7.29 -17.23
C SER A 2 -5.72 6.81 -17.67
N GLU A 3 -4.70 7.57 -17.37
CA GLU A 3 -3.32 7.15 -17.78
C GLU A 3 -2.72 6.23 -16.71
N ARG A 4 -1.99 5.22 -17.12
CA ARG A 4 -1.38 4.29 -16.12
C ARG A 4 -0.43 5.06 -15.20
N VAL A 5 -0.14 4.51 -14.05
CA VAL A 5 0.77 5.21 -13.10
C VAL A 5 2.00 4.35 -12.84
N ASN A 6 3.16 4.78 -13.26
CA ASN A 6 4.38 3.97 -12.98
C ASN A 6 4.70 4.15 -11.49
N TYR A 7 4.34 3.19 -10.71
CA TYR A 7 4.57 3.30 -9.25
C TYR A 7 6.06 3.21 -8.90
N LYS A 8 6.58 4.21 -8.26
CA LYS A 8 8.01 4.21 -7.85
C LYS A 8 8.10 3.92 -6.35
N PRO A 9 9.27 3.54 -5.91
CA PRO A 9 9.46 3.22 -4.48
C PRO A 9 9.21 4.46 -3.62
N GLY A 10 8.22 4.42 -2.77
CA GLY A 10 7.92 5.61 -1.91
C GLY A 10 6.62 6.25 -2.36
N MET A 11 6.01 5.75 -3.42
CA MET A 11 4.72 6.35 -3.89
C MET A 11 3.56 5.69 -3.16
N ARG A 12 2.68 6.48 -2.59
CA ARG A 12 1.52 5.89 -1.87
C ARG A 12 0.42 5.52 -2.87
N VAL A 13 0.01 4.29 -2.88
CA VAL A 13 -1.05 3.86 -3.83
C VAL A 13 -2.16 3.09 -3.10
N LEU A 14 -3.24 2.84 -3.78
CA LEU A 14 -4.36 2.09 -3.14
C LEU A 14 -4.40 0.67 -3.71
N THR A 15 -4.39 -0.32 -2.86
CA THR A 15 -4.39 -1.73 -3.37
C THR A 15 -5.73 -2.42 -3.11
N LYS A 16 -6.48 -2.68 -4.14
CA LYS A 16 -7.79 -3.37 -3.98
C LYS A 16 -7.56 -4.87 -3.79
N MET A 17 -8.24 -5.50 -2.86
CA MET A 17 -8.02 -6.97 -2.68
C MET A 17 -9.37 -7.69 -2.74
N SER A 18 -9.36 -8.98 -2.92
CA SER A 18 -10.65 -9.72 -3.01
C SER A 18 -11.52 -9.41 -1.77
N GLY A 19 -12.70 -8.89 -1.98
CA GLY A 19 -13.58 -8.58 -0.82
C GLY A 19 -12.94 -7.49 0.03
N PHE A 20 -12.00 -6.76 -0.52
CA PHE A 20 -11.33 -5.69 0.27
C PHE A 20 -11.31 -4.37 -0.51
N PRO A 21 -11.73 -3.33 0.17
CA PRO A 21 -11.75 -1.97 -0.42
C PRO A 21 -10.31 -1.49 -0.66
N TRP A 22 -10.11 -0.55 -1.54
CA TRP A 22 -8.73 -0.08 -1.80
C TRP A 22 -8.04 0.23 -0.48
N TRP A 23 -6.91 -0.38 -0.23
CA TRP A 23 -6.19 -0.12 1.04
C TRP A 23 -4.97 0.76 0.80
N PRO A 24 -4.73 1.66 1.72
CA PRO A 24 -3.57 2.56 1.60
C PRO A 24 -2.26 1.78 1.70
N SER A 25 -1.59 1.62 0.60
CA SER A 25 -0.30 0.87 0.60
C SER A 25 0.69 1.59 -0.30
N MET A 26 1.94 1.63 0.07
CA MET A 26 2.95 2.33 -0.77
C MET A 26 3.81 1.32 -1.52
N VAL A 27 4.20 1.63 -2.72
CA VAL A 27 5.03 0.68 -3.50
C VAL A 27 6.45 0.61 -2.95
N VAL A 28 6.83 -0.52 -2.41
CA VAL A 28 8.19 -0.68 -1.84
C VAL A 28 8.99 -1.65 -2.70
N THR A 29 10.13 -2.07 -2.22
CA THR A 29 10.95 -3.04 -3.00
C THR A 29 11.45 -4.15 -2.08
N GLU A 30 11.73 -5.31 -2.62
CA GLU A 30 12.21 -6.43 -1.76
C GLU A 30 13.36 -5.95 -0.87
N SER A 31 14.01 -4.88 -1.25
CA SER A 31 15.13 -4.36 -0.42
C SER A 31 14.60 -3.87 0.93
N LYS A 32 13.38 -3.41 0.96
CA LYS A 32 12.80 -2.92 2.23
C LYS A 32 11.80 -3.93 2.80
N MET A 33 11.68 -5.07 2.16
CA MET A 33 10.72 -6.10 2.65
C MET A 33 11.45 -7.15 3.49
N THR A 34 11.10 -7.29 4.73
CA THR A 34 11.76 -8.32 5.58
C THR A 34 11.44 -9.71 5.04
N SER A 35 11.60 -10.73 5.84
CA SER A 35 11.29 -12.10 5.35
C SER A 35 9.78 -12.31 5.29
N VAL A 36 9.04 -11.62 6.12
CA VAL A 36 7.56 -11.78 6.10
C VAL A 36 7.02 -11.30 4.74
N ALA A 37 7.49 -10.18 4.28
CA ALA A 37 7.02 -9.67 2.96
C ALA A 37 7.66 -10.49 1.84
N ARG A 38 8.86 -10.95 2.05
CA ARG A 38 9.54 -11.77 1.02
C ARG A 38 8.91 -13.16 0.95
N LYS A 39 8.51 -13.69 2.08
CA LYS A 39 7.88 -15.03 2.11
C LYS A 39 6.55 -15.01 1.36
N SER A 40 5.94 -13.86 1.25
CA SER A 40 4.63 -13.77 0.53
C SER A 40 4.85 -13.30 -0.90
N LYS A 41 6.08 -13.08 -1.29
CA LYS A 41 6.35 -12.61 -2.68
C LYS A 41 5.88 -13.67 -3.69
N PRO A 42 4.95 -13.27 -4.52
CA PRO A 42 4.40 -14.19 -5.54
C PRO A 42 5.39 -14.38 -6.69
N LYS A 43 5.50 -15.57 -7.20
CA LYS A 43 6.43 -15.82 -8.34
C LYS A 43 5.64 -16.33 -9.55
N ARG A 44 4.59 -15.62 -9.91
CA ARG A 44 3.77 -16.08 -11.07
C ARG A 44 3.93 -15.11 -12.25
N ALA A 45 3.34 -15.42 -13.36
CA ALA A 45 3.44 -14.56 -14.57
C ALA A 45 2.78 -13.20 -14.31
N GLY A 46 3.29 -12.16 -14.92
CA GLY A 46 2.69 -10.82 -14.72
C GLY A 46 3.54 -10.04 -13.71
N THR A 47 3.61 -8.75 -13.84
CA THR A 47 4.42 -7.95 -12.89
C THR A 47 3.66 -7.77 -11.57
N PHE A 48 4.36 -7.77 -10.48
CA PHE A 48 3.69 -7.62 -9.17
C PHE A 48 4.33 -6.48 -8.38
N TYR A 49 3.55 -5.59 -7.85
CA TYR A 49 4.12 -4.45 -7.09
C TYR A 49 4.12 -4.75 -5.59
N PRO A 50 5.29 -4.91 -5.04
CA PRO A 50 5.39 -5.16 -3.60
C PRO A 50 5.08 -3.84 -2.89
N VAL A 51 4.07 -3.79 -2.09
CA VAL A 51 3.75 -2.50 -1.42
C VAL A 51 3.71 -2.69 0.10
N ILE A 52 3.73 -1.63 0.82
CA ILE A 52 3.63 -1.76 2.29
C ILE A 52 2.22 -1.37 2.68
N PHE A 53 1.54 -2.21 3.40
CA PHE A 53 0.14 -1.91 3.78
C PHE A 53 0.08 -1.17 5.11
N PHE A 54 -0.78 -0.20 5.21
CA PHE A 54 -0.91 0.55 6.48
C PHE A 54 -2.11 0.01 7.27
N PRO A 55 -1.98 -0.04 8.58
CA PRO A 55 -0.75 0.40 9.27
C PRO A 55 0.17 -0.82 9.49
N ASN A 56 0.99 -0.78 10.50
CA ASN A 56 1.91 -1.93 10.76
C ASN A 56 2.79 -2.21 9.54
N LYS A 57 2.90 -1.24 8.68
CA LYS A 57 3.74 -1.39 7.45
C LYS A 57 3.74 -2.83 6.92
N GLU A 58 2.60 -3.43 6.76
CA GLU A 58 2.60 -4.82 6.22
C GLU A 58 3.16 -4.78 4.80
N TYR A 59 3.25 -5.90 4.12
CA TYR A 59 3.78 -5.87 2.75
C TYR A 59 2.96 -6.81 1.86
N LEU A 60 2.47 -6.31 0.75
CA LEU A 60 1.64 -7.18 -0.14
C LEU A 60 2.14 -7.11 -1.58
N TRP A 61 2.02 -8.18 -2.30
CA TRP A 61 2.45 -8.20 -3.72
C TRP A 61 1.21 -8.14 -4.61
N THR A 62 0.91 -7.00 -5.15
CA THR A 62 -0.28 -6.88 -6.02
C THR A 62 0.11 -6.32 -7.40
N GLY A 63 -0.43 -6.88 -8.45
CA GLY A 63 -0.08 -6.39 -9.81
C GLY A 63 -0.76 -5.04 -10.07
N SER A 64 -0.31 -4.33 -11.07
CA SER A 64 -0.92 -3.00 -11.38
C SER A 64 -2.40 -3.13 -11.70
N ASP A 65 -2.84 -4.31 -12.07
CA ASP A 65 -4.28 -4.50 -12.42
C ASP A 65 -5.18 -4.01 -11.28
N SER A 66 -5.00 -4.54 -10.10
CA SER A 66 -5.85 -4.10 -8.95
C SER A 66 -5.16 -2.95 -8.19
N LEU A 67 -4.14 -2.39 -8.76
CA LEU A 67 -3.42 -1.28 -8.06
C LEU A 67 -3.79 0.09 -8.64
N THR A 68 -3.86 1.08 -7.80
CA THR A 68 -4.20 2.45 -8.27
C THR A 68 -3.36 3.48 -7.50
N PRO A 69 -3.14 4.62 -8.11
CA PRO A 69 -2.34 5.68 -7.45
C PRO A 69 -3.13 6.30 -6.29
N LEU A 70 -2.46 6.57 -5.19
CA LEU A 70 -3.17 7.18 -4.02
C LEU A 70 -2.55 8.54 -3.72
N THR A 71 -3.34 9.49 -3.28
CA THR A 71 -2.78 10.84 -2.99
C THR A 71 -3.07 11.23 -1.54
N SER A 72 -2.38 12.22 -1.04
CA SER A 72 -2.61 12.66 0.37
C SER A 72 -3.99 13.29 0.48
N GLU A 73 -4.43 13.95 -0.56
CA GLU A 73 -5.77 14.59 -0.53
C GLU A 73 -6.85 13.51 -0.35
N ALA A 74 -6.75 12.45 -1.09
CA ALA A 74 -7.74 11.35 -0.96
C ALA A 74 -7.62 10.70 0.42
N ILE A 75 -6.42 10.49 0.87
CA ILE A 75 -6.22 9.86 2.21
C ILE A 75 -6.89 10.72 3.29
N SER A 76 -6.61 11.99 3.31
CA SER A 76 -7.24 12.88 4.33
C SER A 76 -8.77 12.82 4.18
N GLN A 77 -9.26 12.87 2.97
CA GLN A 77 -10.73 12.81 2.77
C GLN A 77 -11.27 11.57 3.46
N PHE A 78 -10.57 10.47 3.38
CA PHE A 78 -11.04 9.23 4.05
C PHE A 78 -11.03 9.46 5.58
N LEU A 79 -9.97 10.02 6.09
CA LEU A 79 -9.91 10.26 7.56
C LEU A 79 -11.19 10.97 8.00
N GLU A 80 -11.59 11.99 7.30
CA GLU A 80 -12.84 12.69 7.69
C GLU A 80 -13.99 11.69 7.59
N LYS A 81 -13.99 10.90 6.55
CA LYS A 81 -15.06 9.88 6.39
C LYS A 81 -14.44 8.58 5.85
N PRO A 82 -14.37 7.59 6.70
CA PRO A 82 -13.81 6.28 6.32
C PRO A 82 -14.91 5.34 5.82
N LYS A 83 -14.59 4.49 4.86
CA LYS A 83 -15.63 3.56 4.33
C LYS A 83 -14.97 2.32 3.70
N PRO A 84 -15.42 1.14 4.09
CA PRO A 84 -16.50 1.02 5.12
C PRO A 84 -15.93 1.35 6.50
N LYS A 85 -16.67 1.09 7.54
CA LYS A 85 -16.15 1.40 8.90
C LYS A 85 -15.27 0.25 9.40
N THR A 86 -14.03 0.24 9.02
CA THR A 86 -13.09 -0.84 9.48
C THR A 86 -11.98 -0.22 10.32
N ALA A 87 -11.95 -0.51 11.60
CA ALA A 87 -10.88 0.08 12.45
C ALA A 87 -9.50 -0.17 11.83
N SER A 88 -9.33 -1.26 11.13
CA SER A 88 -8.01 -1.54 10.50
C SER A 88 -7.72 -0.55 9.36
N LEU A 89 -8.65 -0.35 8.47
CA LEU A 89 -8.40 0.61 7.36
C LEU A 89 -8.25 2.02 7.93
N ILE A 90 -9.13 2.40 8.82
CA ILE A 90 -9.01 3.76 9.39
C ILE A 90 -7.63 3.92 10.01
N LYS A 91 -7.13 2.87 10.62
CA LYS A 91 -5.77 2.97 11.20
C LYS A 91 -4.76 2.95 10.06
N ALA A 92 -5.14 2.36 8.96
CA ALA A 92 -4.23 2.30 7.78
C ALA A 92 -4.07 3.69 7.19
N TYR A 93 -5.16 4.36 6.92
CA TYR A 93 -5.09 5.73 6.35
C TYR A 93 -4.54 6.69 7.38
N LYS A 94 -5.04 6.64 8.58
CA LYS A 94 -4.53 7.58 9.63
C LYS A 94 -3.02 7.46 9.76
N MET A 95 -2.50 6.26 9.72
CA MET A 95 -1.02 6.09 9.83
C MET A 95 -0.35 6.32 8.48
N ALA A 96 -0.95 5.86 7.42
CA ALA A 96 -0.34 6.06 6.07
C ALA A 96 -0.35 7.55 5.72
N GLN A 97 -1.27 8.29 6.27
CA GLN A 97 -1.34 9.75 5.97
C GLN A 97 -0.07 10.43 6.47
N SER A 98 0.42 10.04 7.61
CA SER A 98 1.66 10.67 8.16
C SER A 98 2.87 10.31 7.29
N THR A 99 2.84 9.17 6.64
CA THR A 99 4.00 8.79 5.78
C THR A 99 3.62 8.87 4.30
N PRO A 100 4.06 9.92 3.67
CA PRO A 100 3.78 10.13 2.23
C PRO A 100 4.78 9.37 1.36
N ASP A 101 6.04 9.36 1.74
CA ASP A 101 7.06 8.65 0.92
C ASP A 101 7.64 7.45 1.66
N LEU A 102 8.58 6.77 1.06
CA LEU A 102 9.19 5.59 1.73
C LEU A 102 10.15 6.03 2.84
N ASP A 103 10.95 7.03 2.57
CA ASP A 103 11.90 7.51 3.61
C ASP A 103 11.17 7.84 4.91
N SER A 104 9.88 8.04 4.83
CA SER A 104 9.11 8.36 6.06
C SER A 104 8.84 7.09 6.86
N LEU A 105 8.85 5.96 6.21
CA LEU A 105 8.59 4.68 6.92
C LEU A 105 9.89 4.12 7.50
N SER A 106 9.78 3.20 8.43
CA SER A 106 11.00 2.62 9.04
C SER A 106 10.84 1.10 9.19
N VAL A 107 11.79 0.34 8.74
CA VAL A 107 11.69 -1.15 8.87
C VAL A 107 12.80 -1.68 9.80
N PRO A 108 12.43 -2.65 10.59
CA PRO A 108 13.40 -3.26 11.54
C PRO A 108 14.41 -4.12 10.79
N SER A 109 13.96 -4.88 9.84
CA SER A 109 14.90 -5.76 9.07
C SER A 109 15.78 -6.56 10.03
N SER A 2 -8.97 -0.63 -16.55
CA SER A 2 -7.95 0.08 -17.35
C SER A 2 -7.22 1.12 -16.49
N GLU A 3 -6.14 0.73 -15.87
CA GLU A 3 -5.38 1.68 -15.01
C GLU A 3 -3.88 1.47 -15.18
N ARG A 4 -3.34 1.83 -16.31
CA ARG A 4 -1.87 1.64 -16.54
C ARG A 4 -1.10 2.77 -15.86
N VAL A 5 -0.92 2.69 -14.57
CA VAL A 5 -0.17 3.75 -13.84
C VAL A 5 1.25 3.29 -13.53
N ASN A 6 2.18 4.19 -13.47
CA ASN A 6 3.58 3.80 -13.14
C ASN A 6 3.84 4.01 -11.65
N TYR A 7 3.89 2.95 -10.90
CA TYR A 7 4.10 3.10 -9.43
C TYR A 7 5.59 2.94 -9.07
N LYS A 8 6.19 3.99 -8.56
CA LYS A 8 7.62 3.91 -8.17
C LYS A 8 7.73 3.63 -6.67
N PRO A 9 8.90 3.19 -6.26
CA PRO A 9 9.12 2.87 -4.83
C PRO A 9 8.96 4.11 -3.96
N GLY A 10 8.01 4.08 -3.06
CA GLY A 10 7.79 5.26 -2.18
C GLY A 10 6.50 5.97 -2.58
N MET A 11 5.86 5.53 -3.62
CA MET A 11 4.58 6.17 -4.04
C MET A 11 3.41 5.53 -3.32
N ARG A 12 2.64 6.31 -2.62
CA ARG A 12 1.48 5.74 -1.88
C ARG A 12 0.35 5.40 -2.85
N VAL A 13 0.01 4.15 -2.94
CA VAL A 13 -1.08 3.74 -3.87
C VAL A 13 -2.16 2.98 -3.09
N LEU A 14 -3.28 2.75 -3.70
CA LEU A 14 -4.37 2.02 -3.01
C LEU A 14 -4.43 0.60 -3.57
N THR A 15 -4.30 -0.39 -2.74
CA THR A 15 -4.33 -1.79 -3.23
C THR A 15 -5.71 -2.42 -3.02
N LYS A 16 -6.43 -2.63 -4.08
CA LYS A 16 -7.78 -3.25 -3.95
C LYS A 16 -7.62 -4.77 -3.78
N MET A 17 -8.34 -5.38 -2.86
CA MET A 17 -8.18 -6.86 -2.71
C MET A 17 -9.57 -7.53 -2.79
N SER A 18 -9.61 -8.81 -3.03
CA SER A 18 -10.93 -9.50 -3.14
C SER A 18 -11.77 -9.22 -1.89
N GLY A 19 -12.94 -8.66 -2.07
CA GLY A 19 -13.82 -8.38 -0.90
C GLY A 19 -13.15 -7.33 0.00
N PHE A 20 -12.19 -6.63 -0.53
CA PHE A 20 -11.48 -5.61 0.30
C PHE A 20 -11.42 -4.26 -0.43
N PRO A 21 -11.82 -3.23 0.27
CA PRO A 21 -11.78 -1.86 -0.29
C PRO A 21 -10.34 -1.43 -0.54
N TRP A 22 -10.13 -0.49 -1.40
CA TRP A 22 -8.73 -0.06 -1.67
C TRP A 22 -8.03 0.24 -0.34
N TRP A 23 -6.92 -0.40 -0.09
CA TRP A 23 -6.20 -0.14 1.18
C TRP A 23 -4.98 0.74 0.92
N PRO A 24 -4.72 1.62 1.84
CA PRO A 24 -3.56 2.53 1.69
C PRO A 24 -2.26 1.72 1.77
N SER A 25 -1.62 1.57 0.64
CA SER A 25 -0.35 0.80 0.61
C SER A 25 0.65 1.49 -0.33
N MET A 26 1.89 1.53 0.03
CA MET A 26 2.89 2.20 -0.84
C MET A 26 3.74 1.17 -1.58
N VAL A 27 4.12 1.45 -2.80
CA VAL A 27 4.97 0.47 -3.55
C VAL A 27 6.38 0.48 -2.98
N VAL A 28 6.79 -0.60 -2.36
CA VAL A 28 8.16 -0.67 -1.76
C VAL A 28 9.02 -1.68 -2.51
N THR A 29 10.16 -2.02 -1.96
CA THR A 29 11.06 -3.01 -2.62
C THR A 29 11.48 -4.09 -1.62
N GLU A 30 11.91 -5.22 -2.09
CA GLU A 30 12.34 -6.30 -1.16
C GLU A 30 13.40 -5.78 -0.19
N SER A 31 14.08 -4.73 -0.54
CA SER A 31 15.12 -4.17 0.37
C SER A 31 14.47 -3.65 1.66
N LYS A 32 13.23 -3.25 1.59
CA LYS A 32 12.54 -2.73 2.80
C LYS A 32 11.65 -3.81 3.43
N MET A 33 11.57 -4.96 2.81
CA MET A 33 10.71 -6.04 3.37
C MET A 33 11.55 -7.06 4.12
N THR A 34 10.99 -7.71 5.09
CA THR A 34 11.76 -8.74 5.85
C THR A 34 11.56 -10.11 5.20
N SER A 35 11.77 -11.17 5.94
CA SER A 35 11.57 -12.53 5.34
C SER A 35 10.08 -12.87 5.30
N VAL A 36 9.32 -12.26 6.17
CA VAL A 36 7.85 -12.53 6.19
C VAL A 36 7.23 -12.15 4.84
N ALA A 37 7.45 -10.96 4.38
CA ALA A 37 6.87 -10.52 3.08
C ALA A 37 7.48 -11.34 1.94
N ARG A 38 8.71 -11.72 2.07
CA ARG A 38 9.36 -12.52 0.98
C ARG A 38 8.64 -13.85 0.80
N LYS A 39 8.06 -14.37 1.86
CA LYS A 39 7.33 -15.67 1.74
C LYS A 39 6.07 -15.49 0.91
N SER A 40 5.51 -14.30 0.89
CA SER A 40 4.28 -14.06 0.09
C SER A 40 4.65 -13.49 -1.28
N LYS A 41 5.92 -13.38 -1.57
CA LYS A 41 6.34 -12.84 -2.90
C LYS A 41 5.92 -13.78 -4.02
N PRO A 42 4.98 -13.33 -4.81
CA PRO A 42 4.47 -14.14 -5.95
C PRO A 42 5.47 -14.13 -7.10
N LYS A 43 5.59 -15.23 -7.79
CA LYS A 43 6.53 -15.30 -8.94
C LYS A 43 5.76 -15.69 -10.21
N ARG A 44 4.51 -15.34 -10.27
CA ARG A 44 3.69 -15.70 -11.47
C ARG A 44 3.91 -14.66 -12.57
N ALA A 45 3.34 -14.90 -13.73
CA ALA A 45 3.50 -13.93 -14.85
C ALA A 45 3.04 -12.54 -14.43
N GLY A 46 3.63 -11.51 -14.97
CA GLY A 46 3.24 -10.13 -14.60
C GLY A 46 4.15 -9.61 -13.48
N THR A 47 4.56 -8.38 -13.56
CA THR A 47 5.45 -7.83 -12.50
C THR A 47 4.63 -7.40 -11.29
N PHE A 48 4.81 -8.05 -10.18
CA PHE A 48 4.04 -7.70 -8.96
C PHE A 48 4.79 -6.68 -8.12
N TYR A 49 4.13 -5.66 -7.65
CA TYR A 49 4.81 -4.64 -6.82
C TYR A 49 4.58 -4.94 -5.35
N PRO A 50 5.65 -5.14 -4.64
CA PRO A 50 5.53 -5.38 -3.19
C PRO A 50 5.25 -4.04 -2.52
N VAL A 51 4.14 -3.90 -1.86
CA VAL A 51 3.83 -2.59 -1.23
C VAL A 51 3.79 -2.72 0.28
N ILE A 52 3.77 -1.62 0.96
CA ILE A 52 3.67 -1.69 2.44
C ILE A 52 2.23 -1.33 2.81
N PHE A 53 1.59 -2.18 3.57
CA PHE A 53 0.18 -1.91 3.93
C PHE A 53 0.07 -1.18 5.25
N PHE A 54 -0.80 -0.21 5.33
CA PHE A 54 -0.95 0.54 6.60
C PHE A 54 -2.17 0.00 7.36
N PRO A 55 -2.06 -0.12 8.66
CA PRO A 55 -0.82 0.22 9.40
C PRO A 55 0.01 -1.05 9.61
N ASN A 56 0.81 -1.10 10.66
CA ASN A 56 1.62 -2.32 10.95
C ASN A 56 2.70 -2.54 9.88
N LYS A 57 2.90 -1.59 9.02
CA LYS A 57 3.95 -1.77 7.97
C LYS A 57 3.91 -3.18 7.38
N GLU A 58 2.77 -3.61 6.93
CA GLU A 58 2.69 -4.99 6.34
C GLU A 58 3.21 -4.93 4.90
N TYR A 59 3.34 -6.06 4.25
CA TYR A 59 3.84 -6.05 2.85
C TYR A 59 2.99 -6.95 1.96
N LEU A 60 2.49 -6.44 0.86
CA LEU A 60 1.65 -7.27 -0.04
C LEU A 60 2.15 -7.19 -1.47
N TRP A 61 2.12 -8.28 -2.18
CA TRP A 61 2.57 -8.28 -3.59
C TRP A 61 1.35 -8.15 -4.52
N THR A 62 1.14 -7.00 -5.09
CA THR A 62 -0.03 -6.83 -5.99
C THR A 62 0.40 -6.26 -7.34
N GLY A 63 -0.21 -6.71 -8.41
CA GLY A 63 0.16 -6.20 -9.75
C GLY A 63 -0.41 -4.80 -9.95
N SER A 64 0.11 -4.06 -10.90
CA SER A 64 -0.40 -2.68 -11.14
C SER A 64 -1.90 -2.71 -11.49
N ASP A 65 -2.38 -3.84 -11.95
CA ASP A 65 -3.82 -3.93 -12.33
C ASP A 65 -4.73 -3.53 -11.16
N SER A 66 -4.60 -4.18 -10.04
CA SER A 66 -5.47 -3.83 -8.86
C SER A 66 -4.83 -2.69 -8.07
N LEU A 67 -3.82 -2.06 -8.60
CA LEU A 67 -3.15 -0.95 -7.88
C LEU A 67 -3.57 0.41 -8.45
N THR A 68 -3.91 1.32 -7.60
CA THR A 68 -4.31 2.68 -8.07
C THR A 68 -3.49 3.74 -7.33
N PRO A 69 -3.33 4.87 -7.95
CA PRO A 69 -2.54 5.95 -7.32
C PRO A 69 -3.33 6.58 -6.16
N LEU A 70 -2.74 6.66 -4.99
CA LEU A 70 -3.44 7.27 -3.83
C LEU A 70 -2.88 8.67 -3.57
N THR A 71 -3.71 9.68 -3.66
CA THR A 71 -3.20 11.06 -3.42
C THR A 71 -3.33 11.46 -1.95
N SER A 72 -2.57 12.43 -1.54
CA SER A 72 -2.65 12.88 -0.12
C SER A 72 -4.03 13.48 0.15
N GLU A 73 -4.55 14.23 -0.77
CA GLU A 73 -5.90 14.84 -0.57
C GLU A 73 -6.93 13.72 -0.38
N ALA A 74 -6.82 12.66 -1.13
CA ALA A 74 -7.79 11.54 -0.96
C ALA A 74 -7.60 10.89 0.41
N ILE A 75 -6.37 10.73 0.83
CA ILE A 75 -6.12 10.10 2.16
C ILE A 75 -6.84 10.92 3.25
N SER A 76 -6.63 12.19 3.28
CA SER A 76 -7.31 13.03 4.31
C SER A 76 -8.83 12.93 4.13
N GLN A 77 -9.29 12.89 2.91
CA GLN A 77 -10.75 12.78 2.68
C GLN A 77 -11.28 11.55 3.42
N PHE A 78 -10.58 10.46 3.33
CA PHE A 78 -11.03 9.24 4.05
C PHE A 78 -11.01 9.51 5.56
N LEU A 79 -9.96 10.11 6.04
CA LEU A 79 -9.88 10.42 7.50
C LEU A 79 -11.17 11.13 7.93
N GLU A 80 -11.60 12.10 7.17
CA GLU A 80 -12.86 12.80 7.55
C GLU A 80 -14.00 11.79 7.52
N LYS A 81 -14.02 10.97 6.51
CA LYS A 81 -15.08 9.92 6.41
C LYS A 81 -14.45 8.63 5.87
N PRO A 82 -14.35 7.65 6.73
CA PRO A 82 -13.78 6.35 6.36
C PRO A 82 -14.87 5.37 5.89
N LYS A 83 -14.58 4.56 4.91
CA LYS A 83 -15.61 3.59 4.43
C LYS A 83 -14.93 2.41 3.72
N PRO A 84 -15.35 1.20 4.05
CA PRO A 84 -16.43 1.00 5.06
C PRO A 84 -15.90 1.29 6.47
N LYS A 85 -16.57 0.84 7.49
CA LYS A 85 -16.07 1.10 8.86
C LYS A 85 -15.19 -0.05 9.35
N THR A 86 -13.94 -0.04 8.98
CA THR A 86 -13.00 -1.10 9.44
C THR A 86 -11.92 -0.45 10.30
N ALA A 87 -11.87 -0.78 11.56
CA ALA A 87 -10.84 -0.15 12.45
C ALA A 87 -9.45 -0.26 11.81
N SER A 88 -9.10 -1.40 11.27
CA SER A 88 -7.76 -1.56 10.66
C SER A 88 -7.56 -0.56 9.51
N LEU A 89 -8.51 -0.46 8.62
CA LEU A 89 -8.35 0.50 7.49
C LEU A 89 -8.19 1.92 8.03
N ILE A 90 -9.09 2.35 8.87
CA ILE A 90 -8.97 3.73 9.41
C ILE A 90 -7.56 3.93 9.97
N LYS A 91 -7.03 2.94 10.63
CA LYS A 91 -5.64 3.08 11.15
C LYS A 91 -4.69 3.07 9.96
N ALA A 92 -5.11 2.46 8.88
CA ALA A 92 -4.25 2.40 7.66
C ALA A 92 -4.11 3.80 7.06
N TYR A 93 -5.20 4.49 6.92
CA TYR A 93 -5.15 5.87 6.34
C TYR A 93 -4.56 6.84 7.35
N LYS A 94 -5.05 6.83 8.56
CA LYS A 94 -4.52 7.77 9.58
C LYS A 94 -3.00 7.59 9.72
N MET A 95 -2.52 6.38 9.63
CA MET A 95 -1.05 6.16 9.74
C MET A 95 -0.37 6.45 8.40
N ALA A 96 -0.97 6.03 7.31
CA ALA A 96 -0.36 6.30 5.98
C ALA A 96 -0.38 7.81 5.70
N GLN A 97 -1.32 8.50 6.28
CA GLN A 97 -1.40 9.97 6.07
C GLN A 97 -0.15 10.64 6.64
N SER A 98 0.28 10.20 7.80
CA SER A 98 1.50 10.80 8.41
C SER A 98 2.72 10.50 7.54
N THR A 99 2.81 9.31 7.02
CA THR A 99 3.97 8.95 6.15
C THR A 99 3.71 9.41 4.72
N PRO A 100 4.52 10.35 4.28
CA PRO A 100 4.38 10.88 2.91
C PRO A 100 4.84 9.84 1.88
N ASP A 101 6.04 9.36 2.01
CA ASP A 101 6.54 8.35 1.04
C ASP A 101 7.47 7.34 1.74
N LEU A 102 7.97 6.38 1.00
CA LEU A 102 8.87 5.37 1.61
C LEU A 102 10.08 6.03 2.25
N ASP A 103 10.53 7.14 1.71
CA ASP A 103 11.70 7.83 2.29
C ASP A 103 11.43 8.20 3.76
N SER A 104 10.20 8.37 4.12
CA SER A 104 9.87 8.74 5.53
C SER A 104 9.52 7.48 6.34
N LEU A 105 9.19 6.42 5.66
CA LEU A 105 8.84 5.16 6.38
C LEU A 105 10.09 4.48 6.91
N SER A 106 9.95 3.58 7.84
CA SER A 106 11.14 2.88 8.41
C SER A 106 10.88 1.37 8.50
N VAL A 107 11.82 0.56 8.10
CA VAL A 107 11.62 -0.90 8.17
C VAL A 107 12.14 -1.44 9.52
N PRO A 108 11.32 -2.24 10.15
CA PRO A 108 11.69 -2.82 11.46
C PRO A 108 12.71 -3.94 11.28
N SER A 109 13.94 -3.60 10.99
CA SER A 109 14.98 -4.65 10.80
C SER A 109 15.45 -5.19 12.16
N SER A 2 -2.88 0.98 -22.86
CA SER A 2 -3.27 2.41 -22.80
C SER A 2 -3.66 2.80 -21.38
N GLU A 3 -4.08 1.85 -20.59
CA GLU A 3 -4.47 2.16 -19.18
C GLU A 3 -3.49 1.49 -18.21
N ARG A 4 -2.57 2.24 -17.68
CA ARG A 4 -1.59 1.65 -16.72
C ARG A 4 -0.90 2.78 -15.93
N VAL A 5 -0.82 2.65 -14.64
CA VAL A 5 -0.17 3.72 -13.83
C VAL A 5 1.27 3.31 -13.50
N ASN A 6 2.20 4.23 -13.62
CA ASN A 6 3.61 3.89 -13.29
C ASN A 6 3.88 4.22 -11.83
N TYR A 7 3.90 3.23 -10.98
CA TYR A 7 4.14 3.48 -9.53
C TYR A 7 5.64 3.45 -9.20
N LYS A 8 6.05 4.27 -8.28
CA LYS A 8 7.49 4.31 -7.88
C LYS A 8 7.64 3.87 -6.43
N PRO A 9 8.84 3.50 -6.08
CA PRO A 9 9.12 3.05 -4.70
C PRO A 9 8.99 4.22 -3.74
N GLY A 10 8.07 4.16 -2.82
CA GLY A 10 7.89 5.28 -1.87
C GLY A 10 6.63 6.08 -2.24
N MET A 11 5.97 5.69 -3.31
CA MET A 11 4.74 6.43 -3.71
C MET A 11 3.52 5.83 -2.99
N ARG A 12 2.68 6.66 -2.44
CA ARG A 12 1.48 6.13 -1.73
C ARG A 12 0.42 5.66 -2.73
N VAL A 13 0.09 4.40 -2.71
CA VAL A 13 -0.95 3.91 -3.66
C VAL A 13 -2.03 3.12 -2.91
N LEU A 14 -3.12 2.86 -3.56
CA LEU A 14 -4.22 2.09 -2.91
C LEU A 14 -4.23 0.68 -3.50
N THR A 15 -4.00 -0.31 -2.69
CA THR A 15 -3.96 -1.71 -3.21
C THR A 15 -5.29 -2.42 -2.98
N LYS A 16 -6.00 -2.74 -4.03
CA LYS A 16 -7.29 -3.47 -3.88
C LYS A 16 -7.02 -4.96 -3.70
N MET A 17 -7.66 -5.61 -2.75
CA MET A 17 -7.39 -7.07 -2.59
C MET A 17 -8.72 -7.84 -2.55
N SER A 18 -8.70 -9.11 -2.82
CA SER A 18 -9.95 -9.91 -2.80
C SER A 18 -10.67 -9.75 -1.47
N GLY A 19 -11.91 -9.33 -1.49
CA GLY A 19 -12.66 -9.16 -0.22
C GLY A 19 -12.01 -8.05 0.60
N PHE A 20 -11.23 -7.21 -0.05
CA PHE A 20 -10.55 -6.11 0.68
C PHE A 20 -10.67 -4.81 -0.10
N PRO A 21 -11.20 -3.81 0.55
CA PRO A 21 -11.35 -2.48 -0.07
C PRO A 21 -9.97 -1.90 -0.34
N TRP A 22 -9.85 -0.96 -1.24
CA TRP A 22 -8.51 -0.40 -1.53
C TRP A 22 -7.83 -0.02 -0.21
N TRP A 23 -6.67 -0.54 0.02
CA TRP A 23 -5.95 -0.22 1.30
C TRP A 23 -4.78 0.70 1.04
N PRO A 24 -4.61 1.64 1.94
CA PRO A 24 -3.50 2.61 1.82
C PRO A 24 -2.15 1.91 1.99
N SER A 25 -1.47 1.69 0.90
CA SER A 25 -0.15 1.01 0.96
C SER A 25 0.83 1.72 0.02
N MET A 26 2.08 1.72 0.33
CA MET A 26 3.07 2.40 -0.55
C MET A 26 3.87 1.38 -1.35
N VAL A 27 4.28 1.72 -2.54
CA VAL A 27 5.07 0.77 -3.37
C VAL A 27 6.49 0.66 -2.80
N VAL A 28 6.85 -0.49 -2.31
CA VAL A 28 8.21 -0.67 -1.75
C VAL A 28 9.00 -1.70 -2.57
N THR A 29 10.13 -2.13 -2.07
CA THR A 29 10.93 -3.14 -2.83
C THR A 29 11.25 -4.34 -1.93
N GLU A 30 11.74 -5.41 -2.49
CA GLU A 30 12.07 -6.61 -1.67
C GLU A 30 13.05 -6.24 -0.56
N SER A 31 13.73 -5.12 -0.69
CA SER A 31 14.71 -4.72 0.36
C SER A 31 13.98 -4.03 1.51
N LYS A 32 12.76 -3.61 1.30
CA LYS A 32 12.00 -2.92 2.39
C LYS A 32 11.06 -3.91 3.09
N MET A 33 10.57 -4.89 2.37
CA MET A 33 9.65 -5.88 3.00
C MET A 33 10.46 -6.98 3.70
N THR A 34 10.03 -7.39 4.86
CA THR A 34 10.78 -8.45 5.61
C THR A 34 10.54 -9.81 4.97
N SER A 35 10.91 -10.87 5.64
CA SER A 35 10.69 -12.23 5.07
C SER A 35 9.19 -12.53 5.07
N VAL A 36 8.45 -11.93 5.95
CA VAL A 36 6.99 -12.17 5.99
C VAL A 36 6.38 -11.89 4.61
N ALA A 37 6.71 -10.77 4.03
CA ALA A 37 6.17 -10.44 2.69
C ALA A 37 6.88 -11.27 1.62
N ARG A 38 8.16 -11.43 1.73
CA ARG A 38 8.90 -12.23 0.73
C ARG A 38 8.27 -13.62 0.59
N LYS A 39 7.73 -14.14 1.65
CA LYS A 39 7.10 -15.48 1.59
C LYS A 39 5.85 -15.44 0.71
N SER A 40 5.21 -14.30 0.62
CA SER A 40 3.99 -14.19 -0.23
C SER A 40 4.36 -13.68 -1.62
N LYS A 41 5.62 -13.38 -1.83
CA LYS A 41 6.05 -12.88 -3.16
C LYS A 41 5.53 -13.80 -4.27
N PRO A 42 4.65 -13.26 -5.08
CA PRO A 42 4.06 -14.05 -6.18
C PRO A 42 5.08 -14.31 -7.28
N LYS A 43 5.06 -15.50 -7.83
CA LYS A 43 6.02 -15.83 -8.92
C LYS A 43 5.26 -16.04 -10.23
N ARG A 44 4.05 -15.55 -10.28
CA ARG A 44 3.24 -15.71 -11.52
C ARG A 44 3.65 -14.70 -12.57
N ALA A 45 3.08 -14.78 -13.75
CA ALA A 45 3.45 -13.83 -14.83
C ALA A 45 3.04 -12.40 -14.45
N GLY A 46 3.79 -11.43 -14.91
CA GLY A 46 3.45 -10.02 -14.57
C GLY A 46 4.32 -9.55 -13.41
N THR A 47 4.92 -8.41 -13.51
CA THR A 47 5.78 -7.92 -12.40
C THR A 47 4.90 -7.37 -11.28
N PHE A 48 4.93 -8.00 -10.14
CA PHE A 48 4.08 -7.53 -9.01
C PHE A 48 4.84 -6.51 -8.15
N TYR A 49 4.14 -5.52 -7.67
CA TYR A 49 4.81 -4.48 -6.83
C TYR A 49 4.64 -4.79 -5.35
N PRO A 50 5.74 -5.00 -4.68
CA PRO A 50 5.69 -5.27 -3.23
C PRO A 50 5.41 -3.94 -2.51
N VAL A 51 4.33 -3.84 -1.79
CA VAL A 51 4.02 -2.54 -1.11
C VAL A 51 3.96 -2.71 0.40
N ILE A 52 3.95 -1.60 1.11
CA ILE A 52 3.83 -1.68 2.58
C ILE A 52 2.40 -1.28 2.93
N PHE A 53 1.71 -2.09 3.69
CA PHE A 53 0.30 -1.76 4.03
C PHE A 53 0.23 -1.00 5.35
N PHE A 54 -0.64 -0.02 5.43
CA PHE A 54 -0.77 0.76 6.70
C PHE A 54 -1.97 0.23 7.50
N PRO A 55 -1.94 0.44 8.80
CA PRO A 55 -0.81 1.13 9.45
C PRO A 55 0.20 0.12 10.02
N ASN A 56 -0.05 -1.15 9.85
CA ASN A 56 0.89 -2.17 10.40
C ASN A 56 2.08 -2.41 9.48
N LYS A 57 2.50 -1.40 8.73
CA LYS A 57 3.67 -1.59 7.82
C LYS A 57 3.63 -2.97 7.17
N GLU A 58 2.45 -3.51 6.99
CA GLU A 58 2.35 -4.87 6.36
C GLU A 58 3.03 -4.85 4.99
N TYR A 59 3.02 -5.96 4.31
CA TYR A 59 3.66 -6.01 2.97
C TYR A 59 2.82 -6.88 2.03
N LEU A 60 2.48 -6.36 0.88
CA LEU A 60 1.65 -7.17 -0.07
C LEU A 60 2.20 -7.07 -1.50
N TRP A 61 2.10 -8.12 -2.24
CA TRP A 61 2.59 -8.11 -3.65
C TRP A 61 1.39 -7.92 -4.58
N THR A 62 1.19 -6.72 -5.09
CA THR A 62 0.04 -6.47 -5.98
C THR A 62 0.51 -5.96 -7.35
N GLY A 63 -0.15 -6.35 -8.41
CA GLY A 63 0.27 -5.89 -9.76
C GLY A 63 -0.28 -4.49 -10.02
N SER A 64 0.36 -3.75 -10.87
CA SER A 64 -0.12 -2.37 -11.19
C SER A 64 -1.61 -2.39 -11.51
N ASP A 65 -2.09 -3.48 -12.06
CA ASP A 65 -3.55 -3.57 -12.41
C ASP A 65 -4.42 -3.32 -11.18
N SER A 66 -4.23 -4.08 -10.14
CA SER A 66 -5.05 -3.88 -8.92
C SER A 66 -4.47 -2.75 -8.07
N LEU A 67 -3.52 -2.03 -8.60
CA LEU A 67 -2.91 -0.90 -7.83
C LEU A 67 -3.38 0.44 -8.39
N THR A 68 -3.80 1.32 -7.52
CA THR A 68 -4.25 2.66 -7.97
C THR A 68 -3.45 3.74 -7.23
N PRO A 69 -3.31 4.88 -7.85
CA PRO A 69 -2.55 5.98 -7.22
C PRO A 69 -3.34 6.55 -6.03
N LEU A 70 -2.70 6.67 -4.89
CA LEU A 70 -3.41 7.22 -3.69
C LEU A 70 -2.81 8.58 -3.34
N THR A 71 -3.57 9.64 -3.55
CA THR A 71 -3.04 11.00 -3.24
C THR A 71 -3.38 11.39 -1.80
N SER A 72 -2.70 12.38 -1.29
CA SER A 72 -2.99 12.84 0.11
C SER A 72 -4.41 13.38 0.18
N GLU A 73 -4.85 14.02 -0.88
CA GLU A 73 -6.24 14.57 -0.89
C GLU A 73 -7.25 13.43 -0.70
N ALA A 74 -7.16 12.42 -1.53
CA ALA A 74 -8.10 11.27 -1.40
C ALA A 74 -7.99 10.69 0.01
N ILE A 75 -6.78 10.56 0.50
CA ILE A 75 -6.60 10.00 1.86
C ILE A 75 -7.33 10.88 2.88
N SER A 76 -7.08 12.17 2.85
CA SER A 76 -7.78 13.06 3.80
C SER A 76 -9.29 12.87 3.66
N GLN A 77 -9.78 12.79 2.45
CA GLN A 77 -11.24 12.59 2.25
C GLN A 77 -11.67 11.35 3.04
N PHE A 78 -10.88 10.31 3.01
CA PHE A 78 -11.25 9.10 3.78
C PHE A 78 -11.19 9.41 5.28
N LEU A 79 -10.16 10.10 5.71
CA LEU A 79 -10.05 10.43 7.16
C LEU A 79 -11.34 11.09 7.62
N GLU A 80 -11.85 12.03 6.86
CA GLU A 80 -13.14 12.67 7.26
C GLU A 80 -14.23 11.60 7.26
N LYS A 81 -14.23 10.76 6.25
CA LYS A 81 -15.24 9.67 6.19
C LYS A 81 -14.56 8.39 5.67
N PRO A 82 -14.41 7.45 6.57
CA PRO A 82 -13.78 6.16 6.22
C PRO A 82 -14.85 5.10 5.87
N LYS A 83 -14.52 4.17 5.02
CA LYS A 83 -15.51 3.13 4.64
C LYS A 83 -14.80 1.87 4.12
N PRO A 84 -15.18 0.72 4.63
CA PRO A 84 -16.24 0.63 5.66
C PRO A 84 -15.68 1.02 7.03
N LYS A 85 -16.31 0.60 8.09
CA LYS A 85 -15.77 0.96 9.43
C LYS A 85 -14.79 -0.12 9.92
N THR A 86 -13.57 -0.04 9.48
CA THR A 86 -12.54 -1.03 9.93
C THR A 86 -11.44 -0.31 10.69
N ALA A 87 -11.32 -0.54 11.96
CA ALA A 87 -10.28 0.16 12.75
C ALA A 87 -8.90 0.05 12.08
N SER A 88 -8.64 -1.04 11.41
CA SER A 88 -7.32 -1.20 10.75
C SER A 88 -7.19 -0.28 9.53
N LEU A 89 -8.19 -0.24 8.68
CA LEU A 89 -8.08 0.65 7.49
C LEU A 89 -8.08 2.10 7.96
N ILE A 90 -9.01 2.47 8.79
CA ILE A 90 -9.05 3.87 9.27
C ILE A 90 -7.68 4.21 9.85
N LYS A 91 -7.10 3.29 10.57
CA LYS A 91 -5.75 3.55 11.12
C LYS A 91 -4.75 3.52 9.96
N ALA A 92 -5.08 2.82 8.91
CA ALA A 92 -4.18 2.75 7.73
C ALA A 92 -4.12 4.11 7.03
N TYR A 93 -5.24 4.77 6.91
CA TYR A 93 -5.26 6.10 6.24
C TYR A 93 -4.69 7.18 7.17
N LYS A 94 -5.02 7.13 8.43
CA LYS A 94 -4.50 8.15 9.38
C LYS A 94 -2.98 7.98 9.52
N MET A 95 -2.51 6.76 9.51
CA MET A 95 -1.04 6.54 9.63
C MET A 95 -0.38 6.71 8.27
N ALA A 96 -1.00 6.19 7.23
CA ALA A 96 -0.41 6.34 5.86
C ALA A 96 -0.47 7.80 5.46
N GLN A 97 -1.47 8.50 5.92
CA GLN A 97 -1.60 9.95 5.59
C GLN A 97 -0.43 10.71 6.21
N SER A 98 0.09 10.23 7.30
CA SER A 98 1.24 10.92 7.96
C SER A 98 2.53 10.53 7.25
N THR A 99 2.68 9.29 6.88
CA THR A 99 3.92 8.85 6.18
C THR A 99 3.86 9.29 4.72
N PRO A 100 4.80 10.12 4.34
CA PRO A 100 4.84 10.64 2.95
C PRO A 100 5.25 9.55 1.96
N ASP A 101 6.45 9.04 2.06
CA ASP A 101 6.89 7.99 1.10
C ASP A 101 7.62 6.85 1.81
N LEU A 102 8.39 6.10 1.08
CA LEU A 102 9.15 4.97 1.68
C LEU A 102 10.34 5.50 2.47
N ASP A 103 11.00 6.50 1.96
CA ASP A 103 12.18 7.07 2.68
C ASP A 103 11.78 7.54 4.07
N SER A 104 10.50 7.74 4.29
CA SER A 104 10.04 8.19 5.64
C SER A 104 9.69 6.98 6.50
N LEU A 105 9.35 5.88 5.88
CA LEU A 105 9.00 4.66 6.67
C LEU A 105 10.26 4.03 7.25
N SER A 106 10.11 3.18 8.22
CA SER A 106 11.31 2.52 8.82
C SER A 106 11.03 1.03 9.04
N VAL A 107 11.54 0.18 8.19
CA VAL A 107 11.31 -1.28 8.34
C VAL A 107 12.31 -1.87 9.35
N PRO A 108 11.78 -2.46 10.38
CA PRO A 108 12.63 -3.08 11.43
C PRO A 108 13.24 -4.38 10.92
N SER A 109 14.09 -4.32 9.94
CA SER A 109 14.72 -5.55 9.41
C SER A 109 16.07 -5.80 10.10
N SER A 2 -4.27 6.24 -22.74
CA SER A 2 -4.35 5.05 -21.84
C SER A 2 -4.07 5.46 -20.39
N GLU A 3 -4.72 4.83 -19.45
CA GLU A 3 -4.49 5.18 -18.02
C GLU A 3 -3.45 4.24 -17.41
N ARG A 4 -2.50 4.76 -16.68
CA ARG A 4 -1.47 3.88 -16.07
C ARG A 4 -0.43 4.72 -15.31
N VAL A 5 -0.41 4.61 -14.01
CA VAL A 5 0.59 5.39 -13.23
C VAL A 5 1.85 4.56 -13.00
N ASN A 6 2.99 5.03 -13.43
CA ASN A 6 4.23 4.24 -13.18
C ASN A 6 4.55 4.36 -11.70
N TYR A 7 4.20 3.36 -10.95
CA TYR A 7 4.42 3.41 -9.48
C TYR A 7 5.92 3.30 -9.14
N LYS A 8 6.42 4.27 -8.45
CA LYS A 8 7.86 4.27 -8.05
C LYS A 8 7.97 3.88 -6.56
N PRO A 9 9.14 3.49 -6.17
CA PRO A 9 9.38 3.07 -4.76
C PRO A 9 9.18 4.26 -3.81
N GLY A 10 8.20 4.16 -2.94
CA GLY A 10 7.95 5.27 -1.98
C GLY A 10 6.72 6.07 -2.43
N MET A 11 6.13 5.70 -3.54
CA MET A 11 4.91 6.44 -4.00
C MET A 11 3.68 5.86 -3.33
N ARG A 12 2.92 6.67 -2.64
CA ARG A 12 1.71 6.16 -1.95
C ARG A 12 0.60 5.82 -2.95
N VAL A 13 0.24 4.58 -3.02
CA VAL A 13 -0.84 4.17 -3.96
C VAL A 13 -1.91 3.39 -3.21
N LEU A 14 -3.03 3.12 -3.85
CA LEU A 14 -4.10 2.35 -3.18
C LEU A 14 -4.12 0.93 -3.74
N THR A 15 -4.04 -0.06 -2.91
CA THR A 15 -4.04 -1.46 -3.40
C THR A 15 -5.39 -2.13 -3.19
N LYS A 16 -6.11 -2.34 -4.24
CA LYS A 16 -7.45 -3.00 -4.13
C LYS A 16 -7.25 -4.48 -3.82
N MET A 17 -7.97 -5.03 -2.87
CA MET A 17 -7.79 -6.48 -2.57
C MET A 17 -9.13 -7.21 -2.73
N SER A 18 -9.10 -8.51 -2.94
CA SER A 18 -10.38 -9.26 -3.13
C SER A 18 -11.34 -9.02 -1.96
N GLY A 19 -12.52 -8.54 -2.25
CA GLY A 19 -13.51 -8.29 -1.15
C GLY A 19 -12.97 -7.20 -0.23
N PHE A 20 -11.94 -6.51 -0.67
CA PHE A 20 -11.34 -5.44 0.16
C PHE A 20 -11.22 -4.12 -0.62
N PRO A 21 -11.62 -3.07 0.04
CA PRO A 21 -11.55 -1.70 -0.57
C PRO A 21 -10.09 -1.30 -0.79
N TRP A 22 -9.86 -0.37 -1.69
CA TRP A 22 -8.45 0.06 -1.94
C TRP A 22 -7.77 0.39 -0.62
N TRP A 23 -6.65 -0.23 -0.35
CA TRP A 23 -5.95 0.05 0.94
C TRP A 23 -4.77 0.99 0.71
N PRO A 24 -4.55 1.85 1.66
CA PRO A 24 -3.43 2.79 1.58
C PRO A 24 -2.11 2.03 1.66
N SER A 25 -1.43 1.90 0.55
CA SER A 25 -0.15 1.15 0.54
C SER A 25 0.86 1.89 -0.35
N MET A 26 2.13 1.75 -0.08
CA MET A 26 3.14 2.44 -0.93
C MET A 26 3.95 1.42 -1.72
N VAL A 27 4.33 1.75 -2.93
CA VAL A 27 5.12 0.77 -3.74
C VAL A 27 6.54 0.67 -3.18
N VAL A 28 6.95 -0.50 -2.77
CA VAL A 28 8.33 -0.67 -2.20
C VAL A 28 9.09 -1.74 -2.99
N THR A 29 10.21 -2.16 -2.46
CA THR A 29 11.02 -3.21 -3.16
C THR A 29 11.48 -4.26 -2.15
N GLU A 30 11.76 -5.46 -2.60
CA GLU A 30 12.21 -6.53 -1.66
C GLU A 30 13.40 -6.03 -0.83
N SER A 31 14.08 -5.01 -1.28
CA SER A 31 15.24 -4.50 -0.51
C SER A 31 14.81 -4.05 0.88
N LYS A 32 13.59 -3.60 1.03
CA LYS A 32 13.11 -3.14 2.37
C LYS A 32 12.15 -4.16 2.96
N MET A 33 11.87 -5.23 2.24
CA MET A 33 10.92 -6.25 2.77
C MET A 33 11.67 -7.30 3.60
N THR A 34 11.15 -7.64 4.74
CA THR A 34 11.82 -8.67 5.58
C THR A 34 11.46 -10.06 5.06
N SER A 35 11.47 -11.06 5.89
CA SER A 35 11.10 -12.43 5.41
C SER A 35 9.58 -12.56 5.35
N VAL A 36 8.88 -11.82 6.17
CA VAL A 36 7.39 -11.89 6.17
C VAL A 36 6.87 -11.42 4.80
N ALA A 37 7.32 -10.28 4.35
CA ALA A 37 6.87 -9.76 3.04
C ALA A 37 7.44 -10.65 1.92
N ARG A 38 8.64 -11.12 2.09
CA ARG A 38 9.26 -12.00 1.05
C ARG A 38 8.44 -13.28 0.91
N LYS A 39 7.95 -13.81 1.99
CA LYS A 39 7.13 -15.05 1.93
C LYS A 39 5.77 -14.75 1.29
N SER A 40 5.35 -13.51 1.31
CA SER A 40 4.04 -13.15 0.72
C SER A 40 4.17 -12.99 -0.80
N LYS A 41 5.37 -13.11 -1.32
CA LYS A 41 5.56 -12.97 -2.79
C LYS A 41 4.64 -13.93 -3.53
N PRO A 42 4.21 -13.51 -4.69
CA PRO A 42 3.29 -14.31 -5.52
C PRO A 42 4.08 -15.30 -6.39
N LYS A 43 3.56 -16.49 -6.57
CA LYS A 43 4.26 -17.49 -7.42
C LYS A 43 3.61 -17.54 -8.81
N ARG A 44 2.65 -16.67 -9.04
CA ARG A 44 1.97 -16.66 -10.37
C ARG A 44 2.83 -15.93 -11.40
N ALA A 45 2.39 -15.92 -12.63
CA ALA A 45 3.17 -15.24 -13.71
C ALA A 45 2.89 -13.73 -13.70
N GLY A 46 3.86 -12.95 -14.09
CA GLY A 46 3.66 -11.48 -14.11
C GLY A 46 4.51 -10.83 -13.03
N THR A 47 4.99 -9.65 -13.26
CA THR A 47 5.82 -8.97 -12.23
C THR A 47 4.92 -8.18 -11.28
N PHE A 48 4.74 -8.68 -10.09
CA PHE A 48 3.86 -7.97 -9.12
C PHE A 48 4.63 -6.89 -8.36
N TYR A 49 3.94 -5.90 -7.89
CA TYR A 49 4.62 -4.80 -7.15
C TYR A 49 4.52 -5.01 -5.65
N PRO A 50 5.66 -5.14 -5.02
CA PRO A 50 5.68 -5.30 -3.56
C PRO A 50 5.39 -3.94 -2.92
N VAL A 51 4.35 -3.82 -2.16
CA VAL A 51 4.04 -2.49 -1.54
C VAL A 51 3.98 -2.61 -0.03
N ILE A 52 3.95 -1.51 0.66
CA ILE A 52 3.83 -1.57 2.14
C ILE A 52 2.39 -1.22 2.51
N PHE A 53 1.75 -2.02 3.30
CA PHE A 53 0.34 -1.74 3.66
C PHE A 53 0.24 -1.01 4.99
N PHE A 54 -0.65 -0.05 5.07
CA PHE A 54 -0.82 0.69 6.36
C PHE A 54 -2.05 0.13 7.09
N PRO A 55 -1.97 0.05 8.39
CA PRO A 55 -0.75 0.44 9.13
C PRO A 55 0.17 -0.78 9.32
N ASN A 56 1.02 -0.75 10.31
CA ASN A 56 1.93 -1.92 10.54
C ASN A 56 2.85 -2.15 9.34
N LYS A 57 3.06 -1.16 8.54
CA LYS A 57 3.94 -1.29 7.33
C LYS A 57 3.92 -2.71 6.78
N GLU A 58 2.76 -3.31 6.64
CA GLU A 58 2.72 -4.70 6.10
C GLU A 58 3.30 -4.69 4.68
N TYR A 59 3.33 -5.80 4.02
CA TYR A 59 3.88 -5.82 2.64
C TYR A 59 3.02 -6.72 1.75
N LEU A 60 2.56 -6.21 0.63
CA LEU A 60 1.71 -7.04 -0.27
C LEU A 60 2.24 -7.02 -1.70
N TRP A 61 2.07 -8.10 -2.40
CA TRP A 61 2.53 -8.17 -3.80
C TRP A 61 1.33 -8.03 -4.74
N THR A 62 1.09 -6.84 -5.23
CA THR A 62 -0.09 -6.64 -6.13
C THR A 62 0.38 -6.14 -7.50
N GLY A 63 -0.26 -6.58 -8.55
CA GLY A 63 0.16 -6.14 -9.91
C GLY A 63 -0.28 -4.70 -10.14
N SER A 64 0.35 -4.02 -11.07
CA SER A 64 -0.03 -2.61 -11.35
C SER A 64 -1.53 -2.49 -11.64
N ASP A 65 -2.12 -3.54 -12.16
CA ASP A 65 -3.58 -3.49 -12.48
C ASP A 65 -4.41 -3.11 -11.25
N SER A 66 -4.29 -3.84 -10.18
CA SER A 66 -5.08 -3.52 -8.95
C SER A 66 -4.42 -2.38 -8.16
N LEU A 67 -3.44 -1.74 -8.75
CA LEU A 67 -2.75 -0.63 -8.03
C LEU A 67 -3.15 0.73 -8.61
N THR A 68 -3.52 1.66 -7.78
CA THR A 68 -3.91 3.01 -8.27
C THR A 68 -3.14 4.08 -7.51
N PRO A 69 -3.00 5.23 -8.10
CA PRO A 69 -2.27 6.34 -7.45
C PRO A 69 -3.09 6.92 -6.28
N LEU A 70 -2.49 7.04 -5.13
CA LEU A 70 -3.23 7.58 -3.95
C LEU A 70 -2.77 9.02 -3.68
N THR A 71 -3.67 9.87 -3.26
CA THR A 71 -3.30 11.28 -2.98
C THR A 71 -3.50 11.61 -1.50
N SER A 72 -2.76 12.56 -0.99
CA SER A 72 -2.94 12.94 0.44
C SER A 72 -4.35 13.47 0.66
N GLU A 73 -4.88 14.16 -0.32
CA GLU A 73 -6.25 14.71 -0.18
C GLU A 73 -7.24 13.55 -0.02
N ALA A 74 -7.18 12.59 -0.88
CA ALA A 74 -8.11 11.42 -0.77
C ALA A 74 -7.90 10.75 0.58
N ILE A 75 -6.68 10.70 1.04
CA ILE A 75 -6.41 10.06 2.36
C ILE A 75 -7.20 10.80 3.44
N SER A 76 -7.06 12.09 3.52
CA SER A 76 -7.80 12.88 4.54
C SER A 76 -9.31 12.71 4.33
N GLN A 77 -9.73 12.70 3.10
CA GLN A 77 -11.20 12.53 2.83
C GLN A 77 -11.68 11.25 3.53
N PHE A 78 -10.92 10.20 3.44
CA PHE A 78 -11.33 8.93 4.12
C PHE A 78 -11.31 9.13 5.63
N LEU A 79 -10.29 9.76 6.15
CA LEU A 79 -10.23 9.97 7.62
C LEU A 79 -11.55 10.59 8.08
N GLU A 80 -12.01 11.59 7.38
CA GLU A 80 -13.31 12.22 7.76
C GLU A 80 -14.41 11.17 7.64
N LYS A 81 -14.37 10.39 6.59
CA LYS A 81 -15.39 9.32 6.43
C LYS A 81 -14.74 8.05 5.86
N PRO A 82 -14.65 7.06 6.70
CA PRO A 82 -14.05 5.77 6.32
C PRO A 82 -15.14 4.77 5.88
N LYS A 83 -14.82 3.89 4.96
CA LYS A 83 -15.84 2.90 4.51
C LYS A 83 -15.16 1.67 3.90
N PRO A 84 -15.57 0.49 4.30
CA PRO A 84 -16.64 0.35 5.33
C PRO A 84 -16.09 0.70 6.71
N LYS A 85 -16.70 0.22 7.76
CA LYS A 85 -16.18 0.54 9.11
C LYS A 85 -15.18 -0.53 9.55
N THR A 86 -13.95 -0.42 9.12
CA THR A 86 -12.91 -1.42 9.53
C THR A 86 -11.82 -0.72 10.32
N ALA A 87 -11.73 -0.96 11.60
CA ALA A 87 -10.69 -0.30 12.42
C ALA A 87 -9.31 -0.46 11.75
N SER A 88 -9.12 -1.52 11.02
CA SER A 88 -7.79 -1.73 10.36
C SER A 88 -7.60 -0.73 9.22
N LEU A 89 -8.57 -0.58 8.35
CA LEU A 89 -8.40 0.39 7.23
C LEU A 89 -8.35 1.80 7.80
N ILE A 90 -9.22 2.10 8.73
CA ILE A 90 -9.20 3.47 9.31
C ILE A 90 -7.81 3.73 9.92
N LYS A 91 -7.23 2.72 10.51
CA LYS A 91 -5.87 2.91 11.08
C LYS A 91 -4.88 2.94 9.92
N ALA A 92 -5.23 2.33 8.82
CA ALA A 92 -4.33 2.34 7.64
C ALA A 92 -4.21 3.76 7.07
N TYR A 93 -5.32 4.41 6.88
CA TYR A 93 -5.26 5.81 6.34
C TYR A 93 -4.74 6.76 7.41
N LYS A 94 -5.23 6.64 8.61
CA LYS A 94 -4.75 7.55 9.69
C LYS A 94 -3.23 7.47 9.82
N MET A 95 -2.67 6.29 9.74
CA MET A 95 -1.19 6.16 9.86
C MET A 95 -0.52 6.46 8.52
N ALA A 96 -1.10 6.02 7.44
CA ALA A 96 -0.49 6.29 6.11
C ALA A 96 -0.55 7.80 5.82
N GLN A 97 -1.53 8.47 6.36
CA GLN A 97 -1.66 9.94 6.13
C GLN A 97 -0.43 10.66 6.72
N SER A 98 -0.03 10.28 7.90
CA SER A 98 1.16 10.94 8.52
C SER A 98 2.43 10.52 7.78
N THR A 99 2.39 9.40 7.10
CA THR A 99 3.58 8.93 6.37
C THR A 99 3.51 9.37 4.90
N PRO A 100 4.49 10.14 4.50
CA PRO A 100 4.54 10.65 3.11
C PRO A 100 4.94 9.54 2.13
N ASP A 101 6.22 9.28 1.99
CA ASP A 101 6.66 8.21 1.05
C ASP A 101 7.47 7.14 1.79
N LEU A 102 8.14 6.29 1.07
CA LEU A 102 8.95 5.21 1.71
C LEU A 102 10.19 5.81 2.37
N ASP A 103 10.63 6.96 1.92
CA ASP A 103 11.83 7.58 2.52
C ASP A 103 11.59 7.92 3.99
N SER A 104 10.36 7.84 4.43
CA SER A 104 10.07 8.17 5.87
C SER A 104 9.65 6.91 6.64
N LEU A 105 9.18 5.89 5.95
CA LEU A 105 8.76 4.66 6.66
C LEU A 105 9.93 4.09 7.47
N SER A 106 9.67 3.17 8.36
CA SER A 106 10.77 2.57 9.18
C SER A 106 11.52 1.49 8.40
N VAL A 107 12.82 1.52 8.43
CA VAL A 107 13.61 0.49 7.71
C VAL A 107 14.70 -0.07 8.64
N PRO A 108 14.68 -1.36 8.80
CA PRO A 108 15.69 -2.03 9.68
C PRO A 108 17.06 -2.06 9.00
N SER A 109 17.58 -0.92 8.63
CA SER A 109 18.92 -0.89 7.97
C SER A 109 18.98 -1.94 6.86
N SER A 2 -7.19 -2.37 -19.53
CA SER A 2 -6.31 -2.03 -20.68
C SER A 2 -5.44 -0.81 -20.34
N GLU A 3 -4.69 -0.88 -19.28
CA GLU A 3 -3.83 0.29 -18.91
C GLU A 3 -3.15 0.02 -17.55
N ARG A 4 -2.13 0.79 -17.24
CA ARG A 4 -1.42 0.60 -15.94
C ARG A 4 -0.73 1.89 -15.52
N VAL A 5 -0.93 2.31 -14.31
CA VAL A 5 -0.27 3.57 -13.85
C VAL A 5 1.18 3.29 -13.49
N ASN A 6 2.06 4.23 -13.72
CA ASN A 6 3.49 3.99 -13.39
C ASN A 6 3.73 4.29 -11.90
N TYR A 7 3.87 3.26 -11.11
CA TYR A 7 4.10 3.47 -9.65
C TYR A 7 5.60 3.44 -9.33
N LYS A 8 6.02 4.21 -8.36
CA LYS A 8 7.46 4.23 -7.99
C LYS A 8 7.62 3.81 -6.52
N PRO A 9 8.81 3.41 -6.19
CA PRO A 9 9.09 2.97 -4.80
C PRO A 9 8.95 4.15 -3.82
N GLY A 10 8.03 4.07 -2.91
CA GLY A 10 7.83 5.18 -1.94
C GLY A 10 6.59 5.99 -2.34
N MET A 11 5.92 5.59 -3.40
CA MET A 11 4.70 6.34 -3.82
C MET A 11 3.45 5.78 -3.12
N ARG A 12 2.65 6.65 -2.58
CA ARG A 12 1.41 6.18 -1.88
C ARG A 12 0.39 5.66 -2.89
N VAL A 13 0.02 4.43 -2.79
CA VAL A 13 -0.98 3.88 -3.75
C VAL A 13 -2.07 3.11 -3.02
N LEU A 14 -3.17 2.87 -3.67
CA LEU A 14 -4.28 2.13 -3.02
C LEU A 14 -4.32 0.71 -3.60
N THR A 15 -4.14 -0.28 -2.78
CA THR A 15 -4.15 -1.68 -3.28
C THR A 15 -5.50 -2.34 -3.03
N LYS A 16 -6.22 -2.65 -4.07
CA LYS A 16 -7.55 -3.30 -3.92
C LYS A 16 -7.38 -4.80 -3.71
N MET A 17 -8.12 -5.40 -2.79
CA MET A 17 -7.97 -6.87 -2.59
C MET A 17 -9.35 -7.54 -2.59
N SER A 18 -9.41 -8.82 -2.87
CA SER A 18 -10.72 -9.52 -2.89
C SER A 18 -11.48 -9.30 -1.58
N GLY A 19 -12.68 -8.78 -1.65
CA GLY A 19 -13.46 -8.54 -0.41
C GLY A 19 -12.76 -7.47 0.43
N PHE A 20 -11.90 -6.72 -0.18
CA PHE A 20 -11.16 -5.67 0.57
C PHE A 20 -11.15 -4.36 -0.21
N PRO A 21 -11.61 -3.32 0.43
CA PRO A 21 -11.63 -1.97 -0.20
C PRO A 21 -10.20 -1.50 -0.46
N TRP A 22 -10.01 -0.59 -1.36
CA TRP A 22 -8.62 -0.13 -1.63
C TRP A 22 -7.93 0.22 -0.31
N TRP A 23 -6.81 -0.37 -0.05
CA TRP A 23 -6.10 -0.09 1.23
C TRP A 23 -4.90 0.81 0.97
N PRO A 24 -4.67 1.71 1.89
CA PRO A 24 -3.53 2.63 1.78
C PRO A 24 -2.22 1.85 1.86
N SER A 25 -1.54 1.71 0.75
CA SER A 25 -0.27 0.96 0.72
C SER A 25 0.73 1.70 -0.18
N MET A 26 1.99 1.63 0.11
CA MET A 26 2.99 2.33 -0.75
C MET A 26 3.81 1.31 -1.53
N VAL A 27 4.23 1.64 -2.71
CA VAL A 27 5.04 0.67 -3.50
C VAL A 27 6.45 0.58 -2.88
N VAL A 28 6.78 -0.53 -2.26
CA VAL A 28 8.12 -0.67 -1.64
C VAL A 28 8.98 -1.66 -2.45
N THR A 29 10.10 -2.06 -1.90
CA THR A 29 10.97 -3.02 -2.63
C THR A 29 11.45 -4.13 -1.68
N GLU A 30 11.91 -5.23 -2.21
CA GLU A 30 12.37 -6.34 -1.35
C GLU A 30 13.36 -5.82 -0.30
N SER A 31 13.97 -4.69 -0.56
CA SER A 31 14.94 -4.12 0.42
C SER A 31 14.19 -3.54 1.63
N LYS A 32 12.96 -3.17 1.45
CA LYS A 32 12.18 -2.61 2.59
C LYS A 32 11.33 -3.70 3.25
N MET A 33 11.37 -4.90 2.72
CA MET A 33 10.56 -6.00 3.31
C MET A 33 11.47 -7.01 4.01
N THR A 34 11.12 -7.45 5.18
CA THR A 34 11.97 -8.44 5.90
C THR A 34 11.85 -9.80 5.20
N SER A 35 11.65 -10.85 5.96
CA SER A 35 11.52 -12.19 5.32
C SER A 35 10.04 -12.58 5.20
N VAL A 36 9.20 -11.99 5.99
CA VAL A 36 7.75 -12.32 5.93
C VAL A 36 7.18 -11.97 4.54
N ALA A 37 7.38 -10.77 4.08
CA ALA A 37 6.84 -10.38 2.75
C ALA A 37 7.50 -11.22 1.65
N ARG A 38 8.73 -11.60 1.83
CA ARG A 38 9.43 -12.42 0.80
C ARG A 38 8.79 -13.80 0.71
N LYS A 39 8.21 -14.27 1.78
CA LYS A 39 7.58 -15.62 1.76
C LYS A 39 6.28 -15.58 0.93
N SER A 40 5.65 -14.45 0.86
CA SER A 40 4.38 -14.37 0.07
C SER A 40 4.65 -13.79 -1.32
N LYS A 41 5.89 -13.53 -1.63
CA LYS A 41 6.21 -12.97 -2.98
C LYS A 41 5.66 -13.90 -4.08
N PRO A 42 4.76 -13.37 -4.84
CA PRO A 42 4.14 -14.15 -5.95
C PRO A 42 5.12 -14.31 -7.12
N LYS A 43 5.13 -15.44 -7.74
CA LYS A 43 6.05 -15.66 -8.89
C LYS A 43 5.25 -16.07 -10.12
N ARG A 44 4.12 -15.44 -10.32
CA ARG A 44 3.27 -15.79 -11.50
C ARG A 44 3.44 -14.75 -12.61
N ALA A 45 2.84 -14.99 -13.74
CA ALA A 45 2.96 -14.03 -14.89
C ALA A 45 2.53 -12.62 -14.44
N GLY A 46 3.13 -11.62 -15.01
CA GLY A 46 2.77 -10.22 -14.64
C GLY A 46 3.72 -9.72 -13.55
N THR A 47 4.23 -8.52 -13.70
CA THR A 47 5.16 -7.98 -12.68
C THR A 47 4.38 -7.52 -11.45
N PHE A 48 4.64 -8.12 -10.32
CA PHE A 48 3.89 -7.71 -9.10
C PHE A 48 4.68 -6.67 -8.31
N TYR A 49 4.00 -5.74 -7.69
CA TYR A 49 4.70 -4.69 -6.90
C TYR A 49 4.59 -4.96 -5.40
N PRO A 50 5.72 -5.09 -4.75
CA PRO A 50 5.69 -5.31 -3.29
C PRO A 50 5.33 -3.98 -2.64
N VAL A 51 4.25 -3.92 -1.92
CA VAL A 51 3.85 -2.62 -1.30
C VAL A 51 3.80 -2.74 0.23
N ILE A 52 3.81 -1.63 0.91
CA ILE A 52 3.72 -1.69 2.38
C ILE A 52 2.30 -1.30 2.76
N PHE A 53 1.63 -2.10 3.53
CA PHE A 53 0.22 -1.79 3.89
C PHE A 53 0.16 -1.09 5.25
N PHE A 54 -0.69 -0.12 5.38
CA PHE A 54 -0.81 0.57 6.69
C PHE A 54 -2.03 0.01 7.45
N PRO A 55 -1.90 -0.13 8.74
CA PRO A 55 -0.66 0.20 9.46
C PRO A 55 0.21 -1.06 9.61
N ASN A 56 1.04 -1.11 10.62
CA ASN A 56 1.90 -2.32 10.86
C ASN A 56 2.82 -2.59 9.65
N LYS A 57 3.06 -1.60 8.83
CA LYS A 57 3.96 -1.78 7.66
C LYS A 57 3.83 -3.18 7.06
N GLU A 58 2.64 -3.65 6.83
CA GLU A 58 2.49 -5.01 6.22
C GLU A 58 3.08 -4.97 4.81
N TYR A 59 3.23 -6.10 4.16
CA TYR A 59 3.78 -6.09 2.80
C TYR A 59 2.93 -6.96 1.88
N LEU A 60 2.49 -6.42 0.77
CA LEU A 60 1.64 -7.22 -0.15
C LEU A 60 2.16 -7.13 -1.60
N TRP A 61 2.09 -8.22 -2.30
CA TRP A 61 2.55 -8.21 -3.72
C TRP A 61 1.33 -8.09 -4.64
N THR A 62 1.11 -6.93 -5.19
CA THR A 62 -0.08 -6.74 -6.08
C THR A 62 0.36 -6.24 -7.46
N GLY A 63 -0.30 -6.69 -8.49
CA GLY A 63 0.06 -6.26 -9.86
C GLY A 63 -0.44 -4.83 -10.09
N SER A 64 0.23 -4.08 -10.91
CA SER A 64 -0.21 -2.68 -11.17
C SER A 64 -1.71 -2.65 -11.52
N ASP A 65 -2.23 -3.73 -12.01
CA ASP A 65 -3.68 -3.78 -12.39
C ASP A 65 -4.57 -3.41 -11.19
N SER A 66 -4.46 -4.11 -10.10
CA SER A 66 -5.31 -3.81 -8.91
C SER A 66 -4.70 -2.66 -8.11
N LEU A 67 -3.72 -1.99 -8.66
CA LEU A 67 -3.08 -0.87 -7.93
C LEU A 67 -3.53 0.48 -8.49
N THR A 68 -3.87 1.40 -7.63
CA THR A 68 -4.29 2.75 -8.08
C THR A 68 -3.46 3.80 -7.35
N PRO A 69 -3.27 4.93 -7.96
CA PRO A 69 -2.48 6.01 -7.34
C PRO A 69 -3.24 6.63 -6.16
N LEU A 70 -2.60 6.70 -5.03
CA LEU A 70 -3.26 7.30 -3.82
C LEU A 70 -2.55 8.60 -3.45
N THR A 71 -3.22 9.71 -3.60
CA THR A 71 -2.57 11.02 -3.25
C THR A 71 -2.83 11.40 -1.80
N SER A 72 -2.14 12.38 -1.31
CA SER A 72 -2.34 12.81 0.10
C SER A 72 -3.76 13.33 0.28
N GLU A 73 -4.24 14.08 -0.67
CA GLU A 73 -5.63 14.61 -0.58
C GLU A 73 -6.60 13.43 -0.45
N ALA A 74 -6.43 12.44 -1.27
CA ALA A 74 -7.34 11.25 -1.20
C ALA A 74 -7.28 10.65 0.20
N ILE A 75 -6.10 10.44 0.71
CA ILE A 75 -5.99 9.87 2.08
C ILE A 75 -6.79 10.71 3.07
N SER A 76 -6.57 12.00 3.07
CA SER A 76 -7.33 12.88 4.00
C SER A 76 -8.83 12.75 3.74
N GLN A 77 -9.21 12.65 2.49
CA GLN A 77 -10.66 12.51 2.19
C GLN A 77 -11.22 11.31 2.95
N PHE A 78 -10.52 10.20 2.93
CA PHE A 78 -11.01 9.01 3.68
C PHE A 78 -11.07 9.35 5.17
N LEU A 79 -10.05 9.97 5.69
CA LEU A 79 -10.06 10.31 7.15
C LEU A 79 -11.36 11.02 7.49
N GLU A 80 -11.76 11.97 6.68
CA GLU A 80 -13.05 12.66 6.96
C GLU A 80 -14.18 11.63 6.92
N LYS A 81 -14.14 10.76 5.95
CA LYS A 81 -15.18 9.70 5.85
C LYS A 81 -14.53 8.37 5.43
N PRO A 82 -14.47 7.46 6.36
CA PRO A 82 -13.88 6.14 6.10
C PRO A 82 -14.96 5.13 5.68
N LYS A 83 -14.61 4.21 4.81
CA LYS A 83 -15.62 3.20 4.36
C LYS A 83 -14.91 1.94 3.84
N PRO A 84 -15.34 0.78 4.30
CA PRO A 84 -16.45 0.70 5.28
C PRO A 84 -15.94 1.05 6.68
N LYS A 85 -16.62 0.62 7.72
CA LYS A 85 -16.13 0.94 9.08
C LYS A 85 -15.15 -0.14 9.57
N THR A 86 -13.92 -0.02 9.18
CA THR A 86 -12.89 -1.01 9.63
C THR A 86 -11.83 -0.30 10.46
N ALA A 87 -11.79 -0.55 11.74
CA ALA A 87 -10.78 0.12 12.61
C ALA A 87 -9.38 -0.03 12.00
N SER A 88 -9.11 -1.14 11.38
CA SER A 88 -7.76 -1.34 10.77
C SER A 88 -7.53 -0.37 9.61
N LEU A 89 -8.47 -0.26 8.71
CA LEU A 89 -8.28 0.68 7.56
C LEU A 89 -8.18 2.10 8.09
N ILE A 90 -9.10 2.51 8.91
CA ILE A 90 -9.02 3.89 9.44
C ILE A 90 -7.65 4.10 10.06
N LYS A 91 -7.11 3.10 10.70
CA LYS A 91 -5.75 3.23 11.29
C LYS A 91 -4.73 3.20 10.15
N ALA A 92 -5.11 2.56 9.06
CA ALA A 92 -4.20 2.47 7.89
C ALA A 92 -4.08 3.85 7.23
N TYR A 93 -5.19 4.48 6.99
CA TYR A 93 -5.16 5.83 6.36
C TYR A 93 -4.65 6.86 7.36
N LYS A 94 -5.16 6.83 8.56
CA LYS A 94 -4.69 7.80 9.58
C LYS A 94 -3.17 7.70 9.76
N MET A 95 -2.65 6.51 9.77
CA MET A 95 -1.17 6.35 9.92
C MET A 95 -0.47 6.59 8.58
N ALA A 96 -1.04 6.08 7.51
CA ALA A 96 -0.41 6.29 6.18
C ALA A 96 -0.41 7.79 5.85
N GLN A 97 -1.39 8.50 6.36
CA GLN A 97 -1.46 9.96 6.09
C GLN A 97 -0.20 10.64 6.61
N SER A 98 0.21 10.33 7.81
CA SER A 98 1.44 10.96 8.37
C SER A 98 2.65 10.62 7.50
N THR A 99 2.75 9.40 7.06
CA THR A 99 3.90 9.00 6.20
C THR A 99 3.67 9.48 4.76
N PRO A 100 4.48 10.42 4.36
CA PRO A 100 4.38 10.98 2.99
C PRO A 100 4.90 9.98 1.96
N ASP A 101 5.96 9.28 2.27
CA ASP A 101 6.51 8.29 1.31
C ASP A 101 7.43 7.29 2.01
N LEU A 102 7.84 6.26 1.33
CA LEU A 102 8.74 5.24 1.95
C LEU A 102 9.96 5.93 2.55
N ASP A 103 10.39 7.01 1.98
CA ASP A 103 11.58 7.72 2.52
C ASP A 103 11.38 8.04 4.01
N SER A 104 10.15 8.10 4.45
CA SER A 104 9.89 8.41 5.88
C SER A 104 9.49 7.14 6.64
N LEU A 105 8.96 6.17 5.95
CA LEU A 105 8.56 4.90 6.63
C LEU A 105 9.77 4.30 7.38
N SER A 106 9.52 3.36 8.25
CA SER A 106 10.64 2.74 9.01
C SER A 106 10.64 1.22 8.80
N VAL A 107 11.69 0.70 8.22
CA VAL A 107 11.76 -0.77 8.00
C VAL A 107 12.12 -1.48 9.30
N PRO A 108 11.52 -2.63 9.49
CA PRO A 108 11.79 -3.43 10.71
C PRO A 108 13.17 -4.08 10.63
N SER A 109 13.30 -5.14 9.90
CA SER A 109 14.62 -5.82 9.77
C SER A 109 15.39 -5.27 8.56
N SER A 2 -6.32 -0.68 -21.44
CA SER A 2 -4.96 -0.07 -21.32
C SER A 2 -4.88 0.82 -20.07
N GLU A 3 -4.69 0.22 -18.92
CA GLU A 3 -4.61 1.03 -17.67
C GLU A 3 -3.37 0.64 -16.86
N ARG A 4 -2.23 1.19 -17.19
CA ARG A 4 -0.99 0.84 -16.44
C ARG A 4 -0.37 2.10 -15.82
N VAL A 5 -0.27 2.16 -14.52
CA VAL A 5 0.32 3.36 -13.88
C VAL A 5 1.77 3.10 -13.50
N ASN A 6 2.60 4.10 -13.56
CA ASN A 6 4.03 3.89 -13.18
C ASN A 6 4.22 4.23 -11.70
N TYR A 7 4.29 3.24 -10.87
CA TYR A 7 4.45 3.50 -9.41
C TYR A 7 5.94 3.60 -9.05
N LYS A 8 6.25 4.34 -8.02
CA LYS A 8 7.67 4.48 -7.59
C LYS A 8 7.80 4.08 -6.12
N PRO A 9 9.01 3.80 -5.72
CA PRO A 9 9.27 3.39 -4.32
C PRO A 9 8.99 4.57 -3.38
N GLY A 10 8.03 4.43 -2.51
CA GLY A 10 7.71 5.53 -1.57
C GLY A 10 6.44 6.25 -2.05
N MET A 11 5.88 5.83 -3.15
CA MET A 11 4.64 6.48 -3.66
C MET A 11 3.41 5.86 -2.99
N ARG A 12 2.56 6.67 -2.42
CA ARG A 12 1.34 6.13 -1.75
C ARG A 12 0.32 5.66 -2.80
N VAL A 13 0.01 4.39 -2.80
CA VAL A 13 -0.98 3.88 -3.79
C VAL A 13 -2.06 3.08 -3.07
N LEU A 14 -3.15 2.80 -3.75
CA LEU A 14 -4.23 2.02 -3.12
C LEU A 14 -4.23 0.60 -3.69
N THR A 15 -4.18 -0.39 -2.86
CA THR A 15 -4.13 -1.78 -3.37
C THR A 15 -5.44 -2.53 -3.08
N LYS A 16 -6.17 -2.83 -4.11
CA LYS A 16 -7.45 -3.58 -3.95
C LYS A 16 -7.15 -5.06 -3.72
N MET A 17 -7.84 -5.70 -2.81
CA MET A 17 -7.56 -7.16 -2.59
C MET A 17 -8.88 -7.94 -2.60
N SER A 18 -8.82 -9.23 -2.78
CA SER A 18 -10.09 -10.02 -2.80
C SER A 18 -10.90 -9.76 -1.53
N GLY A 19 -12.12 -9.31 -1.68
CA GLY A 19 -12.96 -9.03 -0.47
C GLY A 19 -12.36 -7.88 0.32
N PHE A 20 -11.51 -7.09 -0.28
CA PHE A 20 -10.88 -5.96 0.45
C PHE A 20 -10.94 -4.67 -0.36
N PRO A 21 -11.43 -3.64 0.27
CA PRO A 21 -11.53 -2.32 -0.38
C PRO A 21 -10.11 -1.77 -0.63
N TRP A 22 -9.96 -0.85 -1.53
CA TRP A 22 -8.59 -0.33 -1.80
C TRP A 22 -7.94 0.02 -0.46
N TRP A 23 -6.79 -0.53 -0.18
CA TRP A 23 -6.12 -0.24 1.12
C TRP A 23 -4.94 0.70 0.89
N PRO A 24 -4.76 1.60 1.82
CA PRO A 24 -3.64 2.55 1.74
C PRO A 24 -2.32 1.80 1.84
N SER A 25 -1.61 1.69 0.75
CA SER A 25 -0.31 0.99 0.76
C SER A 25 0.68 1.74 -0.12
N MET A 26 1.94 1.67 0.18
CA MET A 26 2.95 2.40 -0.64
C MET A 26 3.79 1.41 -1.44
N VAL A 27 4.16 1.76 -2.64
CA VAL A 27 4.98 0.83 -3.46
C VAL A 27 6.41 0.79 -2.89
N VAL A 28 6.84 -0.35 -2.44
CA VAL A 28 8.20 -0.47 -1.85
C VAL A 28 9.04 -1.47 -2.65
N THR A 29 10.16 -1.85 -2.11
CA THR A 29 11.03 -2.84 -2.80
C THR A 29 11.52 -3.87 -1.79
N GLU A 30 11.77 -5.08 -2.22
CA GLU A 30 12.23 -6.13 -1.26
C GLU A 30 13.38 -5.59 -0.41
N SER A 31 14.13 -4.65 -0.94
CA SER A 31 15.26 -4.08 -0.14
C SER A 31 14.71 -3.45 1.13
N LYS A 32 13.55 -2.86 1.06
CA LYS A 32 12.92 -2.26 2.26
C LYS A 32 12.03 -3.31 2.90
N MET A 33 11.46 -4.14 2.07
CA MET A 33 10.58 -5.23 2.56
C MET A 33 11.35 -6.17 3.48
N THR A 34 10.71 -6.72 4.48
CA THR A 34 11.42 -7.65 5.40
C THR A 34 11.37 -9.07 4.83
N SER A 35 11.90 -10.03 5.54
CA SER A 35 11.86 -11.42 5.04
C SER A 35 10.41 -11.94 5.06
N VAL A 36 9.61 -11.40 5.93
CA VAL A 36 8.19 -11.82 6.01
C VAL A 36 7.48 -11.52 4.69
N ALA A 37 7.69 -10.34 4.18
CA ALA A 37 7.04 -9.95 2.89
C ALA A 37 7.63 -10.76 1.73
N ARG A 38 8.91 -11.00 1.76
CA ARG A 38 9.55 -11.77 0.66
C ARG A 38 8.97 -13.19 0.62
N LYS A 39 8.47 -13.66 1.73
CA LYS A 39 7.88 -15.03 1.78
C LYS A 39 6.50 -15.02 1.12
N SER A 40 5.87 -13.88 1.03
CA SER A 40 4.52 -13.82 0.40
C SER A 40 4.61 -13.44 -1.08
N LYS A 41 5.80 -13.34 -1.61
CA LYS A 41 5.94 -12.98 -3.06
C LYS A 41 5.04 -13.90 -3.89
N PRO A 42 4.51 -13.35 -4.96
CA PRO A 42 3.60 -14.12 -5.82
C PRO A 42 4.37 -14.99 -6.82
N LYS A 43 3.78 -16.06 -7.24
CA LYS A 43 4.45 -16.97 -8.22
C LYS A 43 3.65 -17.00 -9.52
N ARG A 44 2.80 -16.03 -9.72
CA ARG A 44 1.98 -15.99 -10.96
C ARG A 44 2.71 -15.22 -12.06
N ALA A 45 2.18 -15.21 -13.25
CA ALA A 45 2.83 -14.46 -14.35
C ALA A 45 2.39 -13.00 -14.32
N GLY A 46 3.26 -12.10 -14.72
CA GLY A 46 2.88 -10.66 -14.71
C GLY A 46 3.73 -9.92 -13.68
N THR A 47 3.89 -8.64 -13.85
CA THR A 47 4.71 -7.86 -12.88
C THR A 47 3.88 -7.58 -11.61
N PHE A 48 4.48 -7.75 -10.46
CA PHE A 48 3.74 -7.50 -9.20
C PHE A 48 4.43 -6.40 -8.39
N TYR A 49 3.68 -5.48 -7.86
CA TYR A 49 4.29 -4.37 -7.08
C TYR A 49 4.25 -4.70 -5.59
N PRO A 50 5.41 -4.80 -5.00
CA PRO A 50 5.47 -5.06 -3.55
C PRO A 50 5.14 -3.76 -2.83
N VAL A 51 4.10 -3.73 -2.04
CA VAL A 51 3.73 -2.47 -1.37
C VAL A 51 3.71 -2.65 0.14
N ILE A 52 3.71 -1.58 0.87
CA ILE A 52 3.63 -1.70 2.34
C ILE A 52 2.22 -1.32 2.76
N PHE A 53 1.57 -2.15 3.52
CA PHE A 53 0.17 -1.85 3.91
C PHE A 53 0.11 -1.12 5.25
N PHE A 54 -0.77 -0.15 5.37
CA PHE A 54 -0.89 0.58 6.65
C PHE A 54 -2.09 0.03 7.44
N PRO A 55 -1.98 0.02 8.74
CA PRO A 55 -0.75 0.48 9.44
C PRO A 55 0.20 -0.71 9.66
N ASN A 56 1.08 -0.60 10.61
CA ASN A 56 2.03 -1.73 10.90
C ASN A 56 2.89 -2.03 9.67
N LYS A 57 3.12 -1.03 8.85
CA LYS A 57 3.96 -1.21 7.62
C LYS A 57 3.95 -2.65 7.11
N GLU A 58 2.81 -3.20 6.80
CA GLU A 58 2.78 -4.60 6.29
C GLU A 58 3.39 -4.63 4.90
N TYR A 59 3.32 -5.74 4.22
CA TYR A 59 3.90 -5.81 2.85
C TYR A 59 3.05 -6.75 1.98
N LEU A 60 2.63 -6.29 0.82
CA LEU A 60 1.79 -7.15 -0.05
C LEU A 60 2.24 -7.08 -1.51
N TRP A 61 2.16 -8.17 -2.21
CA TRP A 61 2.56 -8.17 -3.64
C TRP A 61 1.30 -8.12 -4.52
N THR A 62 1.00 -6.98 -5.07
CA THR A 62 -0.23 -6.88 -5.91
C THR A 62 0.13 -6.42 -7.33
N GLY A 63 -0.54 -6.94 -8.32
CA GLY A 63 -0.23 -6.54 -9.72
C GLY A 63 -0.78 -5.13 -9.99
N SER A 64 -0.35 -4.54 -11.07
CA SER A 64 -0.81 -3.16 -11.41
C SER A 64 -2.33 -3.15 -11.71
N ASP A 65 -2.86 -4.26 -12.13
CA ASP A 65 -4.32 -4.31 -12.46
C ASP A 65 -5.16 -3.83 -11.26
N SER A 66 -4.93 -4.37 -10.10
CA SER A 66 -5.73 -3.94 -8.91
C SER A 66 -5.00 -2.82 -8.16
N LEU A 67 -3.97 -2.27 -8.74
CA LEU A 67 -3.22 -1.19 -8.05
C LEU A 67 -3.60 0.18 -8.61
N THR A 68 -3.69 1.17 -7.77
CA THR A 68 -4.04 2.54 -8.23
C THR A 68 -3.22 3.57 -7.44
N PRO A 69 -3.04 4.71 -8.04
CA PRO A 69 -2.27 5.79 -7.37
C PRO A 69 -3.11 6.43 -6.26
N LEU A 70 -2.50 6.64 -5.11
CA LEU A 70 -3.24 7.26 -3.98
C LEU A 70 -2.63 8.64 -3.67
N THR A 71 -3.45 9.64 -3.49
CA THR A 71 -2.90 11.00 -3.19
C THR A 71 -3.12 11.36 -1.72
N SER A 72 -2.35 12.30 -1.22
CA SER A 72 -2.53 12.71 0.20
C SER A 72 -3.91 13.31 0.39
N GLU A 73 -4.37 14.07 -0.57
CA GLU A 73 -5.73 14.68 -0.45
C GLU A 73 -6.77 13.57 -0.31
N ALA A 74 -6.67 12.55 -1.10
CA ALA A 74 -7.64 11.43 -1.00
C ALA A 74 -7.53 10.76 0.37
N ILE A 75 -6.34 10.61 0.86
CA ILE A 75 -6.16 9.97 2.20
C ILE A 75 -6.87 10.80 3.27
N SER A 76 -6.60 12.07 3.32
CA SER A 76 -7.26 12.94 4.35
C SER A 76 -8.78 12.88 4.17
N GLN A 77 -9.25 12.97 2.96
CA GLN A 77 -10.72 12.90 2.73
C GLN A 77 -11.26 11.63 3.37
N PHE A 78 -10.53 10.55 3.24
CA PHE A 78 -10.99 9.28 3.87
C PHE A 78 -11.01 9.44 5.40
N LEU A 79 -9.98 10.00 5.95
CA LEU A 79 -9.94 10.18 7.43
C LEU A 79 -11.23 10.85 7.89
N GLU A 80 -11.64 11.89 7.23
CA GLU A 80 -12.91 12.55 7.62
C GLU A 80 -14.05 11.53 7.47
N LYS A 81 -14.04 10.82 6.38
CA LYS A 81 -15.08 9.77 6.17
C LYS A 81 -14.43 8.53 5.54
N PRO A 82 -14.34 7.49 6.31
CA PRO A 82 -13.73 6.23 5.84
C PRO A 82 -14.79 5.29 5.28
N LYS A 83 -14.42 4.49 4.30
CA LYS A 83 -15.41 3.53 3.71
C LYS A 83 -14.68 2.35 3.04
N PRO A 84 -15.09 1.15 3.38
CA PRO A 84 -16.19 0.93 4.35
C PRO A 84 -15.71 1.27 5.76
N LYS A 85 -16.51 1.02 6.76
CA LYS A 85 -16.07 1.34 8.14
C LYS A 85 -15.26 0.18 8.73
N THR A 86 -13.99 0.15 8.45
CA THR A 86 -13.12 -0.94 9.00
C THR A 86 -12.07 -0.32 9.92
N ALA A 87 -12.09 -0.66 11.18
CA ALA A 87 -11.10 -0.08 12.13
C ALA A 87 -9.67 -0.22 11.58
N SER A 88 -9.36 -1.34 10.98
CA SER A 88 -7.97 -1.54 10.45
C SER A 88 -7.69 -0.56 9.31
N LEU A 89 -8.57 -0.45 8.35
CA LEU A 89 -8.32 0.50 7.23
C LEU A 89 -8.24 1.92 7.77
N ILE A 90 -9.23 2.33 8.52
CA ILE A 90 -9.18 3.71 9.08
C ILE A 90 -7.84 3.90 9.78
N LYS A 91 -7.36 2.89 10.44
CA LYS A 91 -6.02 3.02 11.10
C LYS A 91 -4.96 2.99 10.01
N ALA A 92 -5.28 2.37 8.90
CA ALA A 92 -4.32 2.30 7.76
C ALA A 92 -4.11 3.70 7.18
N TYR A 93 -5.19 4.38 6.87
CA TYR A 93 -5.08 5.75 6.31
C TYR A 93 -4.56 6.70 7.38
N LYS A 94 -5.08 6.59 8.57
CA LYS A 94 -4.63 7.50 9.67
C LYS A 94 -3.12 7.34 9.86
N MET A 95 -2.61 6.14 9.74
CA MET A 95 -1.14 5.92 9.91
C MET A 95 -0.42 6.26 8.60
N ALA A 96 -1.01 5.93 7.48
CA ALA A 96 -0.36 6.25 6.18
C ALA A 96 -0.32 7.77 5.97
N GLN A 97 -1.31 8.45 6.48
CA GLN A 97 -1.35 9.93 6.34
C GLN A 97 -0.14 10.54 7.06
N SER A 98 0.17 10.05 8.21
CA SER A 98 1.34 10.60 8.97
C SER A 98 2.64 10.28 8.22
N THR A 99 2.64 9.26 7.40
CA THR A 99 3.88 8.91 6.65
C THR A 99 3.83 9.51 5.24
N PRO A 100 4.81 10.33 4.94
CA PRO A 100 4.88 10.98 3.61
C PRO A 100 5.26 9.97 2.52
N ASP A 101 6.39 9.34 2.64
CA ASP A 101 6.80 8.35 1.60
C ASP A 101 7.61 7.21 2.22
N LEU A 102 8.28 6.44 1.40
CA LEU A 102 9.08 5.29 1.92
C LEU A 102 10.33 5.81 2.63
N ASP A 103 10.90 6.88 2.14
CA ASP A 103 12.12 7.44 2.77
C ASP A 103 11.88 7.71 4.26
N SER A 104 10.63 7.78 4.65
CA SER A 104 10.32 8.04 6.08
C SER A 104 9.85 6.76 6.77
N LEU A 105 9.31 5.83 6.02
CA LEU A 105 8.82 4.56 6.62
C LEU A 105 9.99 3.83 7.30
N SER A 106 9.69 2.92 8.19
CA SER A 106 10.78 2.18 8.89
C SER A 106 10.55 0.67 8.78
N VAL A 107 11.49 -0.04 8.23
CA VAL A 107 11.34 -1.52 8.09
C VAL A 107 11.78 -2.21 9.38
N PRO A 108 10.95 -3.11 9.84
CA PRO A 108 11.26 -3.87 11.08
C PRO A 108 12.32 -4.93 10.80
N SER A 109 12.43 -5.92 11.65
CA SER A 109 13.43 -6.99 11.42
C SER A 109 12.88 -8.05 10.47
N SER A 2 -4.73 6.59 -22.23
CA SER A 2 -3.99 5.60 -21.40
C SER A 2 -3.42 6.28 -20.15
N GLU A 3 -4.28 6.77 -19.29
CA GLU A 3 -3.81 7.45 -18.05
C GLU A 3 -3.32 6.41 -17.03
N ARG A 4 -2.04 6.12 -17.03
CA ARG A 4 -1.51 5.12 -16.06
C ARG A 4 -0.50 5.78 -15.11
N VAL A 5 -0.33 5.22 -13.94
CA VAL A 5 0.65 5.82 -12.97
C VAL A 5 1.84 4.87 -12.77
N ASN A 6 3.02 5.28 -13.16
CA ASN A 6 4.19 4.40 -12.93
C ASN A 6 4.52 4.42 -11.43
N TYR A 7 4.11 3.42 -10.73
CA TYR A 7 4.34 3.38 -9.26
C TYR A 7 5.82 3.23 -8.94
N LYS A 8 6.39 4.22 -8.31
CA LYS A 8 7.83 4.16 -7.94
C LYS A 8 7.95 3.81 -6.45
N PRO A 9 9.11 3.36 -6.06
CA PRO A 9 9.34 3.00 -4.65
C PRO A 9 9.23 4.25 -3.76
N GLY A 10 8.29 4.25 -2.86
CA GLY A 10 8.12 5.44 -1.97
C GLY A 10 6.83 6.18 -2.36
N MET A 11 6.15 5.75 -3.39
CA MET A 11 4.89 6.44 -3.78
C MET A 11 3.70 5.80 -3.05
N ARG A 12 2.91 6.59 -2.39
CA ARG A 12 1.74 6.03 -1.66
C ARG A 12 0.61 5.70 -2.62
N VAL A 13 0.24 4.45 -2.71
CA VAL A 13 -0.86 4.06 -3.64
C VAL A 13 -1.91 3.25 -2.90
N LEU A 14 -3.01 2.97 -3.55
CA LEU A 14 -4.09 2.17 -2.90
C LEU A 14 -4.08 0.76 -3.50
N THR A 15 -4.11 -0.24 -2.68
CA THR A 15 -4.08 -1.63 -3.20
C THR A 15 -5.38 -2.36 -2.85
N LYS A 16 -6.18 -2.66 -3.83
CA LYS A 16 -7.47 -3.38 -3.56
C LYS A 16 -7.20 -4.89 -3.38
N MET A 17 -7.85 -5.51 -2.43
CA MET A 17 -7.63 -6.97 -2.22
C MET A 17 -8.95 -7.72 -2.41
N SER A 18 -8.91 -9.00 -2.59
CA SER A 18 -10.18 -9.78 -2.79
C SER A 18 -11.14 -9.55 -1.61
N GLY A 19 -12.33 -9.09 -1.88
CA GLY A 19 -13.29 -8.84 -0.76
C GLY A 19 -12.73 -7.73 0.12
N PHE A 20 -11.76 -7.01 -0.38
CA PHE A 20 -11.14 -5.92 0.42
C PHE A 20 -11.06 -4.62 -0.38
N PRO A 21 -11.43 -3.56 0.26
CA PRO A 21 -11.40 -2.21 -0.38
C PRO A 21 -9.96 -1.77 -0.61
N TRP A 22 -9.75 -0.86 -1.53
CA TRP A 22 -8.35 -0.39 -1.80
C TRP A 22 -7.70 0.04 -0.48
N TRP A 23 -6.55 -0.50 -0.18
CA TRP A 23 -5.87 -0.14 1.10
C TRP A 23 -4.71 0.83 0.85
N PRO A 24 -4.54 1.74 1.76
CA PRO A 24 -3.43 2.72 1.63
C PRO A 24 -2.10 2.00 1.81
N SER A 25 -1.44 1.71 0.72
CA SER A 25 -0.14 1.00 0.78
C SER A 25 0.86 1.72 -0.12
N MET A 26 2.12 1.70 0.21
CA MET A 26 3.12 2.39 -0.66
C MET A 26 3.93 1.36 -1.45
N VAL A 27 4.26 1.67 -2.66
CA VAL A 27 5.06 0.72 -3.48
C VAL A 27 6.50 0.67 -2.96
N VAL A 28 6.94 -0.47 -2.50
CA VAL A 28 8.34 -0.58 -1.99
C VAL A 28 9.11 -1.61 -2.81
N THR A 29 10.28 -2.00 -2.35
CA THR A 29 11.08 -3.01 -3.10
C THR A 29 11.44 -4.18 -2.19
N GLU A 30 11.86 -5.27 -2.75
CA GLU A 30 12.22 -6.45 -1.91
C GLU A 30 13.23 -6.04 -0.82
N SER A 31 13.96 -4.98 -1.03
CA SER A 31 14.96 -4.54 -0.02
C SER A 31 14.25 -3.92 1.20
N LYS A 32 13.03 -3.48 1.02
CA LYS A 32 12.30 -2.85 2.17
C LYS A 32 11.38 -3.87 2.84
N MET A 33 10.89 -4.83 2.11
CA MET A 33 9.98 -5.84 2.73
C MET A 33 10.81 -6.96 3.37
N THR A 34 10.72 -7.11 4.66
CA THR A 34 11.50 -8.19 5.34
C THR A 34 11.17 -9.55 4.72
N SER A 35 11.64 -10.61 5.31
CA SER A 35 11.36 -11.97 4.75
C SER A 35 9.87 -12.28 4.92
N VAL A 36 9.25 -11.70 5.91
CA VAL A 36 7.80 -11.96 6.14
C VAL A 36 7.01 -11.63 4.86
N ALA A 37 7.34 -10.53 4.22
CA ALA A 37 6.61 -10.16 2.97
C ALA A 37 7.07 -11.05 1.82
N ARG A 38 8.33 -11.39 1.78
CA ARG A 38 8.84 -12.24 0.67
C ARG A 38 8.14 -13.60 0.69
N LYS A 39 7.72 -14.05 1.84
CA LYS A 39 7.03 -15.37 1.92
C LYS A 39 5.66 -15.27 1.25
N SER A 40 5.12 -14.09 1.14
CA SER A 40 3.79 -13.92 0.49
C SER A 40 3.96 -13.58 -0.99
N LYS A 41 5.17 -13.62 -1.48
CA LYS A 41 5.40 -13.29 -2.92
C LYS A 41 4.41 -14.07 -3.79
N PRO A 42 4.07 -13.47 -4.90
CA PRO A 42 3.11 -14.09 -5.84
C PRO A 42 3.82 -15.07 -6.78
N LYS A 43 3.10 -16.06 -7.25
CA LYS A 43 3.73 -17.05 -8.19
C LYS A 43 3.02 -17.00 -9.54
N ARG A 44 2.29 -15.95 -9.80
CA ARG A 44 1.57 -15.85 -11.10
C ARG A 44 2.42 -15.09 -12.12
N ALA A 45 1.98 -15.00 -13.34
CA ALA A 45 2.76 -14.28 -14.37
C ALA A 45 2.47 -12.78 -14.28
N GLY A 46 3.43 -11.96 -14.59
CA GLY A 46 3.20 -10.49 -14.51
C GLY A 46 4.15 -9.88 -13.49
N THR A 47 4.41 -8.60 -13.59
CA THR A 47 5.33 -7.96 -12.60
C THR A 47 4.55 -7.50 -11.38
N PHE A 48 4.80 -8.10 -10.24
CA PHE A 48 4.06 -7.70 -9.02
C PHE A 48 4.87 -6.69 -8.21
N TYR A 49 4.21 -5.69 -7.68
CA TYR A 49 4.93 -4.66 -6.90
C TYR A 49 4.81 -4.95 -5.40
N PRO A 50 5.94 -5.08 -4.76
CA PRO A 50 5.94 -5.32 -3.31
C PRO A 50 5.64 -3.98 -2.62
N VAL A 51 4.57 -3.91 -1.88
CA VAL A 51 4.24 -2.60 -1.24
C VAL A 51 4.16 -2.76 0.28
N ILE A 52 4.14 -1.67 0.98
CA ILE A 52 3.99 -1.73 2.45
C ILE A 52 2.55 -1.35 2.77
N PHE A 53 1.87 -2.15 3.51
CA PHE A 53 0.44 -1.83 3.81
C PHE A 53 0.31 -1.06 5.12
N PHE A 54 -0.54 -0.08 5.13
CA PHE A 54 -0.74 0.72 6.38
C PHE A 54 -2.01 0.21 7.08
N PRO A 55 -1.98 0.17 8.38
CA PRO A 55 -0.78 0.55 9.17
C PRO A 55 0.10 -0.68 9.40
N ASN A 56 0.84 -0.71 10.48
CA ASN A 56 1.70 -1.90 10.75
C ASN A 56 2.68 -2.14 9.60
N LYS A 57 2.87 -1.16 8.76
CA LYS A 57 3.81 -1.31 7.60
C LYS A 57 3.81 -2.74 7.07
N GLU A 58 2.66 -3.36 6.93
CA GLU A 58 2.64 -4.74 6.40
C GLU A 58 3.26 -4.76 5.01
N TYR A 59 3.24 -5.86 4.32
CA TYR A 59 3.84 -5.89 2.96
C TYR A 59 3.03 -6.79 2.03
N LEU A 60 2.66 -6.30 0.88
CA LEU A 60 1.84 -7.14 -0.05
C LEU A 60 2.40 -7.09 -1.47
N TRP A 61 2.27 -8.17 -2.20
CA TRP A 61 2.76 -8.21 -3.60
C TRP A 61 1.56 -8.07 -4.54
N THR A 62 1.33 -6.91 -5.07
CA THR A 62 0.16 -6.73 -5.98
C THR A 62 0.60 -6.17 -7.33
N GLY A 63 -0.02 -6.59 -8.39
CA GLY A 63 0.36 -6.07 -9.73
C GLY A 63 -0.19 -4.65 -9.91
N SER A 64 0.34 -3.92 -10.85
CA SER A 64 -0.15 -2.52 -11.07
C SER A 64 -1.66 -2.52 -11.29
N ASP A 65 -2.21 -3.61 -11.73
CA ASP A 65 -3.69 -3.67 -11.98
C ASP A 65 -4.49 -3.26 -10.74
N SER A 66 -4.30 -3.94 -9.64
CA SER A 66 -5.05 -3.58 -8.41
C SER A 66 -4.37 -2.42 -7.68
N LEU A 67 -3.42 -1.79 -8.32
CA LEU A 67 -2.71 -0.65 -7.68
C LEU A 67 -3.16 0.68 -8.28
N THR A 68 -3.46 1.64 -7.45
CA THR A 68 -3.90 2.97 -7.95
C THR A 68 -3.17 4.06 -7.18
N PRO A 69 -3.01 5.20 -7.79
CA PRO A 69 -2.30 6.33 -7.12
C PRO A 69 -3.15 6.87 -5.95
N LEU A 70 -2.58 6.93 -4.78
CA LEU A 70 -3.35 7.45 -3.60
C LEU A 70 -2.85 8.86 -3.26
N THR A 71 -3.59 9.86 -3.63
CA THR A 71 -3.15 11.25 -3.34
C THR A 71 -3.47 11.62 -1.89
N SER A 72 -2.77 12.58 -1.34
CA SER A 72 -3.04 12.98 0.07
C SER A 72 -4.49 13.48 0.18
N GLU A 73 -5.04 13.98 -0.90
CA GLU A 73 -6.45 14.47 -0.87
C GLU A 73 -7.40 13.29 -0.69
N ALA A 74 -7.28 12.29 -1.50
CA ALA A 74 -8.17 11.11 -1.37
C ALA A 74 -8.00 10.50 0.03
N ILE A 75 -6.79 10.35 0.46
CA ILE A 75 -6.55 9.77 1.81
C ILE A 75 -7.31 10.59 2.87
N SER A 76 -7.13 11.89 2.86
CA SER A 76 -7.84 12.74 3.86
C SER A 76 -9.35 12.55 3.70
N GLN A 77 -9.82 12.46 2.49
CA GLN A 77 -11.28 12.26 2.29
C GLN A 77 -11.74 11.04 3.08
N PHE A 78 -11.01 9.96 3.00
CA PHE A 78 -11.41 8.76 3.78
C PHE A 78 -11.36 9.08 5.27
N LEU A 79 -10.33 9.74 5.72
CA LEU A 79 -10.24 10.08 7.16
C LEU A 79 -11.54 10.74 7.61
N GLU A 80 -12.02 11.68 6.85
CA GLU A 80 -13.31 12.34 7.22
C GLU A 80 -14.40 11.26 7.22
N LYS A 81 -14.39 10.41 6.23
CA LYS A 81 -15.40 9.31 6.16
C LYS A 81 -14.74 8.01 5.71
N PRO A 82 -14.62 7.09 6.63
CA PRO A 82 -14.00 5.78 6.35
C PRO A 82 -15.06 4.73 5.99
N LYS A 83 -14.77 3.86 5.06
CA LYS A 83 -15.76 2.80 4.68
C LYS A 83 -15.04 1.61 4.05
N PRO A 84 -15.40 0.41 4.46
CA PRO A 84 -16.44 0.23 5.51
C PRO A 84 -15.87 0.63 6.87
N LYS A 85 -16.46 0.15 7.95
CA LYS A 85 -15.91 0.52 9.28
C LYS A 85 -14.88 -0.51 9.73
N THR A 86 -13.67 -0.37 9.27
CA THR A 86 -12.59 -1.32 9.67
C THR A 86 -11.49 -0.57 10.42
N ALA A 87 -11.39 -0.78 11.71
CA ALA A 87 -10.34 -0.06 12.49
C ALA A 87 -8.98 -0.20 11.82
N SER A 88 -8.76 -1.27 11.09
CA SER A 88 -7.44 -1.46 10.43
C SER A 88 -7.29 -0.50 9.25
N LEU A 89 -8.27 -0.40 8.39
CA LEU A 89 -8.15 0.53 7.24
C LEU A 89 -8.16 1.96 7.75
N ILE A 90 -9.00 2.26 8.71
CA ILE A 90 -9.03 3.64 9.24
C ILE A 90 -7.66 3.96 9.81
N LYS A 91 -7.06 3.00 10.45
CA LYS A 91 -5.69 3.23 10.99
C LYS A 91 -4.73 3.24 9.81
N ALA A 92 -5.10 2.56 8.74
CA ALA A 92 -4.23 2.52 7.53
C ALA A 92 -4.20 3.89 6.86
N TYR A 93 -5.34 4.50 6.68
CA TYR A 93 -5.38 5.84 6.04
C TYR A 93 -4.78 6.89 6.97
N LYS A 94 -5.04 6.79 8.23
CA LYS A 94 -4.49 7.79 9.19
C LYS A 94 -2.96 7.64 9.26
N MET A 95 -2.47 6.44 9.17
CA MET A 95 -0.99 6.24 9.21
C MET A 95 -0.38 6.51 7.84
N ALA A 96 -1.02 6.03 6.80
CA ALA A 96 -0.48 6.29 5.43
C ALA A 96 -0.62 7.78 5.12
N GLN A 97 -1.65 8.40 5.64
CA GLN A 97 -1.86 9.84 5.41
C GLN A 97 -0.70 10.63 6.02
N SER A 98 0.02 10.02 6.93
CA SER A 98 1.18 10.72 7.56
C SER A 98 2.49 10.30 6.90
N THR A 99 2.46 9.25 6.11
CA THR A 99 3.71 8.80 5.44
C THR A 99 3.85 9.47 4.07
N PRO A 100 4.79 10.37 3.98
CA PRO A 100 5.03 11.10 2.71
C PRO A 100 5.75 10.19 1.70
N ASP A 101 6.93 9.73 2.04
CA ASP A 101 7.68 8.85 1.10
C ASP A 101 8.22 7.62 1.82
N LEU A 102 9.03 6.84 1.16
CA LEU A 102 9.59 5.63 1.81
C LEU A 102 10.60 6.01 2.88
N ASP A 103 11.42 6.98 2.61
CA ASP A 103 12.44 7.40 3.61
C ASP A 103 11.78 7.76 4.94
N SER A 104 10.51 8.06 4.91
CA SER A 104 9.79 8.42 6.17
C SER A 104 9.40 7.16 6.94
N LEU A 105 9.24 6.06 6.26
CA LEU A 105 8.85 4.79 6.95
C LEU A 105 10.05 4.21 7.69
N SER A 106 9.84 3.23 8.53
CA SER A 106 10.97 2.62 9.28
C SER A 106 10.87 1.09 9.22
N VAL A 107 11.98 0.43 9.07
CA VAL A 107 11.95 -1.06 9.00
C VAL A 107 12.89 -1.66 10.07
N PRO A 108 12.34 -2.51 10.88
CA PRO A 108 13.13 -3.16 11.96
C PRO A 108 14.11 -4.19 11.37
N SER A 109 13.89 -4.59 10.15
CA SER A 109 14.81 -5.59 9.52
C SER A 109 14.85 -5.41 8.01
N SER A 2 -8.93 4.75 -17.91
CA SER A 2 -8.20 4.87 -19.21
C SER A 2 -6.82 5.48 -18.97
N GLU A 3 -6.23 5.22 -17.84
CA GLU A 3 -4.88 5.79 -17.55
C GLU A 3 -4.01 4.77 -16.82
N ARG A 4 -2.73 5.01 -16.75
CA ARG A 4 -1.83 4.06 -16.03
C ARG A 4 -0.81 4.82 -15.19
N VAL A 5 -0.44 4.30 -14.06
CA VAL A 5 0.56 5.00 -13.20
C VAL A 5 1.78 4.13 -12.96
N ASN A 6 2.94 4.55 -13.40
CA ASN A 6 4.14 3.73 -13.13
C ASN A 6 4.48 3.89 -11.66
N TYR A 7 4.10 2.93 -10.86
CA TYR A 7 4.34 3.02 -9.41
C TYR A 7 5.82 2.87 -9.06
N LYS A 8 6.36 3.80 -8.33
CA LYS A 8 7.79 3.75 -7.93
C LYS A 8 7.89 3.55 -6.42
N PRO A 9 9.06 3.13 -5.99
CA PRO A 9 9.28 2.89 -4.54
C PRO A 9 9.13 4.18 -3.74
N GLY A 10 8.18 4.23 -2.85
CA GLY A 10 7.97 5.47 -2.04
C GLY A 10 6.69 6.17 -2.48
N MET A 11 6.03 5.66 -3.49
CA MET A 11 4.76 6.32 -3.94
C MET A 11 3.57 5.73 -3.19
N ARG A 12 2.74 6.57 -2.62
CA ARG A 12 1.56 6.06 -1.87
C ARG A 12 0.45 5.66 -2.86
N VAL A 13 0.07 4.42 -2.87
CA VAL A 13 -0.99 3.98 -3.80
C VAL A 13 -2.05 3.17 -3.05
N LEU A 14 -3.15 2.89 -3.69
CA LEU A 14 -4.22 2.10 -3.02
C LEU A 14 -4.20 0.68 -3.61
N THR A 15 -4.12 -0.31 -2.77
CA THR A 15 -4.07 -1.70 -3.29
C THR A 15 -5.40 -2.43 -3.07
N LYS A 16 -6.11 -2.66 -4.14
CA LYS A 16 -7.41 -3.38 -4.03
C LYS A 16 -7.17 -4.88 -3.87
N MET A 17 -7.79 -5.51 -2.91
CA MET A 17 -7.56 -6.98 -2.74
C MET A 17 -8.90 -7.73 -2.76
N SER A 18 -8.87 -9.01 -3.03
CA SER A 18 -10.15 -9.78 -3.07
C SER A 18 -10.92 -9.61 -1.77
N GLY A 19 -12.14 -9.15 -1.84
CA GLY A 19 -12.94 -8.96 -0.60
C GLY A 19 -12.30 -7.87 0.25
N PHE A 20 -11.48 -7.05 -0.35
CA PHE A 20 -10.80 -5.97 0.41
C PHE A 20 -10.85 -4.66 -0.37
N PRO A 21 -11.34 -3.63 0.28
CA PRO A 21 -11.41 -2.29 -0.35
C PRO A 21 -10.01 -1.77 -0.61
N TRP A 22 -9.85 -0.84 -1.52
CA TRP A 22 -8.48 -0.33 -1.79
C TRP A 22 -7.82 0.05 -0.46
N TRP A 23 -6.67 -0.50 -0.18
CA TRP A 23 -5.98 -0.19 1.10
C TRP A 23 -4.81 0.76 0.86
N PRO A 24 -4.62 1.66 1.78
CA PRO A 24 -3.51 2.62 1.68
C PRO A 24 -2.18 1.87 1.78
N SER A 25 -1.54 1.68 0.67
CA SER A 25 -0.24 0.95 0.65
C SER A 25 0.73 1.68 -0.28
N MET A 26 1.99 1.63 0.00
CA MET A 26 2.97 2.31 -0.88
C MET A 26 3.80 1.28 -1.63
N VAL A 27 4.19 1.57 -2.84
CA VAL A 27 5.01 0.59 -3.59
C VAL A 27 6.42 0.53 -3.00
N VAL A 28 6.86 -0.62 -2.60
CA VAL A 28 8.23 -0.74 -2.00
C VAL A 28 9.05 -1.79 -2.73
N THR A 29 10.16 -2.16 -2.16
CA THR A 29 11.03 -3.20 -2.79
C THR A 29 11.44 -4.20 -1.71
N GLU A 30 11.67 -5.43 -2.08
CA GLU A 30 12.06 -6.43 -1.06
C GLU A 30 13.19 -5.88 -0.18
N SER A 31 13.94 -4.93 -0.67
CA SER A 31 15.04 -4.34 0.16
C SER A 31 14.45 -3.59 1.35
N LYS A 32 13.33 -2.95 1.16
CA LYS A 32 12.68 -2.23 2.28
C LYS A 32 11.69 -3.18 2.94
N MET A 33 11.17 -4.07 2.16
CA MET A 33 10.18 -5.06 2.67
C MET A 33 10.93 -6.24 3.30
N THR A 34 10.67 -6.53 4.55
CA THR A 34 11.37 -7.67 5.22
C THR A 34 11.05 -8.99 4.49
N SER A 35 11.53 -10.08 5.02
CA SER A 35 11.26 -11.40 4.36
C SER A 35 9.82 -11.84 4.62
N VAL A 36 9.23 -11.36 5.68
CA VAL A 36 7.82 -11.74 5.99
C VAL A 36 6.97 -11.57 4.74
N ALA A 37 7.17 -10.50 4.01
CA ALA A 37 6.37 -10.28 2.78
C ALA A 37 6.85 -11.22 1.67
N ARG A 38 8.14 -11.41 1.56
CA ARG A 38 8.68 -12.31 0.51
C ARG A 38 7.99 -13.67 0.61
N LYS A 39 7.62 -14.08 1.80
CA LYS A 39 6.94 -15.39 1.96
C LYS A 39 5.62 -15.39 1.18
N SER A 40 5.05 -14.24 0.98
CA SER A 40 3.77 -14.16 0.21
C SER A 40 4.04 -13.78 -1.25
N LYS A 41 5.29 -13.65 -1.61
CA LYS A 41 5.62 -13.29 -3.02
C LYS A 41 4.89 -14.23 -3.98
N PRO A 42 4.39 -13.65 -5.05
CA PRO A 42 3.66 -14.43 -6.06
C PRO A 42 4.62 -15.01 -7.10
N LYS A 43 4.29 -16.16 -7.63
CA LYS A 43 5.17 -16.79 -8.66
C LYS A 43 4.35 -17.05 -9.92
N ARG A 44 3.57 -16.08 -10.33
CA ARG A 44 2.72 -16.26 -11.54
C ARG A 44 3.08 -15.22 -12.60
N ALA A 45 2.48 -15.33 -13.76
CA ALA A 45 2.77 -14.35 -14.85
C ALA A 45 2.40 -12.94 -14.42
N GLY A 46 3.11 -11.97 -14.92
CA GLY A 46 2.80 -10.55 -14.54
C GLY A 46 3.75 -10.11 -13.43
N THR A 47 4.34 -8.95 -13.56
CA THR A 47 5.27 -8.47 -12.51
C THR A 47 4.48 -7.93 -11.33
N PHE A 48 4.58 -8.57 -10.20
CA PHE A 48 3.82 -8.10 -9.00
C PHE A 48 4.63 -7.08 -8.22
N TYR A 49 3.99 -6.05 -7.74
CA TYR A 49 4.72 -4.99 -6.98
C TYR A 49 4.61 -5.22 -5.48
N PRO A 50 5.73 -5.31 -4.83
CA PRO A 50 5.73 -5.48 -3.36
C PRO A 50 5.41 -4.13 -2.74
N VAL A 51 4.33 -4.02 -2.01
CA VAL A 51 4.00 -2.69 -1.41
C VAL A 51 3.97 -2.78 0.11
N ILE A 52 3.94 -1.67 0.77
CA ILE A 52 3.86 -1.70 2.25
C ILE A 52 2.43 -1.33 2.62
N PHE A 53 1.80 -2.12 3.44
CA PHE A 53 0.39 -1.84 3.81
C PHE A 53 0.31 -1.07 5.13
N PHE A 54 -0.58 -0.12 5.21
CA PHE A 54 -0.73 0.65 6.47
C PHE A 54 -1.92 0.09 7.26
N PRO A 55 -1.80 0.09 8.57
CA PRO A 55 -0.58 0.57 9.25
C PRO A 55 0.37 -0.60 9.49
N ASN A 56 1.23 -0.50 10.47
CA ASN A 56 2.18 -1.61 10.76
C ASN A 56 3.06 -1.90 9.54
N LYS A 57 3.16 -0.96 8.64
CA LYS A 57 3.98 -1.14 7.42
C LYS A 57 3.99 -2.60 6.93
N GLU A 58 2.84 -3.21 6.83
CA GLU A 58 2.80 -4.61 6.33
C GLU A 58 3.36 -4.66 4.91
N TYR A 59 3.29 -5.77 4.25
CA TYR A 59 3.82 -5.84 2.87
C TYR A 59 2.96 -6.78 2.02
N LEU A 60 2.57 -6.35 0.85
CA LEU A 60 1.73 -7.22 -0.02
C LEU A 60 2.23 -7.22 -1.46
N TRP A 61 2.09 -8.33 -2.15
CA TRP A 61 2.53 -8.40 -3.56
C TRP A 61 1.30 -8.28 -4.46
N THR A 62 1.14 -7.15 -5.10
CA THR A 62 -0.04 -6.95 -5.99
C THR A 62 0.41 -6.44 -7.36
N GLY A 63 -0.24 -6.85 -8.40
CA GLY A 63 0.17 -6.39 -9.76
C GLY A 63 -0.29 -4.94 -9.98
N SER A 64 0.36 -4.23 -10.86
CA SER A 64 -0.03 -2.82 -11.13
C SER A 64 -1.52 -2.73 -11.47
N ASP A 65 -2.09 -3.79 -11.98
CA ASP A 65 -3.53 -3.77 -12.34
C ASP A 65 -4.40 -3.38 -11.14
N SER A 66 -4.29 -4.11 -10.06
CA SER A 66 -5.12 -3.78 -8.86
C SER A 66 -4.47 -2.64 -8.07
N LEU A 67 -3.47 -2.01 -8.62
CA LEU A 67 -2.80 -0.89 -7.90
C LEU A 67 -3.23 0.44 -8.48
N THR A 68 -3.58 1.38 -7.64
CA THR A 68 -4.01 2.72 -8.13
C THR A 68 -3.27 3.81 -7.36
N PRO A 69 -3.14 4.95 -7.97
CA PRO A 69 -2.44 6.08 -7.30
C PRO A 69 -3.31 6.64 -6.17
N LEU A 70 -2.75 6.77 -5.00
CA LEU A 70 -3.54 7.30 -3.84
C LEU A 70 -3.22 8.78 -3.63
N THR A 71 -4.18 9.65 -3.82
CA THR A 71 -3.91 11.11 -3.64
C THR A 71 -4.04 11.51 -2.17
N SER A 72 -3.37 12.55 -1.77
CA SER A 72 -3.46 13.02 -0.36
C SER A 72 -4.86 13.57 -0.11
N GLU A 73 -5.48 14.12 -1.11
CA GLU A 73 -6.86 14.66 -0.94
C GLU A 73 -7.80 13.53 -0.55
N ALA A 74 -7.84 12.49 -1.34
CA ALA A 74 -8.72 11.33 -0.99
C ALA A 74 -8.28 10.78 0.36
N ILE A 75 -7.01 10.80 0.61
CA ILE A 75 -6.47 10.29 1.90
C ILE A 75 -7.09 11.06 3.08
N SER A 76 -7.01 12.36 3.07
CA SER A 76 -7.63 13.13 4.18
C SER A 76 -9.15 13.02 4.07
N GLN A 77 -9.68 13.09 2.88
CA GLN A 77 -11.15 12.96 2.72
C GLN A 77 -11.57 11.65 3.39
N PHE A 78 -10.70 10.68 3.41
CA PHE A 78 -11.04 9.39 4.05
C PHE A 78 -11.06 9.58 5.58
N LEU A 79 -10.03 10.17 6.14
CA LEU A 79 -10.05 10.36 7.63
C LEU A 79 -11.37 11.01 8.03
N GLU A 80 -11.79 12.02 7.31
CA GLU A 80 -13.09 12.65 7.65
C GLU A 80 -14.18 11.59 7.51
N LYS A 81 -14.12 10.81 6.46
CA LYS A 81 -15.13 9.73 6.28
C LYS A 81 -14.45 8.47 5.75
N PRO A 82 -14.36 7.47 6.59
CA PRO A 82 -13.73 6.19 6.22
C PRO A 82 -14.79 5.20 5.70
N LYS A 83 -14.42 4.33 4.80
CA LYS A 83 -15.42 3.35 4.27
C LYS A 83 -14.72 2.10 3.71
N PRO A 84 -15.15 0.93 4.13
CA PRO A 84 -16.25 0.82 5.12
C PRO A 84 -15.74 1.18 6.51
N LYS A 85 -16.41 0.75 7.55
CA LYS A 85 -15.92 1.08 8.91
C LYS A 85 -15.00 -0.04 9.43
N THR A 86 -13.76 0.01 9.05
CA THR A 86 -12.78 -1.03 9.51
C THR A 86 -11.68 -0.36 10.34
N ALA A 87 -11.64 -0.60 11.61
CA ALA A 87 -10.59 0.03 12.45
C ALA A 87 -9.20 -0.16 11.83
N SER A 88 -9.00 -1.26 11.15
CA SER A 88 -7.66 -1.50 10.53
C SER A 88 -7.41 -0.53 9.37
N LEU A 89 -8.35 -0.38 8.48
CA LEU A 89 -8.14 0.57 7.34
C LEU A 89 -8.06 1.99 7.90
N ILE A 90 -8.99 2.37 8.72
CA ILE A 90 -8.95 3.74 9.29
C ILE A 90 -7.58 3.96 9.91
N LYS A 91 -7.04 2.95 10.54
CA LYS A 91 -5.68 3.10 11.13
C LYS A 91 -4.66 3.07 9.99
N ALA A 92 -5.02 2.42 8.91
CA ALA A 92 -4.09 2.34 7.75
C ALA A 92 -3.92 3.74 7.15
N TYR A 93 -5.00 4.47 7.01
CA TYR A 93 -4.92 5.84 6.44
C TYR A 93 -4.42 6.82 7.50
N LYS A 94 -4.97 6.79 8.67
CA LYS A 94 -4.46 7.74 9.70
C LYS A 94 -2.94 7.57 9.83
N MET A 95 -2.47 6.36 9.70
CA MET A 95 -0.99 6.13 9.80
C MET A 95 -0.33 6.39 8.44
N ALA A 96 -0.93 5.96 7.37
CA ALA A 96 -0.30 6.17 6.02
C ALA A 96 -0.27 7.66 5.71
N GLN A 97 -1.38 8.33 5.86
CA GLN A 97 -1.43 9.79 5.60
C GLN A 97 -0.36 10.48 6.44
N SER A 98 0.06 9.85 7.50
CA SER A 98 1.12 10.45 8.35
C SER A 98 2.49 10.16 7.72
N THR A 99 2.59 9.07 7.00
CA THR A 99 3.87 8.71 6.33
C THR A 99 3.97 9.41 4.98
N PRO A 100 4.87 10.35 4.88
CA PRO A 100 5.05 11.12 3.63
C PRO A 100 5.67 10.24 2.52
N ASP A 101 6.71 9.52 2.83
CA ASP A 101 7.35 8.67 1.78
C ASP A 101 7.92 7.39 2.39
N LEU A 102 8.65 6.64 1.60
CA LEU A 102 9.26 5.38 2.11
C LEU A 102 10.36 5.69 3.13
N ASP A 103 11.18 6.66 2.83
CA ASP A 103 12.27 7.03 3.78
C ASP A 103 11.70 7.43 5.14
N SER A 104 10.46 7.82 5.16
CA SER A 104 9.83 8.23 6.46
C SER A 104 9.30 6.99 7.18
N LEU A 105 9.00 5.95 6.47
CA LEU A 105 8.49 4.71 7.12
C LEU A 105 9.57 4.11 8.02
N SER A 106 9.21 3.14 8.82
CA SER A 106 10.22 2.51 9.72
C SER A 106 10.69 1.18 9.13
N VAL A 107 11.64 1.22 8.24
CA VAL A 107 12.15 -0.04 7.64
C VAL A 107 13.12 -0.74 8.59
N PRO A 108 12.92 -2.01 8.77
CA PRO A 108 13.79 -2.82 9.67
C PRO A 108 15.15 -3.06 9.02
N SER A 109 15.33 -2.60 7.82
CA SER A 109 16.64 -2.81 7.12
C SER A 109 16.93 -4.30 6.99
N SER A 2 -3.23 4.69 -22.87
CA SER A 2 -2.60 3.94 -21.75
C SER A 2 -2.90 4.61 -20.41
N GLU A 3 -4.03 4.32 -19.83
CA GLU A 3 -4.38 4.95 -18.51
C GLU A 3 -3.82 4.10 -17.37
N ARG A 4 -2.59 4.33 -16.99
CA ARG A 4 -1.99 3.54 -15.87
C ARG A 4 -0.98 4.41 -15.11
N VAL A 5 -0.86 4.19 -13.83
CA VAL A 5 0.11 4.99 -13.04
C VAL A 5 1.42 4.23 -12.86
N ASN A 6 2.52 4.79 -13.30
CA ASN A 6 3.81 4.08 -13.09
C ASN A 6 4.17 4.21 -11.62
N TYR A 7 3.91 3.18 -10.87
CA TYR A 7 4.16 3.23 -9.40
C TYR A 7 5.65 3.11 -9.09
N LYS A 8 6.22 4.14 -8.52
CA LYS A 8 7.66 4.12 -8.16
C LYS A 8 7.80 3.77 -6.69
N PRO A 9 8.99 3.37 -6.31
CA PRO A 9 9.25 2.97 -4.90
C PRO A 9 9.08 4.18 -3.97
N GLY A 10 8.14 4.09 -3.07
CA GLY A 10 7.91 5.22 -2.13
C GLY A 10 6.63 5.96 -2.52
N MET A 11 6.00 5.57 -3.59
CA MET A 11 4.74 6.24 -4.00
C MET A 11 3.55 5.58 -3.28
N ARG A 12 2.78 6.35 -2.56
CA ARG A 12 1.62 5.77 -1.83
C ARG A 12 0.48 5.43 -2.80
N VAL A 13 0.11 4.18 -2.86
CA VAL A 13 -0.99 3.77 -3.76
C VAL A 13 -2.07 3.01 -2.98
N LEU A 14 -3.17 2.75 -3.61
CA LEU A 14 -4.27 2.01 -2.94
C LEU A 14 -4.31 0.58 -3.48
N THR A 15 -4.06 -0.40 -2.65
CA THR A 15 -4.05 -1.80 -3.13
C THR A 15 -5.40 -2.49 -2.90
N LYS A 16 -6.09 -2.81 -3.96
CA LYS A 16 -7.40 -3.51 -3.83
C LYS A 16 -7.16 -5.02 -3.63
N MET A 17 -7.86 -5.65 -2.72
CA MET A 17 -7.63 -7.12 -2.54
C MET A 17 -8.96 -7.86 -2.53
N SER A 18 -8.96 -9.14 -2.84
CA SER A 18 -10.23 -9.91 -2.86
C SER A 18 -10.99 -9.75 -1.54
N GLY A 19 -12.21 -9.31 -1.59
CA GLY A 19 -13.00 -9.13 -0.34
C GLY A 19 -12.35 -8.04 0.50
N PHE A 20 -11.53 -7.23 -0.10
CA PHE A 20 -10.84 -6.15 0.66
C PHE A 20 -10.90 -4.83 -0.11
N PRO A 21 -11.38 -3.82 0.58
CA PRO A 21 -11.48 -2.47 -0.03
C PRO A 21 -10.08 -1.92 -0.31
N TRP A 22 -9.96 -0.99 -1.20
CA TRP A 22 -8.60 -0.46 -1.50
C TRP A 22 -7.91 -0.09 -0.19
N TRP A 23 -6.75 -0.63 0.04
CA TRP A 23 -6.03 -0.31 1.31
C TRP A 23 -4.85 0.61 1.03
N PRO A 24 -4.66 1.54 1.92
CA PRO A 24 -3.54 2.52 1.78
C PRO A 24 -2.19 1.79 1.93
N SER A 25 -1.49 1.62 0.85
CA SER A 25 -0.17 0.94 0.90
C SER A 25 0.81 1.67 -0.03
N MET A 26 2.08 1.48 0.15
CA MET A 26 3.05 2.18 -0.76
C MET A 26 3.86 1.15 -1.54
N VAL A 27 4.25 1.47 -2.75
CA VAL A 27 5.04 0.51 -3.56
C VAL A 27 6.47 0.46 -3.02
N VAL A 28 6.84 -0.61 -2.37
CA VAL A 28 8.24 -0.73 -1.82
C VAL A 28 9.03 -1.77 -2.60
N THR A 29 10.17 -2.15 -2.08
CA THR A 29 11.01 -3.18 -2.77
C THR A 29 11.38 -4.29 -1.78
N GLU A 30 11.75 -5.45 -2.26
CA GLU A 30 12.12 -6.55 -1.33
C GLU A 30 13.13 -6.04 -0.29
N SER A 31 13.87 -5.03 -0.62
CA SER A 31 14.86 -4.48 0.35
C SER A 31 14.13 -3.86 1.56
N LYS A 32 12.95 -3.35 1.33
CA LYS A 32 12.18 -2.74 2.46
C LYS A 32 11.33 -3.80 3.16
N MET A 33 10.81 -4.75 2.43
CA MET A 33 9.98 -5.81 3.06
C MET A 33 10.89 -6.91 3.64
N THR A 34 10.79 -7.16 4.91
CA THR A 34 11.66 -8.21 5.54
C THR A 34 11.43 -9.55 4.85
N SER A 35 11.88 -10.62 5.46
CA SER A 35 11.70 -11.97 4.83
C SER A 35 10.23 -12.39 4.91
N VAL A 36 9.50 -11.90 5.88
CA VAL A 36 8.06 -12.28 6.00
C VAL A 36 7.33 -11.95 4.70
N ALA A 37 7.51 -10.78 4.19
CA ALA A 37 6.82 -10.40 2.92
C ALA A 37 7.43 -11.18 1.75
N ARG A 38 8.70 -11.47 1.81
CA ARG A 38 9.35 -12.24 0.71
C ARG A 38 8.74 -13.65 0.61
N LYS A 39 8.07 -14.08 1.64
CA LYS A 39 7.46 -15.44 1.60
C LYS A 39 6.15 -15.41 0.81
N SER A 40 5.53 -14.26 0.73
CA SER A 40 4.23 -14.17 -0.03
C SER A 40 4.49 -13.66 -1.44
N LYS A 41 5.72 -13.48 -1.81
CA LYS A 41 6.03 -12.97 -3.19
C LYS A 41 5.42 -13.91 -4.24
N PRO A 42 4.51 -13.37 -5.00
CA PRO A 42 3.83 -14.16 -6.05
C PRO A 42 4.78 -14.46 -7.21
N LYS A 43 4.67 -15.63 -7.78
CA LYS A 43 5.56 -15.99 -8.92
C LYS A 43 4.72 -16.24 -10.17
N ARG A 44 3.52 -15.70 -10.18
CA ARG A 44 2.62 -15.90 -11.37
C ARG A 44 2.93 -14.88 -12.46
N ALA A 45 2.30 -15.00 -13.58
CA ALA A 45 2.54 -14.04 -14.69
C ALA A 45 2.20 -12.62 -14.25
N GLY A 46 2.90 -11.65 -14.78
CA GLY A 46 2.62 -10.24 -14.40
C GLY A 46 3.58 -9.82 -13.29
N THR A 47 4.22 -8.69 -13.45
CA THR A 47 5.17 -8.24 -12.39
C THR A 47 4.41 -7.66 -11.21
N PHE A 48 4.44 -8.33 -10.09
CA PHE A 48 3.71 -7.83 -8.90
C PHE A 48 4.58 -6.85 -8.11
N TYR A 49 3.99 -5.78 -7.63
CA TYR A 49 4.78 -4.79 -6.85
C TYR A 49 4.62 -5.05 -5.36
N PRO A 50 5.73 -5.19 -4.69
CA PRO A 50 5.69 -5.40 -3.23
C PRO A 50 5.35 -4.08 -2.57
N VAL A 51 4.28 -4.00 -1.83
CA VAL A 51 3.91 -2.69 -1.21
C VAL A 51 3.86 -2.82 0.31
N ILE A 52 3.84 -1.71 0.99
CA ILE A 52 3.73 -1.76 2.47
C ILE A 52 2.31 -1.37 2.84
N PHE A 53 1.64 -2.17 3.61
CA PHE A 53 0.25 -1.84 3.98
C PHE A 53 0.21 -1.09 5.31
N PHE A 54 -0.62 -0.09 5.42
CA PHE A 54 -0.70 0.68 6.68
C PHE A 54 -1.89 0.19 7.52
N PRO A 55 -1.79 0.42 8.81
CA PRO A 55 -0.62 1.10 9.41
C PRO A 55 0.37 0.08 9.98
N ASN A 56 0.14 -1.19 9.76
CA ASN A 56 1.06 -2.22 10.31
C ASN A 56 2.25 -2.45 9.37
N LYS A 57 2.59 -1.49 8.55
CA LYS A 57 3.73 -1.67 7.61
C LYS A 57 3.72 -3.08 7.02
N GLU A 58 2.55 -3.66 6.88
CA GLU A 58 2.49 -5.04 6.31
C GLU A 58 3.08 -5.03 4.90
N TYR A 59 3.16 -6.16 4.27
CA TYR A 59 3.73 -6.19 2.89
C TYR A 59 2.85 -7.04 1.98
N LEU A 60 2.43 -6.49 0.86
CA LEU A 60 1.57 -7.27 -0.06
C LEU A 60 2.11 -7.17 -1.49
N TRP A 61 1.99 -8.24 -2.23
CA TRP A 61 2.48 -8.22 -3.64
C TRP A 61 1.29 -8.03 -4.58
N THR A 62 1.07 -6.83 -5.04
CA THR A 62 -0.08 -6.56 -5.94
C THR A 62 0.41 -5.99 -7.27
N GLY A 63 -0.19 -6.36 -8.36
CA GLY A 63 0.24 -5.83 -9.68
C GLY A 63 -0.27 -4.40 -9.86
N SER A 64 0.14 -3.74 -10.91
CA SER A 64 -0.32 -2.34 -11.15
C SER A 64 -1.83 -2.34 -11.48
N ASP A 65 -2.32 -3.40 -12.06
CA ASP A 65 -3.77 -3.46 -12.41
C ASP A 65 -4.64 -3.26 -11.16
N SER A 66 -4.42 -4.06 -10.14
CA SER A 66 -5.23 -3.90 -8.89
C SER A 66 -4.63 -2.78 -8.03
N LEU A 67 -3.72 -2.03 -8.58
CA LEU A 67 -3.09 -0.92 -7.80
C LEU A 67 -3.50 0.43 -8.37
N THR A 68 -3.92 1.33 -7.52
CA THR A 68 -4.33 2.67 -7.99
C THR A 68 -3.50 3.74 -7.25
N PRO A 69 -3.34 4.86 -7.86
CA PRO A 69 -2.54 5.95 -7.24
C PRO A 69 -3.26 6.55 -6.02
N LEU A 70 -2.59 6.64 -4.91
CA LEU A 70 -3.21 7.23 -3.68
C LEU A 70 -2.43 8.48 -3.28
N THR A 71 -3.11 9.52 -2.87
CA THR A 71 -2.39 10.77 -2.48
C THR A 71 -2.79 11.21 -1.07
N SER A 72 -2.01 12.07 -0.46
CA SER A 72 -2.36 12.54 0.91
C SER A 72 -3.74 13.20 0.88
N GLU A 73 -4.04 13.90 -0.17
CA GLU A 73 -5.37 14.56 -0.27
C GLU A 73 -6.46 13.48 -0.21
N ALA A 74 -6.35 12.49 -1.04
CA ALA A 74 -7.37 11.39 -1.03
C ALA A 74 -7.40 10.75 0.36
N ILE A 75 -6.25 10.54 0.94
CA ILE A 75 -6.19 9.92 2.29
C ILE A 75 -7.02 10.76 3.26
N SER A 76 -6.77 12.04 3.30
CA SER A 76 -7.56 12.91 4.22
C SER A 76 -9.05 12.76 3.91
N GLN A 77 -9.40 12.72 2.66
CA GLN A 77 -10.83 12.57 2.29
C GLN A 77 -11.37 11.33 3.01
N PHE A 78 -10.58 10.28 3.04
CA PHE A 78 -11.04 9.04 3.74
C PHE A 78 -11.10 9.31 5.24
N LEU A 79 -10.09 9.94 5.79
CA LEU A 79 -10.11 10.23 7.26
C LEU A 79 -11.43 10.90 7.61
N GLU A 80 -11.83 11.90 6.87
CA GLU A 80 -13.13 12.56 7.16
C GLU A 80 -14.24 11.53 7.02
N LYS A 81 -14.16 10.73 5.99
CA LYS A 81 -15.18 9.66 5.78
C LYS A 81 -14.48 8.38 5.28
N PRO A 82 -14.41 7.41 6.15
CA PRO A 82 -13.75 6.13 5.81
C PRO A 82 -14.75 5.13 5.21
N LYS A 83 -14.29 4.29 4.30
CA LYS A 83 -15.20 3.29 3.67
C LYS A 83 -14.38 2.11 3.12
N PRO A 84 -14.79 0.91 3.44
CA PRO A 84 -15.99 0.69 4.30
C PRO A 84 -15.68 1.09 5.74
N LYS A 85 -16.39 0.57 6.70
CA LYS A 85 -16.09 0.95 8.11
C LYS A 85 -15.21 -0.12 8.77
N THR A 86 -13.94 -0.05 8.55
CA THR A 86 -13.01 -1.04 9.18
C THR A 86 -12.05 -0.29 10.11
N ALA A 87 -12.17 -0.46 11.40
CA ALA A 87 -11.27 0.26 12.34
C ALA A 87 -9.81 0.10 11.92
N SER A 88 -9.45 -1.03 11.36
CA SER A 88 -8.03 -1.23 10.94
C SER A 88 -7.67 -0.31 9.77
N LEU A 89 -8.48 -0.27 8.75
CA LEU A 89 -8.15 0.63 7.60
C LEU A 89 -8.20 2.07 8.05
N ILE A 90 -9.20 2.42 8.79
CA ILE A 90 -9.29 3.83 9.28
C ILE A 90 -8.00 4.17 10.01
N LYS A 91 -7.49 3.25 10.77
CA LYS A 91 -6.22 3.51 11.48
C LYS A 91 -5.08 3.42 10.45
N ALA A 92 -5.29 2.68 9.38
CA ALA A 92 -4.25 2.56 8.32
C ALA A 92 -4.11 3.89 7.57
N TYR A 93 -5.22 4.50 7.23
CA TYR A 93 -5.17 5.80 6.51
C TYR A 93 -4.66 6.88 7.45
N LYS A 94 -5.09 6.86 8.68
CA LYS A 94 -4.61 7.90 9.63
C LYS A 94 -3.09 7.82 9.78
N MET A 95 -2.54 6.64 9.83
CA MET A 95 -1.06 6.52 9.95
C MET A 95 -0.41 6.74 8.59
N ALA A 96 -0.95 6.16 7.55
CA ALA A 96 -0.36 6.36 6.19
C ALA A 96 -0.48 7.83 5.81
N GLN A 97 -1.44 8.50 6.39
CA GLN A 97 -1.65 9.95 6.10
C GLN A 97 -0.44 10.75 6.59
N SER A 98 0.23 10.27 7.59
CA SER A 98 1.43 11.00 8.12
C SER A 98 2.65 10.65 7.28
N THR A 99 2.72 9.45 6.78
CA THR A 99 3.89 9.04 5.94
C THR A 99 3.64 9.44 4.48
N PRO A 100 4.39 10.40 4.02
CA PRO A 100 4.24 10.87 2.64
C PRO A 100 4.80 9.85 1.65
N ASP A 101 5.93 9.26 1.94
CA ASP A 101 6.52 8.27 1.01
C ASP A 101 7.33 7.22 1.77
N LEU A 102 8.06 6.39 1.05
CA LEU A 102 8.89 5.34 1.71
C LEU A 102 10.11 5.96 2.39
N ASP A 103 10.68 6.98 1.80
CA ASP A 103 11.87 7.62 2.41
C ASP A 103 11.55 8.09 3.83
N SER A 104 10.30 8.16 4.19
CA SER A 104 9.93 8.61 5.56
C SER A 104 9.59 7.41 6.44
N LEU A 105 9.18 6.31 5.85
CA LEU A 105 8.85 5.11 6.66
C LEU A 105 10.09 4.61 7.40
N SER A 106 9.91 3.84 8.43
CA SER A 106 11.08 3.33 9.20
C SER A 106 11.16 1.81 9.09
N VAL A 107 11.77 1.30 8.06
CA VAL A 107 11.88 -0.18 7.92
C VAL A 107 13.02 -0.71 8.81
N PRO A 108 12.73 -1.76 9.51
CA PRO A 108 13.75 -2.36 10.41
C PRO A 108 14.81 -3.10 9.60
N SER A 109 14.39 -3.94 8.71
CA SER A 109 15.37 -4.69 7.86
C SER A 109 15.31 -4.20 6.42
N SER A 2 -6.39 2.55 -21.60
CA SER A 2 -5.90 1.78 -20.41
C SER A 2 -5.11 2.70 -19.48
N GLU A 3 -5.68 3.82 -19.11
CA GLU A 3 -4.97 4.76 -18.20
C GLU A 3 -4.29 3.98 -17.06
N ARG A 4 -2.99 4.03 -16.98
CA ARG A 4 -2.28 3.30 -15.91
C ARG A 4 -1.33 4.25 -15.17
N VAL A 5 -0.99 3.93 -13.95
CA VAL A 5 -0.07 4.82 -13.17
C VAL A 5 1.27 4.12 -12.96
N ASN A 6 2.34 4.72 -13.41
CA ASN A 6 3.66 4.08 -13.17
C ASN A 6 3.98 4.29 -11.69
N TYR A 7 3.77 3.28 -10.90
CA TYR A 7 4.01 3.42 -9.43
C TYR A 7 5.50 3.31 -9.11
N LYS A 8 6.00 4.25 -8.36
CA LYS A 8 7.44 4.23 -7.99
C LYS A 8 7.57 3.87 -6.50
N PRO A 9 8.74 3.44 -6.13
CA PRO A 9 8.98 3.04 -4.71
C PRO A 9 8.87 4.26 -3.80
N GLY A 10 7.92 4.24 -2.90
CA GLY A 10 7.73 5.39 -1.98
C GLY A 10 6.48 6.16 -2.36
N MET A 11 5.78 5.72 -3.38
CA MET A 11 4.53 6.45 -3.78
C MET A 11 3.33 5.84 -3.05
N ARG A 12 2.49 6.67 -2.49
CA ARG A 12 1.30 6.14 -1.76
C ARG A 12 0.23 5.70 -2.77
N VAL A 13 -0.11 4.44 -2.76
CA VAL A 13 -1.15 3.95 -3.71
C VAL A 13 -2.23 3.16 -2.97
N LEU A 14 -3.34 2.92 -3.61
CA LEU A 14 -4.42 2.15 -2.95
C LEU A 14 -4.46 0.74 -3.57
N THR A 15 -4.27 -0.26 -2.76
CA THR A 15 -4.27 -1.65 -3.31
C THR A 15 -5.61 -2.34 -3.09
N LYS A 16 -6.30 -2.66 -4.14
CA LYS A 16 -7.60 -3.36 -4.00
C LYS A 16 -7.35 -4.86 -3.79
N MET A 17 -8.05 -5.50 -2.89
CA MET A 17 -7.81 -6.96 -2.71
C MET A 17 -9.14 -7.71 -2.78
N SER A 18 -9.11 -8.98 -3.05
CA SER A 18 -10.38 -9.75 -3.16
C SER A 18 -11.24 -9.55 -1.90
N GLY A 19 -12.45 -9.08 -2.05
CA GLY A 19 -13.32 -8.87 -0.86
C GLY A 19 -12.70 -7.79 0.03
N PHE A 20 -11.83 -6.99 -0.50
CA PHE A 20 -11.17 -5.94 0.32
C PHE A 20 -11.18 -4.58 -0.41
N PRO A 21 -11.69 -3.58 0.27
CA PRO A 21 -11.75 -2.22 -0.30
C PRO A 21 -10.32 -1.69 -0.51
N TRP A 22 -10.15 -0.72 -1.37
CA TRP A 22 -8.78 -0.20 -1.61
C TRP A 22 -8.12 0.12 -0.26
N TRP A 23 -6.98 -0.45 -0.01
CA TRP A 23 -6.29 -0.19 1.28
C TRP A 23 -5.10 0.73 1.08
N PRO A 24 -4.89 1.61 2.03
CA PRO A 24 -3.76 2.55 1.96
C PRO A 24 -2.44 1.78 2.00
N SER A 25 -1.79 1.67 0.87
CA SER A 25 -0.50 0.94 0.81
C SER A 25 0.48 1.71 -0.06
N MET A 26 1.74 1.50 0.09
CA MET A 26 2.72 2.24 -0.73
C MET A 26 3.60 1.27 -1.54
N VAL A 27 4.00 1.65 -2.71
CA VAL A 27 4.85 0.73 -3.52
C VAL A 27 6.28 0.71 -2.96
N VAL A 28 6.73 -0.43 -2.52
CA VAL A 28 8.11 -0.52 -1.95
C VAL A 28 8.96 -1.49 -2.76
N THR A 29 10.10 -1.85 -2.24
CA THR A 29 10.98 -2.81 -2.96
C THR A 29 11.48 -3.87 -1.97
N GLU A 30 11.73 -5.06 -2.45
CA GLU A 30 12.21 -6.13 -1.54
C GLU A 30 13.37 -5.62 -0.69
N SER A 31 14.04 -4.58 -1.15
CA SER A 31 15.19 -4.02 -0.36
C SER A 31 14.68 -3.40 0.93
N LYS A 32 13.52 -2.79 0.89
CA LYS A 32 12.94 -2.19 2.12
C LYS A 32 11.98 -3.20 2.74
N MET A 33 11.34 -3.95 1.90
CA MET A 33 10.38 -4.99 2.37
C MET A 33 11.14 -6.14 3.04
N THR A 34 10.89 -6.38 4.30
CA THR A 34 11.60 -7.48 5.01
C THR A 34 11.35 -8.83 4.33
N SER A 35 11.89 -9.89 4.87
CA SER A 35 11.70 -11.23 4.26
C SER A 35 10.26 -11.71 4.47
N VAL A 36 9.61 -11.22 5.49
CA VAL A 36 8.19 -11.64 5.73
C VAL A 36 7.40 -11.55 4.43
N ALA A 37 7.48 -10.43 3.75
CA ALA A 37 6.75 -10.29 2.47
C ALA A 37 7.46 -11.09 1.38
N ARG A 38 8.77 -11.03 1.35
CA ARG A 38 9.54 -11.80 0.33
C ARG A 38 9.14 -13.28 0.41
N LYS A 39 9.09 -13.81 1.59
CA LYS A 39 8.71 -15.25 1.75
C LYS A 39 7.29 -15.47 1.21
N SER A 40 6.50 -14.43 1.22
CA SER A 40 5.10 -14.57 0.69
C SER A 40 5.03 -14.06 -0.75
N LYS A 41 6.13 -13.64 -1.29
CA LYS A 41 6.13 -13.13 -2.69
C LYS A 41 5.42 -14.12 -3.61
N PRO A 42 4.60 -13.58 -4.48
CA PRO A 42 3.83 -14.42 -5.43
C PRO A 42 4.75 -15.01 -6.50
N LYS A 43 4.49 -16.21 -6.91
CA LYS A 43 5.34 -16.85 -7.97
C LYS A 43 4.48 -17.14 -9.20
N ARG A 44 3.51 -16.30 -9.46
CA ARG A 44 2.64 -16.51 -10.65
C ARG A 44 3.06 -15.57 -11.79
N ALA A 45 2.47 -15.73 -12.93
CA ALA A 45 2.83 -14.86 -14.10
C ALA A 45 2.47 -13.40 -13.83
N GLY A 46 3.23 -12.49 -14.37
CA GLY A 46 2.93 -11.05 -14.16
C GLY A 46 3.86 -10.49 -13.09
N THR A 47 4.49 -9.39 -13.35
CA THR A 47 5.41 -8.80 -12.32
C THR A 47 4.57 -8.11 -11.25
N PHE A 48 4.58 -8.63 -10.06
CA PHE A 48 3.78 -8.03 -8.96
C PHE A 48 4.56 -6.91 -8.27
N TYR A 49 3.86 -5.93 -7.75
CA TYR A 49 4.54 -4.81 -7.06
C TYR A 49 4.53 -5.04 -5.55
N PRO A 50 5.69 -5.09 -4.96
CA PRO A 50 5.77 -5.27 -3.50
C PRO A 50 5.39 -3.95 -2.84
N VAL A 51 4.35 -3.92 -2.05
CA VAL A 51 3.95 -2.63 -1.41
C VAL A 51 3.88 -2.81 0.10
N ILE A 52 3.87 -1.73 0.83
CA ILE A 52 3.76 -1.84 2.31
C ILE A 52 2.33 -1.45 2.69
N PHE A 53 1.68 -2.28 3.45
CA PHE A 53 0.27 -1.97 3.83
C PHE A 53 0.20 -1.24 5.17
N PHE A 54 -0.70 -0.30 5.29
CA PHE A 54 -0.85 0.44 6.57
C PHE A 54 -2.06 -0.12 7.34
N PRO A 55 -1.92 -0.25 8.64
CA PRO A 55 -0.67 0.11 9.35
C PRO A 55 0.23 -1.13 9.51
N ASN A 56 1.06 -1.15 10.52
CA ASN A 56 1.94 -2.33 10.73
C ASN A 56 2.87 -2.55 9.54
N LYS A 57 3.03 -1.53 8.73
CA LYS A 57 3.91 -1.63 7.53
C LYS A 57 3.91 -3.05 6.95
N GLU A 58 2.76 -3.64 6.78
CA GLU A 58 2.72 -5.00 6.20
C GLU A 58 3.29 -4.95 4.78
N TYR A 59 3.30 -6.03 4.07
CA TYR A 59 3.84 -5.99 2.69
C TYR A 59 2.98 -6.88 1.78
N LEU A 60 2.52 -6.36 0.67
CA LEU A 60 1.66 -7.18 -0.23
C LEU A 60 2.17 -7.11 -1.67
N TRP A 61 2.08 -8.20 -2.38
CA TRP A 61 2.52 -8.21 -3.81
C TRP A 61 1.30 -8.06 -4.71
N THR A 62 1.05 -6.87 -5.19
CA THR A 62 -0.14 -6.66 -6.08
C THR A 62 0.31 -6.13 -7.44
N GLY A 63 -0.34 -6.56 -8.49
CA GLY A 63 0.05 -6.08 -9.85
C GLY A 63 -0.45 -4.65 -10.05
N SER A 64 0.17 -3.92 -10.93
CA SER A 64 -0.26 -2.51 -11.17
C SER A 64 -1.75 -2.46 -11.53
N ASP A 65 -2.26 -3.52 -12.10
CA ASP A 65 -3.71 -3.54 -12.49
C ASP A 65 -4.61 -3.23 -11.29
N SER A 66 -4.51 -3.99 -10.24
CA SER A 66 -5.37 -3.73 -9.04
C SER A 66 -4.77 -2.62 -8.19
N LEU A 67 -3.77 -1.95 -8.69
CA LEU A 67 -3.13 -0.86 -7.90
C LEU A 67 -3.56 0.52 -8.44
N THR A 68 -3.93 1.40 -7.57
CA THR A 68 -4.35 2.76 -8.00
C THR A 68 -3.54 3.81 -7.24
N PRO A 69 -3.43 4.97 -7.81
CA PRO A 69 -2.65 6.06 -7.16
C PRO A 69 -3.40 6.62 -5.94
N LEU A 70 -2.73 6.76 -4.83
CA LEU A 70 -3.39 7.30 -3.61
C LEU A 70 -2.66 8.57 -3.17
N THR A 71 -3.27 9.72 -3.35
CA THR A 71 -2.61 11.00 -2.96
C THR A 71 -2.88 11.34 -1.50
N SER A 72 -2.16 12.29 -0.96
CA SER A 72 -2.38 12.69 0.46
C SER A 72 -3.76 13.31 0.61
N GLU A 73 -4.16 14.09 -0.35
CA GLU A 73 -5.51 14.71 -0.28
C GLU A 73 -6.58 13.63 -0.18
N ALA A 74 -6.54 12.68 -1.07
CA ALA A 74 -7.54 11.58 -1.01
C ALA A 74 -7.44 10.86 0.34
N ILE A 75 -6.24 10.69 0.82
CA ILE A 75 -6.05 10.01 2.14
C ILE A 75 -6.78 10.79 3.23
N SER A 76 -6.54 12.07 3.33
CA SER A 76 -7.23 12.88 4.38
C SER A 76 -8.74 12.84 4.16
N GLN A 77 -9.18 13.00 2.93
CA GLN A 77 -10.64 12.96 2.68
C GLN A 77 -11.19 11.66 3.25
N PHE A 78 -10.46 10.59 3.15
CA PHE A 78 -10.94 9.31 3.73
C PHE A 78 -11.01 9.47 5.25
N LEU A 79 -9.96 9.98 5.84
CA LEU A 79 -9.97 10.17 7.32
C LEU A 79 -11.25 10.92 7.67
N GLU A 80 -11.56 11.92 6.89
CA GLU A 80 -12.81 12.69 7.13
C GLU A 80 -14.00 11.71 6.97
N LYS A 81 -13.94 10.88 5.97
CA LYS A 81 -15.03 9.87 5.77
C LYS A 81 -14.40 8.55 5.30
N PRO A 82 -14.40 7.59 6.17
CA PRO A 82 -13.83 6.26 5.87
C PRO A 82 -14.88 5.30 5.30
N LYS A 83 -14.49 4.46 4.39
CA LYS A 83 -15.46 3.50 3.80
C LYS A 83 -14.71 2.28 3.22
N PRO A 84 -15.15 1.08 3.56
CA PRO A 84 -16.31 0.91 4.47
C PRO A 84 -15.92 1.29 5.90
N LYS A 85 -16.62 0.79 6.88
CA LYS A 85 -16.27 1.14 8.28
C LYS A 85 -15.38 0.06 8.90
N THR A 86 -14.10 0.12 8.64
CA THR A 86 -13.15 -0.88 9.22
C THR A 86 -12.16 -0.17 10.13
N ALA A 87 -12.25 -0.38 11.41
CA ALA A 87 -11.31 0.30 12.35
C ALA A 87 -9.86 0.12 11.88
N SER A 88 -9.54 -1.00 11.30
CA SER A 88 -8.15 -1.22 10.84
C SER A 88 -7.81 -0.32 9.65
N LEU A 89 -8.67 -0.25 8.66
CA LEU A 89 -8.37 0.63 7.50
C LEU A 89 -8.34 2.07 7.96
N ILE A 90 -9.34 2.49 8.67
CA ILE A 90 -9.34 3.90 9.15
C ILE A 90 -8.03 4.18 9.86
N LYS A 91 -7.56 3.24 10.64
CA LYS A 91 -6.26 3.45 11.32
C LYS A 91 -5.15 3.26 10.29
N ALA A 92 -5.42 2.52 9.24
CA ALA A 92 -4.39 2.30 8.18
C ALA A 92 -4.17 3.61 7.43
N TYR A 93 -5.23 4.29 7.09
CA TYR A 93 -5.10 5.58 6.37
C TYR A 93 -4.54 6.62 7.32
N LYS A 94 -4.98 6.61 8.55
CA LYS A 94 -4.46 7.60 9.54
C LYS A 94 -2.95 7.45 9.66
N MET A 95 -2.46 6.25 9.84
CA MET A 95 -0.99 6.04 9.96
C MET A 95 -0.32 6.37 8.63
N ALA A 96 -0.86 5.88 7.54
CA ALA A 96 -0.25 6.18 6.21
C ALA A 96 -0.29 7.68 5.97
N GLN A 97 -1.29 8.35 6.48
CA GLN A 97 -1.40 9.82 6.30
C GLN A 97 -0.15 10.50 6.88
N SER A 98 0.34 9.99 7.98
CA SER A 98 1.56 10.58 8.61
C SER A 98 2.80 10.20 7.80
N THR A 99 2.76 9.08 7.12
CA THR A 99 3.94 8.67 6.31
C THR A 99 3.82 9.24 4.89
N PRO A 100 4.67 10.18 4.60
CA PRO A 100 4.64 10.85 3.27
C PRO A 100 5.22 9.93 2.18
N ASP A 101 6.33 9.29 2.45
CA ASP A 101 6.93 8.40 1.41
C ASP A 101 7.72 7.25 2.04
N LEU A 102 8.13 6.31 1.24
CA LEU A 102 8.91 5.14 1.76
C LEU A 102 10.16 5.65 2.49
N ASP A 103 10.72 6.74 2.05
CA ASP A 103 11.93 7.28 2.72
C ASP A 103 11.61 7.69 4.16
N SER A 104 10.35 7.72 4.52
CA SER A 104 9.98 8.12 5.90
C SER A 104 9.55 6.89 6.71
N LEU A 105 9.16 5.83 6.04
CA LEU A 105 8.73 4.61 6.77
C LEU A 105 9.93 3.97 7.50
N SER A 106 9.67 3.09 8.42
CA SER A 106 10.80 2.44 9.17
C SER A 106 10.58 0.93 9.26
N VAL A 107 11.60 0.16 9.01
CA VAL A 107 11.45 -1.33 9.07
C VAL A 107 12.05 -1.85 10.39
N PRO A 108 11.20 -2.20 11.30
CA PRO A 108 11.64 -2.72 12.61
C PRO A 108 12.21 -4.14 12.46
N SER A 109 11.80 -4.85 11.46
CA SER A 109 12.32 -6.23 11.26
C SER A 109 11.66 -6.88 10.04
N SER A 2 -5.32 -0.79 -22.90
CA SER A 2 -3.86 -1.09 -22.82
C SER A 2 -3.13 0.07 -22.12
N GLU A 3 -3.42 0.30 -20.87
CA GLU A 3 -2.74 1.41 -20.14
C GLU A 3 -2.28 0.93 -18.77
N ARG A 4 -1.21 1.48 -18.26
CA ARG A 4 -0.70 1.07 -16.92
C ARG A 4 -0.17 2.29 -16.16
N VAL A 5 0.10 2.13 -14.88
CA VAL A 5 0.63 3.27 -14.10
C VAL A 5 2.08 2.99 -13.70
N ASN A 6 2.91 3.98 -13.72
CA ASN A 6 4.33 3.75 -13.32
C ASN A 6 4.48 4.11 -11.85
N TYR A 7 4.52 3.12 -10.99
CA TYR A 7 4.65 3.39 -9.54
C TYR A 7 6.13 3.46 -9.12
N LYS A 8 6.44 4.33 -8.20
CA LYS A 8 7.85 4.45 -7.73
C LYS A 8 7.92 4.10 -6.24
N PRO A 9 9.11 3.80 -5.79
CA PRO A 9 9.30 3.44 -4.37
C PRO A 9 9.03 4.66 -3.48
N GLY A 10 8.05 4.57 -2.62
CA GLY A 10 7.73 5.72 -1.75
C GLY A 10 6.45 6.39 -2.24
N MET A 11 5.90 5.92 -3.33
CA MET A 11 4.64 6.55 -3.85
C MET A 11 3.42 5.93 -3.15
N ARG A 12 2.59 6.74 -2.56
CA ARG A 12 1.40 6.19 -1.86
C ARG A 12 0.35 5.74 -2.87
N VAL A 13 0.03 4.48 -2.89
CA VAL A 13 -1.00 3.98 -3.86
C VAL A 13 -2.08 3.19 -3.13
N LEU A 14 -3.17 2.93 -3.79
CA LEU A 14 -4.28 2.17 -3.16
C LEU A 14 -4.31 0.76 -3.74
N THR A 15 -4.40 -0.24 -2.90
CA THR A 15 -4.42 -1.64 -3.41
C THR A 15 -5.69 -2.36 -2.96
N LYS A 16 -6.55 -2.69 -3.89
CA LYS A 16 -7.80 -3.41 -3.52
C LYS A 16 -7.53 -4.91 -3.44
N MET A 17 -8.07 -5.58 -2.46
CA MET A 17 -7.83 -7.05 -2.35
C MET A 17 -9.16 -7.80 -2.38
N SER A 18 -9.13 -9.11 -2.44
CA SER A 18 -10.40 -9.88 -2.48
C SER A 18 -11.24 -9.56 -1.24
N GLY A 19 -12.44 -9.10 -1.43
CA GLY A 19 -13.32 -8.77 -0.26
C GLY A 19 -12.72 -7.60 0.51
N PHE A 20 -11.74 -6.93 -0.07
CA PHE A 20 -11.12 -5.77 0.64
C PHE A 20 -11.13 -4.52 -0.24
N PRO A 21 -11.57 -3.44 0.35
CA PRO A 21 -11.61 -2.15 -0.36
C PRO A 21 -10.18 -1.66 -0.63
N TRP A 22 -9.99 -0.80 -1.59
CA TRP A 22 -8.61 -0.34 -1.87
C TRP A 22 -7.96 0.10 -0.56
N TRP A 23 -6.82 -0.47 -0.23
CA TRP A 23 -6.14 -0.12 1.04
C TRP A 23 -4.96 0.81 0.79
N PRO A 24 -4.73 1.70 1.70
CA PRO A 24 -3.60 2.63 1.58
C PRO A 24 -2.28 1.86 1.65
N SER A 25 -1.61 1.74 0.54
CA SER A 25 -0.32 0.99 0.51
C SER A 25 0.67 1.73 -0.38
N MET A 26 1.92 1.74 -0.01
CA MET A 26 2.92 2.45 -0.84
C MET A 26 3.75 1.45 -1.64
N VAL A 27 4.14 1.80 -2.84
CA VAL A 27 4.95 0.85 -3.65
C VAL A 27 6.37 0.76 -3.09
N VAL A 28 6.76 -0.39 -2.63
CA VAL A 28 8.12 -0.55 -2.06
C VAL A 28 8.94 -1.55 -2.87
N THR A 29 10.09 -1.93 -2.37
CA THR A 29 10.94 -2.91 -3.09
C THR A 29 11.46 -3.95 -2.11
N GLU A 30 11.76 -5.14 -2.58
CA GLU A 30 12.27 -6.19 -1.65
C GLU A 30 13.42 -5.64 -0.81
N SER A 31 14.06 -4.59 -1.26
CA SER A 31 15.19 -4.01 -0.48
C SER A 31 14.72 -3.59 0.91
N LYS A 32 13.48 -3.17 1.03
CA LYS A 32 12.96 -2.75 2.35
C LYS A 32 12.14 -3.87 2.98
N MET A 33 11.49 -4.67 2.16
CA MET A 33 10.66 -5.78 2.72
C MET A 33 11.54 -6.75 3.51
N THR A 34 11.02 -7.26 4.59
CA THR A 34 11.81 -8.23 5.40
C THR A 34 11.57 -9.65 4.87
N SER A 35 11.75 -10.65 5.69
CA SER A 35 11.51 -12.03 5.21
C SER A 35 10.01 -12.33 5.18
N VAL A 36 9.24 -11.53 5.86
CA VAL A 36 7.76 -11.74 5.88
C VAL A 36 7.18 -11.51 4.48
N ALA A 37 7.46 -10.38 3.89
CA ALA A 37 6.91 -10.09 2.53
C ALA A 37 7.69 -10.89 1.48
N ARG A 38 8.96 -11.07 1.68
CA ARG A 38 9.77 -11.85 0.69
C ARG A 38 9.25 -13.29 0.63
N LYS A 39 8.80 -13.81 1.74
CA LYS A 39 8.28 -15.21 1.74
C LYS A 39 6.86 -15.25 1.17
N SER A 40 6.21 -14.13 1.11
CA SER A 40 4.81 -14.10 0.55
C SER A 40 4.85 -13.69 -0.91
N LYS A 41 6.02 -13.41 -1.44
CA LYS A 41 6.11 -13.00 -2.87
C LYS A 41 5.43 -14.04 -3.77
N PRO A 42 4.60 -13.54 -4.64
CA PRO A 42 3.85 -14.43 -5.58
C PRO A 42 4.78 -15.04 -6.63
N LYS A 43 4.56 -16.28 -6.96
CA LYS A 43 5.41 -16.95 -7.99
C LYS A 43 4.55 -17.18 -9.24
N ARG A 44 4.20 -16.12 -9.91
CA ARG A 44 3.35 -16.24 -11.13
C ARG A 44 3.85 -15.32 -12.25
N ALA A 45 3.23 -15.41 -13.40
CA ALA A 45 3.64 -14.55 -14.54
C ALA A 45 2.98 -13.18 -14.42
N GLY A 46 3.62 -12.15 -14.89
CA GLY A 46 3.02 -10.80 -14.79
C GLY A 46 3.85 -9.96 -13.82
N THR A 47 3.79 -8.66 -13.95
CA THR A 47 4.58 -7.81 -13.03
C THR A 47 3.79 -7.52 -11.76
N PHE A 48 4.34 -7.82 -10.63
CA PHE A 48 3.62 -7.58 -9.35
C PHE A 48 4.35 -6.50 -8.55
N TYR A 49 3.60 -5.60 -7.97
CA TYR A 49 4.23 -4.50 -7.18
C TYR A 49 4.19 -4.81 -5.68
N PRO A 50 5.35 -4.92 -5.09
CA PRO A 50 5.41 -5.14 -3.65
C PRO A 50 5.13 -3.80 -2.96
N VAL A 51 4.10 -3.73 -2.17
CA VAL A 51 3.80 -2.43 -1.51
C VAL A 51 3.76 -2.59 0.00
N ILE A 52 3.76 -1.52 0.73
CA ILE A 52 3.66 -1.64 2.20
C ILE A 52 2.24 -1.28 2.60
N PHE A 53 1.59 -2.11 3.34
CA PHE A 53 0.18 -1.84 3.71
C PHE A 53 0.08 -1.12 5.05
N PHE A 54 -0.81 -0.18 5.16
CA PHE A 54 -1.00 0.55 6.44
C PHE A 54 -2.23 -0.03 7.16
N PRO A 55 -2.15 -0.14 8.47
CA PRO A 55 -0.95 0.25 9.22
C PRO A 55 0.00 -0.94 9.38
N ASN A 56 0.80 -0.96 10.41
CA ASN A 56 1.73 -2.12 10.61
C ASN A 56 2.66 -2.28 9.41
N LYS A 57 2.76 -1.26 8.59
CA LYS A 57 3.64 -1.33 7.38
C LYS A 57 3.71 -2.74 6.81
N GLU A 58 2.60 -3.41 6.67
CA GLU A 58 2.64 -4.78 6.12
C GLU A 58 3.21 -4.72 4.70
N TYR A 59 3.31 -5.82 4.03
CA TYR A 59 3.86 -5.80 2.64
C TYR A 59 3.03 -6.72 1.75
N LEU A 60 2.55 -6.22 0.65
CA LEU A 60 1.70 -7.08 -0.24
C LEU A 60 2.19 -7.04 -1.68
N TRP A 61 2.03 -8.13 -2.37
CA TRP A 61 2.45 -8.19 -3.79
C TRP A 61 1.22 -8.14 -4.68
N THR A 62 0.87 -7.00 -5.20
CA THR A 62 -0.35 -6.91 -6.05
C THR A 62 0.02 -6.45 -7.46
N GLY A 63 -0.63 -6.97 -8.45
CA GLY A 63 -0.33 -6.57 -9.85
C GLY A 63 -0.88 -5.17 -10.11
N SER A 64 -0.64 -4.63 -11.28
CA SER A 64 -1.13 -3.27 -11.59
C SER A 64 -2.67 -3.25 -11.66
N ASP A 65 -3.27 -4.36 -11.97
CA ASP A 65 -4.76 -4.40 -12.08
C ASP A 65 -5.44 -3.90 -10.79
N SER A 66 -5.01 -4.37 -9.65
CA SER A 66 -5.66 -3.92 -8.39
C SER A 66 -4.88 -2.75 -7.76
N LEU A 67 -3.96 -2.18 -8.48
CA LEU A 67 -3.17 -1.05 -7.92
C LEU A 67 -3.57 0.28 -8.54
N THR A 68 -3.60 1.31 -7.74
CA THR A 68 -3.96 2.66 -8.26
C THR A 68 -3.17 3.73 -7.49
N PRO A 69 -2.94 4.83 -8.13
CA PRO A 69 -2.19 5.93 -7.48
C PRO A 69 -3.04 6.61 -6.39
N LEU A 70 -2.48 6.78 -5.22
CA LEU A 70 -3.25 7.43 -4.11
C LEU A 70 -2.63 8.79 -3.78
N THR A 71 -3.45 9.76 -3.48
CA THR A 71 -2.89 11.12 -3.17
C THR A 71 -3.06 11.46 -1.69
N SER A 72 -2.30 12.41 -1.21
CA SER A 72 -2.42 12.81 0.22
C SER A 72 -3.78 13.45 0.47
N GLU A 73 -4.20 14.30 -0.42
CA GLU A 73 -5.53 14.96 -0.26
C GLU A 73 -6.61 13.89 -0.12
N ALA A 74 -6.53 12.87 -0.92
CA ALA A 74 -7.54 11.78 -0.85
C ALA A 74 -7.40 11.07 0.50
N ILE A 75 -6.20 10.89 0.96
CA ILE A 75 -6.00 10.21 2.27
C ILE A 75 -6.76 10.97 3.37
N SER A 76 -6.54 12.25 3.47
CA SER A 76 -7.25 13.04 4.51
C SER A 76 -8.77 12.97 4.28
N GLN A 77 -9.20 13.03 3.05
CA GLN A 77 -10.66 12.96 2.78
C GLN A 77 -11.21 11.69 3.43
N PHE A 78 -10.51 10.59 3.28
CA PHE A 78 -10.99 9.33 3.91
C PHE A 78 -11.01 9.48 5.43
N LEU A 79 -9.96 10.04 5.99
CA LEU A 79 -9.93 10.21 7.47
C LEU A 79 -11.22 10.89 7.93
N GLU A 80 -11.62 11.91 7.24
CA GLU A 80 -12.89 12.60 7.63
C GLU A 80 -14.03 11.59 7.49
N LYS A 81 -14.02 10.83 6.43
CA LYS A 81 -15.08 9.80 6.24
C LYS A 81 -14.46 8.52 5.66
N PRO A 82 -14.39 7.51 6.48
CA PRO A 82 -13.82 6.21 6.05
C PRO A 82 -14.93 5.27 5.56
N LYS A 83 -14.63 4.41 4.62
CA LYS A 83 -15.67 3.47 4.12
C LYS A 83 -15.01 2.23 3.49
N PRO A 84 -15.46 1.06 3.90
CA PRO A 84 -16.54 0.94 4.92
C PRO A 84 -16.01 1.34 6.30
N LYS A 85 -16.65 0.91 7.34
CA LYS A 85 -16.15 1.28 8.70
C LYS A 85 -15.28 0.15 9.27
N THR A 86 -14.03 0.12 8.91
CA THR A 86 -13.11 -0.93 9.43
C THR A 86 -12.00 -0.26 10.24
N ALA A 87 -11.98 -0.45 11.53
CA ALA A 87 -10.92 0.19 12.36
C ALA A 87 -9.54 -0.07 11.76
N SER A 88 -9.35 -1.19 11.11
CA SER A 88 -8.02 -1.47 10.50
C SER A 88 -7.75 -0.54 9.31
N LEU A 89 -8.69 -0.43 8.42
CA LEU A 89 -8.48 0.49 7.26
C LEU A 89 -8.30 1.91 7.77
N ILE A 90 -9.20 2.37 8.59
CA ILE A 90 -9.07 3.74 9.13
C ILE A 90 -7.68 3.91 9.73
N LYS A 91 -7.19 2.91 10.39
CA LYS A 91 -5.83 3.00 10.97
C LYS A 91 -4.83 2.97 9.81
N ALA A 92 -5.22 2.38 8.71
CA ALA A 92 -4.33 2.32 7.53
C ALA A 92 -4.11 3.72 6.98
N TYR A 93 -5.18 4.42 6.71
CA TYR A 93 -5.05 5.80 6.18
C TYR A 93 -4.52 6.72 7.28
N LYS A 94 -5.03 6.60 8.47
CA LYS A 94 -4.54 7.47 9.57
C LYS A 94 -3.03 7.30 9.74
N MET A 95 -2.54 6.10 9.60
CA MET A 95 -1.08 5.87 9.75
C MET A 95 -0.36 6.21 8.43
N ALA A 96 -0.95 5.86 7.33
CA ALA A 96 -0.31 6.17 6.01
C ALA A 96 -0.29 7.70 5.82
N GLN A 97 -1.25 8.38 6.37
CA GLN A 97 -1.29 9.87 6.24
C GLN A 97 -0.04 10.45 6.88
N SER A 98 0.36 9.94 8.01
CA SER A 98 1.59 10.44 8.68
C SER A 98 2.82 10.07 7.86
N THR A 99 2.72 9.06 7.04
CA THR A 99 3.88 8.65 6.21
C THR A 99 3.70 9.15 4.77
N PRO A 100 4.39 10.21 4.46
CA PRO A 100 4.30 10.82 3.11
C PRO A 100 5.10 10.00 2.09
N ASP A 101 6.27 9.54 2.47
CA ASP A 101 7.10 8.75 1.51
C ASP A 101 7.71 7.53 2.20
N LEU A 102 8.42 6.73 1.46
CA LEU A 102 9.05 5.51 2.04
C LEU A 102 10.08 5.89 3.09
N ASP A 103 10.88 6.89 2.81
CA ASP A 103 11.92 7.32 3.79
C ASP A 103 11.28 7.65 5.15
N SER A 104 10.00 7.86 5.17
CA SER A 104 9.33 8.20 6.46
C SER A 104 8.94 6.92 7.21
N LEU A 105 8.76 5.84 6.50
CA LEU A 105 8.38 4.57 7.18
C LEU A 105 9.55 4.06 8.04
N SER A 106 9.30 3.09 8.87
CA SER A 106 10.38 2.55 9.74
C SER A 106 10.60 1.06 9.46
N VAL A 107 11.66 0.73 8.75
CA VAL A 107 11.93 -0.70 8.44
C VAL A 107 12.68 -1.35 9.60
N PRO A 108 12.29 -2.56 9.91
CA PRO A 108 12.94 -3.31 11.03
C PRO A 108 14.33 -3.78 10.61
N SER A 109 14.91 -4.70 11.34
CA SER A 109 16.26 -5.19 10.99
C SER A 109 16.29 -5.70 9.55
N SER A 2 -4.73 5.71 -22.92
CA SER A 2 -3.66 5.72 -21.86
C SER A 2 -3.27 4.28 -21.52
N GLU A 3 -2.22 4.12 -20.76
CA GLU A 3 -1.78 2.74 -20.37
C GLU A 3 -1.80 2.58 -18.85
N ARG A 4 -1.35 1.48 -18.35
CA ARG A 4 -1.34 1.27 -16.88
C ARG A 4 -0.67 2.46 -16.18
N VAL A 5 -0.59 2.42 -14.87
CA VAL A 5 0.04 3.56 -14.14
C VAL A 5 1.48 3.18 -13.75
N ASN A 6 2.36 4.14 -13.74
CA ASN A 6 3.77 3.82 -13.36
C ASN A 6 4.00 4.14 -11.89
N TYR A 7 4.06 3.14 -11.07
CA TYR A 7 4.26 3.37 -9.61
C TYR A 7 5.75 3.28 -9.25
N LYS A 8 6.20 4.17 -8.40
CA LYS A 8 7.63 4.16 -8.00
C LYS A 8 7.76 3.79 -6.51
N PRO A 9 8.95 3.39 -6.15
CA PRO A 9 9.21 2.99 -4.74
C PRO A 9 9.07 4.20 -3.82
N GLY A 10 8.14 4.16 -2.91
CA GLY A 10 7.94 5.31 -1.98
C GLY A 10 6.68 6.08 -2.38
N MET A 11 6.04 5.69 -3.46
CA MET A 11 4.82 6.42 -3.89
C MET A 11 3.59 5.80 -3.21
N ARG A 12 2.74 6.61 -2.64
CA ARG A 12 1.53 6.09 -1.96
C ARG A 12 0.45 5.71 -2.97
N VAL A 13 0.08 4.46 -3.00
CA VAL A 13 -0.97 4.03 -3.96
C VAL A 13 -2.10 3.31 -3.20
N LEU A 14 -3.19 3.06 -3.86
CA LEU A 14 -4.32 2.36 -3.21
C LEU A 14 -4.38 0.92 -3.74
N THR A 15 -4.22 -0.04 -2.87
CA THR A 15 -4.23 -1.45 -3.33
C THR A 15 -5.61 -2.10 -3.11
N LYS A 16 -6.28 -2.43 -4.18
CA LYS A 16 -7.62 -3.08 -4.05
C LYS A 16 -7.44 -4.57 -3.75
N MET A 17 -8.21 -5.13 -2.85
CA MET A 17 -8.03 -6.59 -2.56
C MET A 17 -9.36 -7.32 -2.81
N SER A 18 -9.31 -8.61 -3.04
CA SER A 18 -10.57 -9.36 -3.30
C SER A 18 -11.58 -9.15 -2.16
N GLY A 19 -12.75 -8.66 -2.48
CA GLY A 19 -13.78 -8.44 -1.42
C GLY A 19 -13.26 -7.36 -0.44
N PHE A 20 -12.26 -6.65 -0.85
CA PHE A 20 -11.67 -5.60 0.04
C PHE A 20 -11.52 -4.26 -0.69
N PRO A 21 -11.92 -3.22 0.00
CA PRO A 21 -11.83 -1.84 -0.53
C PRO A 21 -10.37 -1.42 -0.74
N TRP A 22 -10.14 -0.46 -1.60
CA TRP A 22 -8.75 -0.01 -1.85
C TRP A 22 -8.06 0.34 -0.52
N TRP A 23 -6.92 -0.23 -0.27
CA TRP A 23 -6.21 0.05 1.00
C TRP A 23 -5.02 0.97 0.75
N PRO A 24 -4.79 1.86 1.68
CA PRO A 24 -3.66 2.79 1.57
C PRO A 24 -2.35 2.00 1.67
N SER A 25 -1.69 1.81 0.56
CA SER A 25 -0.41 1.05 0.56
C SER A 25 0.62 1.79 -0.27
N MET A 26 1.88 1.65 0.04
CA MET A 26 2.92 2.35 -0.75
C MET A 26 3.77 1.34 -1.52
N VAL A 27 4.18 1.67 -2.72
CA VAL A 27 5.01 0.73 -3.49
C VAL A 27 6.42 0.67 -2.90
N VAL A 28 6.77 -0.43 -2.29
CA VAL A 28 8.13 -0.57 -1.69
C VAL A 28 8.98 -1.52 -2.52
N THR A 29 10.11 -1.91 -1.99
CA THR A 29 11.00 -2.85 -2.75
C THR A 29 11.46 -4.00 -1.85
N GLU A 30 11.71 -5.13 -2.43
CA GLU A 30 12.18 -6.30 -1.62
C GLU A 30 13.34 -5.88 -0.72
N SER A 31 14.06 -4.86 -1.10
CA SER A 31 15.21 -4.41 -0.27
C SER A 31 14.72 -3.97 1.12
N LYS A 32 13.47 -3.58 1.23
CA LYS A 32 12.94 -3.14 2.54
C LYS A 32 12.02 -4.22 3.12
N MET A 33 11.81 -5.29 2.40
CA MET A 33 10.92 -6.37 2.91
C MET A 33 11.74 -7.43 3.65
N THR A 34 11.38 -7.74 4.86
CA THR A 34 12.13 -8.78 5.61
C THR A 34 11.83 -10.15 5.01
N SER A 35 12.22 -11.21 5.68
CA SER A 35 11.94 -12.56 5.13
C SER A 35 10.43 -12.83 5.17
N VAL A 36 9.72 -12.14 6.02
CA VAL A 36 8.25 -12.34 6.11
C VAL A 36 7.58 -11.89 4.81
N ALA A 37 7.86 -10.70 4.37
CA ALA A 37 7.24 -10.20 3.11
C ALA A 37 7.89 -10.90 1.91
N ARG A 38 9.13 -11.27 2.03
CA ARG A 38 9.82 -11.95 0.90
C ARG A 38 9.24 -13.36 0.70
N LYS A 39 8.84 -13.99 1.77
CA LYS A 39 8.27 -15.36 1.64
C LYS A 39 6.87 -15.27 1.02
N SER A 40 6.19 -14.18 1.20
CA SER A 40 4.83 -14.03 0.61
C SER A 40 4.92 -13.54 -0.83
N LYS A 41 6.11 -13.32 -1.32
CA LYS A 41 6.26 -12.84 -2.73
C LYS A 41 5.65 -13.86 -3.70
N PRO A 42 4.75 -13.38 -4.52
CA PRO A 42 4.08 -14.26 -5.50
C PRO A 42 5.04 -14.67 -6.62
N LYS A 43 4.94 -15.89 -7.07
CA LYS A 43 5.85 -16.36 -8.16
C LYS A 43 5.01 -16.75 -9.38
N ARG A 44 4.15 -15.87 -9.82
CA ARG A 44 3.30 -16.18 -11.01
C ARG A 44 3.57 -15.18 -12.14
N ALA A 45 2.97 -15.39 -13.27
CA ALA A 45 3.19 -14.48 -14.43
C ALA A 45 2.77 -13.05 -14.08
N GLY A 46 3.43 -12.08 -14.65
CA GLY A 46 3.08 -10.67 -14.35
C GLY A 46 3.99 -10.11 -13.26
N THR A 47 4.57 -8.97 -13.48
CA THR A 47 5.47 -8.38 -12.44
C THR A 47 4.63 -7.78 -11.32
N PHE A 48 4.68 -8.37 -10.16
CA PHE A 48 3.87 -7.84 -9.03
C PHE A 48 4.64 -6.74 -8.30
N TYR A 49 3.93 -5.83 -7.68
CA TYR A 49 4.59 -4.73 -6.96
C TYR A 49 4.53 -4.98 -5.45
N PRO A 50 5.69 -5.03 -4.84
CA PRO A 50 5.73 -5.21 -3.38
C PRO A 50 5.33 -3.89 -2.73
N VAL A 51 4.28 -3.87 -1.96
CA VAL A 51 3.86 -2.59 -1.33
C VAL A 51 3.77 -2.74 0.19
N ILE A 52 3.79 -1.65 0.89
CA ILE A 52 3.65 -1.75 2.36
C ILE A 52 2.22 -1.32 2.71
N PHE A 53 1.51 -2.14 3.42
CA PHE A 53 0.10 -1.80 3.75
C PHE A 53 0.02 -1.03 5.06
N PHE A 54 -0.83 -0.05 5.13
CA PHE A 54 -0.96 0.72 6.39
C PHE A 54 -2.20 0.21 7.15
N PRO A 55 -2.10 0.11 8.46
CA PRO A 55 -0.85 0.43 9.19
C PRO A 55 -0.06 -0.86 9.47
N ASN A 56 0.74 -0.87 10.49
CA ASN A 56 1.52 -2.11 10.85
C ASN A 56 2.56 -2.48 9.78
N LYS A 57 2.94 -1.57 8.94
CA LYS A 57 3.97 -1.87 7.91
C LYS A 57 3.78 -3.29 7.33
N GLU A 58 2.63 -3.59 6.78
CA GLU A 58 2.43 -4.94 6.19
C GLU A 58 3.03 -4.96 4.78
N TYR A 59 3.22 -6.10 4.19
CA TYR A 59 3.80 -6.11 2.82
C TYR A 59 2.91 -6.96 1.90
N LEU A 60 2.51 -6.41 0.77
CA LEU A 60 1.63 -7.18 -0.16
C LEU A 60 2.17 -7.10 -1.58
N TRP A 61 2.02 -8.16 -2.33
CA TRP A 61 2.49 -8.16 -3.74
C TRP A 61 1.29 -8.03 -4.67
N THR A 62 1.05 -6.86 -5.19
CA THR A 62 -0.12 -6.68 -6.10
C THR A 62 0.32 -6.15 -7.46
N GLY A 63 -0.32 -6.58 -8.50
CA GLY A 63 0.07 -6.11 -9.86
C GLY A 63 -0.39 -4.66 -10.06
N SER A 64 0.07 -4.02 -11.09
CA SER A 64 -0.34 -2.60 -11.33
C SER A 64 -1.84 -2.52 -11.65
N ASP A 65 -2.40 -3.58 -12.17
CA ASP A 65 -3.86 -3.57 -12.52
C ASP A 65 -4.73 -3.23 -11.29
N SER A 66 -4.55 -3.94 -10.21
CA SER A 66 -5.38 -3.66 -9.00
C SER A 66 -4.74 -2.52 -8.20
N LEU A 67 -3.77 -1.85 -8.77
CA LEU A 67 -3.10 -0.74 -8.04
C LEU A 67 -3.49 0.61 -8.64
N THR A 68 -3.85 1.53 -7.80
CA THR A 68 -4.23 2.89 -8.29
C THR A 68 -3.41 3.94 -7.54
N PRO A 69 -3.19 5.06 -8.17
CA PRO A 69 -2.41 6.14 -7.51
C PRO A 69 -3.20 6.75 -6.35
N LEU A 70 -2.60 6.87 -5.20
CA LEU A 70 -3.32 7.46 -4.04
C LEU A 70 -2.77 8.87 -3.74
N THR A 71 -3.61 9.78 -3.36
CA THR A 71 -3.13 11.16 -3.06
C THR A 71 -3.40 11.54 -1.61
N SER A 72 -2.73 12.53 -1.11
CA SER A 72 -2.96 12.96 0.30
C SER A 72 -4.38 13.52 0.44
N GLU A 73 -4.85 14.19 -0.58
CA GLU A 73 -6.23 14.75 -0.52
C GLU A 73 -7.23 13.62 -0.33
N ALA A 74 -7.15 12.59 -1.13
CA ALA A 74 -8.08 11.46 -0.99
C ALA A 74 -7.93 10.83 0.40
N ILE A 75 -6.71 10.67 0.84
CA ILE A 75 -6.49 10.08 2.19
C ILE A 75 -7.22 10.92 3.25
N SER A 76 -6.99 12.20 3.25
CA SER A 76 -7.67 13.08 4.26
C SER A 76 -9.18 12.94 4.13
N GLN A 77 -9.69 12.92 2.93
CA GLN A 77 -11.16 12.77 2.76
C GLN A 77 -11.63 11.53 3.51
N PHE A 78 -10.91 10.45 3.39
CA PHE A 78 -11.31 9.21 4.11
C PHE A 78 -11.24 9.44 5.62
N LEU A 79 -10.19 10.07 6.09
CA LEU A 79 -10.08 10.31 7.56
C LEU A 79 -11.38 10.96 8.04
N GLU A 80 -11.86 11.95 7.34
CA GLU A 80 -13.15 12.58 7.76
C GLU A 80 -14.25 11.53 7.70
N LYS A 81 -14.26 10.73 6.68
CA LYS A 81 -15.30 9.66 6.56
C LYS A 81 -14.66 8.39 6.00
N PRO A 82 -14.52 7.41 6.85
CA PRO A 82 -13.93 6.12 6.46
C PRO A 82 -15.03 5.12 6.07
N LYS A 83 -14.75 4.24 5.14
CA LYS A 83 -15.78 3.24 4.73
C LYS A 83 -15.10 2.01 4.09
N PRO A 84 -15.54 0.83 4.50
CA PRO A 84 -16.62 0.69 5.52
C PRO A 84 -16.09 1.08 6.90
N LYS A 85 -16.71 0.62 7.95
CA LYS A 85 -16.19 0.97 9.30
C LYS A 85 -15.23 -0.12 9.80
N THR A 86 -14.00 -0.06 9.38
CA THR A 86 -13.00 -1.06 9.84
C THR A 86 -11.87 -0.35 10.59
N ALA A 87 -11.79 -0.49 11.88
CA ALA A 87 -10.71 0.20 12.63
C ALA A 87 -9.35 -0.04 11.97
N SER A 88 -9.21 -1.12 11.26
CA SER A 88 -7.91 -1.41 10.59
C SER A 88 -7.70 -0.47 9.39
N LEU A 89 -8.68 -0.35 8.53
CA LEU A 89 -8.51 0.56 7.37
C LEU A 89 -8.41 2.00 7.87
N ILE A 90 -9.24 2.36 8.81
CA ILE A 90 -9.19 3.75 9.34
C ILE A 90 -7.78 4.00 9.89
N LYS A 91 -7.21 3.01 10.54
CA LYS A 91 -5.84 3.19 11.06
C LYS A 91 -4.88 3.18 9.88
N ALA A 92 -5.27 2.56 8.80
CA ALA A 92 -4.41 2.52 7.59
C ALA A 92 -4.25 3.93 7.01
N TYR A 93 -5.33 4.65 6.89
CA TYR A 93 -5.25 6.03 6.33
C TYR A 93 -4.61 6.97 7.35
N LYS A 94 -5.05 6.93 8.57
CA LYS A 94 -4.46 7.84 9.59
C LYS A 94 -2.95 7.61 9.70
N MET A 95 -2.50 6.38 9.57
CA MET A 95 -1.04 6.11 9.66
C MET A 95 -0.35 6.39 8.32
N ALA A 96 -0.97 6.01 7.24
CA ALA A 96 -0.34 6.26 5.90
C ALA A 96 -0.35 7.77 5.62
N GLN A 97 -1.37 8.44 6.07
CA GLN A 97 -1.46 9.91 5.86
C GLN A 97 -0.27 10.60 6.51
N SER A 98 0.20 10.06 7.61
CA SER A 98 1.37 10.68 8.30
C SER A 98 2.66 10.39 7.52
N THR A 99 2.79 9.19 7.02
CA THR A 99 4.03 8.85 6.26
C THR A 99 3.95 9.41 4.83
N PRO A 100 4.95 10.19 4.48
CA PRO A 100 5.00 10.81 3.14
C PRO A 100 5.38 9.78 2.07
N ASP A 101 6.54 9.18 2.19
CA ASP A 101 6.96 8.18 1.17
C ASP A 101 7.72 7.02 1.83
N LEU A 102 8.42 6.24 1.04
CA LEU A 102 9.18 5.09 1.60
C LEU A 102 10.42 5.61 2.37
N ASP A 103 11.05 6.63 1.86
CA ASP A 103 12.26 7.17 2.54
C ASP A 103 11.90 7.67 3.95
N SER A 104 10.63 7.78 4.25
CA SER A 104 10.23 8.26 5.59
C SER A 104 9.74 7.09 6.46
N LEU A 105 9.28 6.04 5.84
CA LEU A 105 8.78 4.87 6.63
C LEU A 105 9.95 4.16 7.32
N SER A 106 9.67 3.34 8.28
CA SER A 106 10.76 2.62 9.00
C SER A 106 10.47 1.12 9.04
N VAL A 107 11.49 0.31 8.90
CA VAL A 107 11.28 -1.16 8.91
C VAL A 107 11.39 -1.70 10.35
N PRO A 108 10.52 -2.61 10.68
CA PRO A 108 10.51 -3.21 12.04
C PRO A 108 11.70 -4.17 12.19
N SER A 109 11.70 -4.97 13.22
CA SER A 109 12.84 -5.91 13.43
C SER A 109 12.56 -7.23 12.71
N SER A 2 -8.54 0.79 -15.78
CA SER A 2 -7.98 2.08 -16.28
C SER A 2 -6.65 1.83 -17.00
N GLU A 3 -5.94 2.89 -17.34
CA GLU A 3 -4.64 2.72 -18.04
C GLU A 3 -3.54 2.40 -17.03
N ARG A 4 -2.70 1.44 -17.34
CA ARG A 4 -1.61 1.07 -16.39
C ARG A 4 -0.92 2.33 -15.88
N VAL A 5 -0.55 2.36 -14.62
CA VAL A 5 0.13 3.55 -14.05
C VAL A 5 1.55 3.20 -13.61
N ASN A 6 2.47 4.09 -13.77
CA ASN A 6 3.87 3.79 -13.34
C ASN A 6 4.04 4.13 -11.87
N TYR A 7 4.10 3.13 -11.03
CA TYR A 7 4.25 3.40 -9.56
C TYR A 7 5.73 3.34 -9.15
N LYS A 8 6.16 4.30 -8.38
CA LYS A 8 7.59 4.33 -7.93
C LYS A 8 7.68 3.88 -6.47
N PRO A 9 8.87 3.51 -6.08
CA PRO A 9 9.11 3.05 -4.70
C PRO A 9 8.96 4.22 -3.71
N GLY A 10 8.01 4.13 -2.83
CA GLY A 10 7.79 5.22 -1.85
C GLY A 10 6.55 6.03 -2.24
N MET A 11 5.95 5.73 -3.36
CA MET A 11 4.73 6.48 -3.78
C MET A 11 3.50 5.89 -3.06
N ARG A 12 2.76 6.71 -2.40
CA ARG A 12 1.54 6.20 -1.68
C ARG A 12 0.44 5.88 -2.69
N VAL A 13 0.05 4.63 -2.74
CA VAL A 13 -1.02 4.24 -3.69
C VAL A 13 -2.09 3.40 -2.97
N LEU A 14 -3.18 3.14 -3.63
CA LEU A 14 -4.25 2.32 -2.99
C LEU A 14 -4.24 0.93 -3.62
N THR A 15 -4.17 -0.10 -2.82
CA THR A 15 -4.12 -1.47 -3.39
C THR A 15 -5.37 -2.27 -3.00
N LYS A 16 -6.20 -2.59 -3.97
CA LYS A 16 -7.42 -3.38 -3.65
C LYS A 16 -7.07 -4.87 -3.60
N MET A 17 -7.58 -5.60 -2.65
CA MET A 17 -7.25 -7.05 -2.58
C MET A 17 -8.53 -7.89 -2.62
N SER A 18 -8.41 -9.18 -2.78
CA SER A 18 -9.62 -10.03 -2.83
C SER A 18 -10.47 -9.83 -1.57
N GLY A 19 -11.70 -9.45 -1.71
CA GLY A 19 -12.57 -9.25 -0.52
C GLY A 19 -12.03 -8.07 0.29
N PHE A 20 -11.10 -7.34 -0.24
CA PHE A 20 -10.54 -6.18 0.51
C PHE A 20 -10.69 -4.88 -0.29
N PRO A 21 -11.20 -3.88 0.38
CA PRO A 21 -11.38 -2.55 -0.26
C PRO A 21 -10.01 -1.95 -0.56
N TRP A 22 -9.92 -1.04 -1.49
CA TRP A 22 -8.59 -0.46 -1.79
C TRP A 22 -7.93 -0.03 -0.49
N TRP A 23 -6.75 -0.51 -0.22
CA TRP A 23 -6.08 -0.16 1.06
C TRP A 23 -4.93 0.81 0.81
N PRO A 24 -4.76 1.73 1.72
CA PRO A 24 -3.66 2.71 1.61
C PRO A 24 -2.32 2.01 1.78
N SER A 25 -1.60 1.86 0.69
CA SER A 25 -0.28 1.17 0.77
C SER A 25 0.72 1.91 -0.13
N MET A 26 1.99 1.73 0.10
CA MET A 26 3.00 2.42 -0.75
C MET A 26 3.80 1.40 -1.55
N VAL A 27 4.20 1.75 -2.75
CA VAL A 27 4.99 0.78 -3.57
C VAL A 27 6.41 0.65 -3.01
N VAL A 28 6.79 -0.53 -2.61
CA VAL A 28 8.16 -0.72 -2.04
C VAL A 28 8.95 -1.76 -2.84
N THR A 29 10.07 -2.18 -2.33
CA THR A 29 10.89 -3.20 -3.04
C THR A 29 11.30 -4.31 -2.08
N GLU A 30 11.57 -5.49 -2.57
CA GLU A 30 11.97 -6.61 -1.68
C GLU A 30 13.17 -6.19 -0.81
N SER A 31 13.88 -5.17 -1.21
CA SER A 31 15.05 -4.72 -0.40
C SER A 31 14.60 -4.33 1.01
N LYS A 32 13.43 -3.78 1.13
CA LYS A 32 12.93 -3.37 2.47
C LYS A 32 12.00 -4.44 3.03
N MET A 33 11.55 -5.34 2.19
CA MET A 33 10.62 -6.42 2.67
C MET A 33 11.38 -7.42 3.53
N THR A 34 10.94 -7.63 4.75
CA THR A 34 11.63 -8.61 5.63
C THR A 34 11.36 -10.03 5.10
N SER A 35 11.43 -11.01 5.96
CA SER A 35 11.17 -12.40 5.49
C SER A 35 9.66 -12.66 5.45
N VAL A 36 8.92 -11.89 6.19
CA VAL A 36 7.43 -12.08 6.19
C VAL A 36 6.86 -11.70 4.81
N ALA A 37 7.22 -10.55 4.32
CA ALA A 37 6.70 -10.12 2.98
C ALA A 37 7.39 -10.92 1.88
N ARG A 38 8.65 -11.24 2.07
CA ARG A 38 9.38 -12.03 1.04
C ARG A 38 8.78 -13.43 0.92
N LYS A 39 8.06 -13.86 1.92
CA LYS A 39 7.44 -15.21 1.88
C LYS A 39 6.13 -15.16 1.10
N SER A 40 5.49 -14.02 1.07
CA SER A 40 4.20 -13.88 0.34
C SER A 40 4.45 -13.42 -1.09
N LYS A 41 5.69 -13.31 -1.49
CA LYS A 41 6.00 -12.85 -2.87
C LYS A 41 5.46 -13.86 -3.89
N PRO A 42 4.53 -13.42 -4.68
CA PRO A 42 3.91 -14.29 -5.71
C PRO A 42 4.87 -14.52 -6.88
N LYS A 43 4.72 -15.61 -7.57
CA LYS A 43 5.61 -15.90 -8.73
C LYS A 43 4.77 -16.30 -9.94
N ARG A 44 3.61 -15.72 -10.07
CA ARG A 44 2.73 -16.07 -11.22
C ARG A 44 2.91 -15.04 -12.36
N ALA A 45 2.27 -15.26 -13.47
CA ALA A 45 2.41 -14.32 -14.62
C ALA A 45 2.03 -12.90 -14.18
N GLY A 46 2.69 -11.92 -14.74
CA GLY A 46 2.38 -10.51 -14.36
C GLY A 46 3.38 -10.03 -13.32
N THR A 47 3.98 -8.89 -13.53
CA THR A 47 4.95 -8.38 -12.53
C THR A 47 4.20 -7.79 -11.35
N PHE A 48 4.29 -8.42 -10.22
CA PHE A 48 3.56 -7.91 -9.02
C PHE A 48 4.37 -6.83 -8.30
N TYR A 49 3.70 -5.85 -7.76
CA TYR A 49 4.40 -4.76 -7.05
C TYR A 49 4.34 -4.98 -5.54
N PRO A 50 5.47 -5.13 -4.93
CA PRO A 50 5.51 -5.31 -3.47
C PRO A 50 5.26 -3.95 -2.82
N VAL A 51 4.22 -3.82 -2.05
CA VAL A 51 3.94 -2.50 -1.42
C VAL A 51 3.83 -2.65 0.09
N ILE A 52 3.88 -1.56 0.81
CA ILE A 52 3.74 -1.66 2.28
C ILE A 52 2.33 -1.19 2.64
N PHE A 53 1.61 -1.99 3.38
CA PHE A 53 0.22 -1.61 3.74
C PHE A 53 0.18 -0.88 5.08
N PHE A 54 -0.69 0.09 5.22
CA PHE A 54 -0.79 0.83 6.51
C PHE A 54 -1.99 0.26 7.30
N PRO A 55 -1.97 0.46 8.59
CA PRO A 55 -0.88 1.18 9.28
C PRO A 55 0.17 0.21 9.82
N ASN A 56 -0.06 -1.07 9.70
CA ASN A 56 0.91 -2.07 10.23
C ASN A 56 2.05 -2.32 9.24
N LYS A 57 2.51 -1.29 8.55
CA LYS A 57 3.63 -1.44 7.57
C LYS A 57 3.68 -2.85 6.98
N GLU A 58 2.53 -3.43 6.72
CA GLU A 58 2.51 -4.81 6.15
C GLU A 58 3.14 -4.77 4.76
N TYR A 59 3.12 -5.86 4.06
CA TYR A 59 3.70 -5.87 2.69
C TYR A 59 2.83 -6.73 1.78
N LEU A 60 2.41 -6.21 0.67
CA LEU A 60 1.54 -7.02 -0.24
C LEU A 60 2.08 -7.03 -1.67
N TRP A 61 1.87 -8.10 -2.37
CA TRP A 61 2.34 -8.20 -3.77
C TRP A 61 1.13 -8.03 -4.71
N THR A 62 0.89 -6.83 -5.16
CA THR A 62 -0.26 -6.59 -6.06
C THR A 62 0.22 -6.05 -7.41
N GLY A 63 -0.34 -6.52 -8.49
CA GLY A 63 0.10 -6.05 -9.82
C GLY A 63 -0.43 -4.63 -10.05
N SER A 64 0.19 -3.89 -10.94
CA SER A 64 -0.27 -2.49 -11.20
C SER A 64 -1.79 -2.48 -11.45
N ASP A 65 -2.34 -3.58 -11.88
CA ASP A 65 -3.81 -3.64 -12.16
C ASP A 65 -4.63 -3.21 -10.94
N SER A 66 -4.46 -3.87 -9.84
CA SER A 66 -5.24 -3.50 -8.62
C SER A 66 -4.56 -2.35 -7.88
N LEU A 67 -3.60 -1.73 -8.51
CA LEU A 67 -2.88 -0.60 -7.84
C LEU A 67 -3.34 0.74 -8.42
N THR A 68 -3.67 1.67 -7.57
CA THR A 68 -4.10 3.01 -8.04
C THR A 68 -3.32 4.09 -7.27
N PRO A 69 -3.18 5.22 -7.88
CA PRO A 69 -2.43 6.33 -7.22
C PRO A 69 -3.22 6.90 -6.03
N LEU A 70 -2.58 7.03 -4.90
CA LEU A 70 -3.28 7.59 -3.70
C LEU A 70 -2.60 8.89 -3.28
N THR A 71 -3.35 9.93 -3.07
CA THR A 71 -2.74 11.23 -2.68
C THR A 71 -3.14 11.61 -1.26
N SER A 72 -2.39 12.48 -0.63
CA SER A 72 -2.75 12.89 0.75
C SER A 72 -4.14 13.52 0.73
N GLU A 73 -4.53 14.09 -0.38
CA GLU A 73 -5.88 14.70 -0.47
C GLU A 73 -6.94 13.61 -0.36
N ALA A 74 -6.87 12.63 -1.21
CA ALA A 74 -7.86 11.51 -1.15
C ALA A 74 -7.80 10.87 0.23
N ILE A 75 -6.62 10.72 0.77
CA ILE A 75 -6.48 10.11 2.11
C ILE A 75 -7.29 10.91 3.13
N SER A 76 -7.07 12.20 3.17
CA SER A 76 -7.82 13.05 4.14
C SER A 76 -9.33 12.87 3.93
N GLN A 77 -9.78 12.84 2.71
CA GLN A 77 -11.23 12.65 2.46
C GLN A 77 -11.69 11.37 3.18
N PHE A 78 -10.94 10.32 3.05
CA PHE A 78 -11.31 9.06 3.75
C PHE A 78 -11.33 9.29 5.26
N LEU A 79 -10.33 9.96 5.78
CA LEU A 79 -10.30 10.23 7.25
C LEU A 79 -11.63 10.83 7.67
N GLU A 80 -12.13 11.78 6.94
CA GLU A 80 -13.45 12.37 7.30
C GLU A 80 -14.50 11.27 7.23
N LYS A 81 -14.43 10.45 6.22
CA LYS A 81 -15.39 9.32 6.08
C LYS A 81 -14.65 8.08 5.57
N PRO A 82 -14.50 7.12 6.44
CA PRO A 82 -13.82 5.85 6.09
C PRO A 82 -14.82 4.79 5.66
N LYS A 83 -14.46 3.97 4.71
CA LYS A 83 -15.41 2.90 4.26
C LYS A 83 -14.64 1.74 3.60
N PRO A 84 -14.98 0.53 3.97
CA PRO A 84 -16.06 0.27 4.97
C PRO A 84 -15.57 0.66 6.37
N LYS A 85 -16.24 0.23 7.40
CA LYS A 85 -15.78 0.59 8.77
C LYS A 85 -14.77 -0.46 9.27
N THR A 86 -13.54 -0.31 8.90
CA THR A 86 -12.49 -1.27 9.36
C THR A 86 -11.45 -0.52 10.20
N ALA A 87 -11.39 -0.80 11.47
CA ALA A 87 -10.40 -0.09 12.33
C ALA A 87 -9.00 -0.15 11.72
N SER A 88 -8.67 -1.22 11.05
CA SER A 88 -7.31 -1.33 10.45
C SER A 88 -7.15 -0.36 9.28
N LEU A 89 -8.09 -0.32 8.38
CA LEU A 89 -7.95 0.61 7.22
C LEU A 89 -8.00 2.05 7.74
N ILE A 90 -8.97 2.37 8.53
CA ILE A 90 -9.06 3.75 9.06
C ILE A 90 -7.72 4.11 9.70
N LYS A 91 -7.13 3.20 10.40
CA LYS A 91 -5.79 3.48 11.00
C LYS A 91 -4.76 3.48 9.88
N ALA A 92 -5.05 2.76 8.82
CA ALA A 92 -4.11 2.70 7.66
C ALA A 92 -4.03 4.08 6.99
N TYR A 93 -5.15 4.75 6.89
CA TYR A 93 -5.17 6.09 6.24
C TYR A 93 -4.63 7.15 7.20
N LYS A 94 -4.98 7.06 8.45
CA LYS A 94 -4.47 8.07 9.42
C LYS A 94 -2.96 7.94 9.59
N MET A 95 -2.44 6.74 9.51
CA MET A 95 -0.97 6.57 9.64
C MET A 95 -0.29 6.87 8.32
N ALA A 96 -0.84 6.40 7.23
CA ALA A 96 -0.22 6.69 5.91
C ALA A 96 -0.37 8.18 5.61
N GLN A 97 -1.43 8.77 6.11
CA GLN A 97 -1.65 10.23 5.89
C GLN A 97 -0.52 11.03 6.55
N SER A 98 0.06 10.49 7.59
CA SER A 98 1.17 11.20 8.27
C SER A 98 2.52 10.79 7.65
N THR A 99 2.56 9.65 7.02
CA THR A 99 3.83 9.20 6.39
C THR A 99 3.93 9.75 4.96
N PRO A 100 5.01 10.42 4.69
CA PRO A 100 5.23 11.02 3.35
C PRO A 100 5.52 9.92 2.32
N ASP A 101 6.67 9.32 2.36
CA ASP A 101 7.00 8.25 1.38
C ASP A 101 7.79 7.13 2.04
N LEU A 102 8.12 6.12 1.29
CA LEU A 102 8.91 4.98 1.85
C LEU A 102 10.18 5.51 2.52
N ASP A 103 10.61 6.69 2.17
CA ASP A 103 11.83 7.26 2.78
C ASP A 103 11.58 7.69 4.23
N SER A 104 10.34 7.70 4.65
CA SER A 104 10.04 8.11 6.05
C SER A 104 9.59 6.92 6.89
N LEU A 105 9.15 5.87 6.26
CA LEU A 105 8.70 4.67 7.04
C LEU A 105 9.88 4.09 7.82
N SER A 106 9.62 3.22 8.76
CA SER A 106 10.74 2.62 9.55
C SER A 106 10.76 1.10 9.40
N VAL A 107 11.91 0.53 9.19
CA VAL A 107 11.99 -0.95 9.04
C VAL A 107 13.05 -1.52 10.00
N PRO A 108 12.68 -2.57 10.68
CA PRO A 108 13.60 -3.22 11.64
C PRO A 108 14.62 -4.09 10.90
N SER A 109 15.42 -3.51 10.06
CA SER A 109 16.43 -4.32 9.32
C SER A 109 17.77 -3.56 9.24
N SER A 2 2.09 5.77 -23.70
CA SER A 2 1.56 4.91 -22.60
C SER A 2 0.88 5.78 -21.54
N GLU A 3 -0.36 6.12 -21.76
CA GLU A 3 -1.08 6.98 -20.76
C GLU A 3 -1.50 6.12 -19.56
N ARG A 4 -0.82 6.26 -18.45
CA ARG A 4 -1.19 5.45 -17.26
C ARG A 4 -0.42 5.94 -16.02
N VAL A 5 -0.51 5.23 -14.93
CA VAL A 5 0.21 5.64 -13.70
C VAL A 5 1.43 4.75 -13.47
N ASN A 6 2.62 5.29 -13.59
CA ASN A 6 3.84 4.48 -13.35
C ASN A 6 4.23 4.59 -11.88
N TYR A 7 3.92 3.59 -11.12
CA TYR A 7 4.24 3.63 -9.66
C TYR A 7 5.75 3.62 -9.41
N LYS A 8 6.17 4.22 -8.34
CA LYS A 8 7.62 4.27 -8.02
C LYS A 8 7.82 3.93 -6.53
N PRO A 9 9.04 3.58 -6.20
CA PRO A 9 9.35 3.22 -4.79
C PRO A 9 9.18 4.43 -3.88
N GLY A 10 8.27 4.37 -2.94
CA GLY A 10 8.05 5.51 -2.03
C GLY A 10 6.73 6.21 -2.39
N MET A 11 6.07 5.75 -3.43
CA MET A 11 4.77 6.38 -3.83
C MET A 11 3.62 5.71 -3.08
N ARG A 12 2.83 6.46 -2.37
CA ARG A 12 1.70 5.84 -1.63
C ARG A 12 0.54 5.55 -2.59
N VAL A 13 0.20 4.30 -2.74
CA VAL A 13 -0.91 3.92 -3.65
C VAL A 13 -1.96 3.10 -2.90
N LEU A 14 -3.07 2.83 -3.53
CA LEU A 14 -4.14 2.02 -2.88
C LEU A 14 -4.13 0.62 -3.49
N THR A 15 -4.17 -0.40 -2.68
CA THR A 15 -4.15 -1.78 -3.23
C THR A 15 -5.42 -2.54 -2.88
N LYS A 16 -6.25 -2.83 -3.84
CA LYS A 16 -7.50 -3.58 -3.54
C LYS A 16 -7.17 -5.07 -3.39
N MET A 17 -7.74 -5.73 -2.41
CA MET A 17 -7.42 -7.18 -2.24
C MET A 17 -8.70 -8.01 -2.38
N SER A 18 -8.58 -9.31 -2.52
CA SER A 18 -9.79 -10.15 -2.69
C SER A 18 -10.77 -9.93 -1.54
N GLY A 19 -11.98 -9.53 -1.83
CA GLY A 19 -12.97 -9.29 -0.74
C GLY A 19 -12.47 -8.14 0.12
N PHE A 20 -11.52 -7.40 -0.36
CA PHE A 20 -10.94 -6.28 0.42
C PHE A 20 -10.90 -4.98 -0.38
N PRO A 21 -11.26 -3.92 0.29
CA PRO A 21 -11.26 -2.56 -0.33
C PRO A 21 -9.82 -2.09 -0.57
N TRP A 22 -9.63 -1.17 -1.48
CA TRP A 22 -8.26 -0.67 -1.75
C TRP A 22 -7.61 -0.24 -0.43
N TRP A 23 -6.45 -0.77 -0.13
CA TRP A 23 -5.78 -0.40 1.15
C TRP A 23 -4.65 0.59 0.91
N PRO A 24 -4.52 1.51 1.82
CA PRO A 24 -3.44 2.52 1.72
C PRO A 24 -2.08 1.83 1.87
N SER A 25 -1.39 1.64 0.78
CA SER A 25 -0.07 0.98 0.84
C SER A 25 0.90 1.68 -0.11
N MET A 26 2.17 1.66 0.19
CA MET A 26 3.15 2.34 -0.70
C MET A 26 3.95 1.32 -1.51
N VAL A 27 4.27 1.62 -2.73
CA VAL A 27 5.05 0.67 -3.56
C VAL A 27 6.50 0.63 -3.07
N VAL A 28 6.90 -0.45 -2.44
CA VAL A 28 8.30 -0.55 -1.93
C VAL A 28 9.07 -1.57 -2.76
N THR A 29 10.24 -1.95 -2.31
CA THR A 29 11.05 -2.95 -3.07
C THR A 29 11.38 -4.14 -2.16
N GLU A 30 11.64 -5.28 -2.74
CA GLU A 30 11.96 -6.48 -1.92
C GLU A 30 13.05 -6.14 -0.90
N SER A 31 13.82 -5.12 -1.15
CA SER A 31 14.90 -4.75 -0.19
C SER A 31 14.31 -3.98 1.00
N LYS A 32 13.05 -3.65 0.93
CA LYS A 32 12.42 -2.90 2.07
C LYS A 32 11.48 -3.82 2.85
N MET A 33 10.88 -4.77 2.18
CA MET A 33 9.95 -5.69 2.90
C MET A 33 10.74 -6.81 3.58
N THR A 34 10.63 -6.93 4.87
CA THR A 34 11.39 -7.99 5.58
C THR A 34 11.07 -9.35 4.97
N SER A 35 11.48 -10.41 5.63
CA SER A 35 11.21 -11.77 5.08
C SER A 35 9.71 -12.07 5.16
N VAL A 36 9.02 -11.47 6.09
CA VAL A 36 7.55 -11.72 6.21
C VAL A 36 6.86 -11.44 4.88
N ALA A 37 7.19 -10.35 4.24
CA ALA A 37 6.56 -10.02 2.93
C ALA A 37 7.07 -10.96 1.85
N ARG A 38 8.35 -11.22 1.84
CA ARG A 38 8.92 -12.13 0.80
C ARG A 38 8.13 -13.45 0.76
N LYS A 39 7.62 -13.87 1.88
CA LYS A 39 6.83 -15.14 1.90
C LYS A 39 5.48 -14.92 1.22
N SER A 40 5.07 -13.69 1.07
CA SER A 40 3.76 -13.41 0.42
C SER A 40 3.97 -13.15 -1.08
N LYS A 41 5.19 -13.24 -1.54
CA LYS A 41 5.45 -13.00 -2.99
C LYS A 41 4.48 -13.83 -3.84
N PRO A 42 4.13 -13.29 -4.97
CA PRO A 42 3.19 -13.95 -5.88
C PRO A 42 3.93 -14.92 -6.83
N LYS A 43 3.33 -16.03 -7.12
CA LYS A 43 4.00 -17.01 -8.04
C LYS A 43 3.27 -17.00 -9.39
N ARG A 44 2.42 -16.04 -9.61
CA ARG A 44 1.68 -15.97 -10.90
C ARG A 44 2.52 -15.26 -11.95
N ALA A 45 2.06 -15.20 -13.17
CA ALA A 45 2.84 -14.51 -14.23
C ALA A 45 2.56 -13.00 -14.16
N GLY A 46 3.54 -12.19 -14.47
CA GLY A 46 3.32 -10.72 -14.41
C GLY A 46 4.25 -10.12 -13.35
N THR A 47 4.55 -8.87 -13.47
CA THR A 47 5.45 -8.22 -12.47
C THR A 47 4.61 -7.64 -11.33
N PHE A 48 4.66 -8.25 -10.18
CA PHE A 48 3.86 -7.74 -9.02
C PHE A 48 4.66 -6.70 -8.23
N TYR A 49 4.01 -5.70 -7.72
CA TYR A 49 4.72 -4.65 -6.95
C TYR A 49 4.61 -4.92 -5.45
N PRO A 50 5.73 -5.03 -4.81
CA PRO A 50 5.73 -5.23 -3.34
C PRO A 50 5.40 -3.90 -2.68
N VAL A 51 4.33 -3.82 -1.95
CA VAL A 51 3.97 -2.53 -1.30
C VAL A 51 3.92 -2.68 0.21
N ILE A 52 3.94 -1.59 0.91
CA ILE A 52 3.83 -1.68 2.38
C ILE A 52 2.42 -1.26 2.77
N PHE A 53 1.73 -2.08 3.51
CA PHE A 53 0.33 -1.73 3.87
C PHE A 53 0.29 -0.99 5.21
N PHE A 54 -0.61 -0.05 5.33
CA PHE A 54 -0.72 0.69 6.62
C PHE A 54 -1.88 0.12 7.43
N PRO A 55 -1.88 0.39 8.71
CA PRO A 55 -0.82 1.20 9.34
C PRO A 55 0.31 0.32 9.88
N ASN A 56 0.13 -0.98 9.85
CA ASN A 56 1.19 -1.89 10.37
C ASN A 56 2.28 -2.14 9.33
N LYS A 57 2.60 -1.15 8.54
CA LYS A 57 3.67 -1.32 7.50
C LYS A 57 3.65 -2.72 6.90
N GLU A 58 2.52 -3.37 6.86
CA GLU A 58 2.47 -4.74 6.29
C GLU A 58 3.11 -4.72 4.90
N TYR A 59 3.12 -5.83 4.22
CA TYR A 59 3.73 -5.85 2.86
C TYR A 59 2.91 -6.78 1.94
N LEU A 60 2.51 -6.28 0.80
CA LEU A 60 1.69 -7.13 -0.12
C LEU A 60 2.24 -7.06 -1.55
N TRP A 61 2.11 -8.14 -2.28
CA TRP A 61 2.57 -8.16 -3.69
C TRP A 61 1.36 -8.01 -4.60
N THR A 62 1.14 -6.85 -5.14
CA THR A 62 -0.04 -6.65 -6.03
C THR A 62 0.40 -6.10 -7.38
N GLY A 63 -0.26 -6.49 -8.44
CA GLY A 63 0.12 -5.98 -9.79
C GLY A 63 -0.40 -4.56 -9.97
N SER A 64 0.10 -3.85 -10.95
CA SER A 64 -0.36 -2.45 -11.18
C SER A 64 -1.88 -2.42 -11.41
N ASP A 65 -2.43 -3.50 -11.90
CA ASP A 65 -3.91 -3.54 -12.16
C ASP A 65 -4.72 -3.19 -10.90
N SER A 66 -4.51 -3.92 -9.83
CA SER A 66 -5.27 -3.64 -8.58
C SER A 66 -4.59 -2.51 -7.79
N LEU A 67 -3.63 -1.86 -8.41
CA LEU A 67 -2.93 -0.75 -7.72
C LEU A 67 -3.36 0.60 -8.30
N THR A 68 -3.63 1.56 -7.44
CA THR A 68 -4.05 2.90 -7.93
C THR A 68 -3.28 3.97 -7.13
N PRO A 69 -3.12 5.13 -7.71
CA PRO A 69 -2.37 6.22 -7.02
C PRO A 69 -3.19 6.78 -5.86
N LEU A 70 -2.61 6.84 -4.69
CA LEU A 70 -3.35 7.40 -3.51
C LEU A 70 -2.78 8.78 -3.18
N THR A 71 -3.48 9.82 -3.50
CA THR A 71 -2.96 11.20 -3.21
C THR A 71 -3.22 11.57 -1.75
N SER A 72 -2.52 12.55 -1.24
CA SER A 72 -2.74 12.96 0.17
C SER A 72 -4.18 13.45 0.35
N GLU A 73 -4.70 14.14 -0.62
CA GLU A 73 -6.10 14.64 -0.52
C GLU A 73 -7.05 13.44 -0.40
N ALA A 74 -6.94 12.50 -1.29
CA ALA A 74 -7.82 11.31 -1.22
C ALA A 74 -7.70 10.67 0.17
N ILE A 75 -6.49 10.52 0.64
CA ILE A 75 -6.28 9.92 2.00
C ILE A 75 -7.11 10.72 3.02
N SER A 76 -6.95 12.01 3.04
CA SER A 76 -7.73 12.84 4.01
C SER A 76 -9.22 12.63 3.76
N GLN A 77 -9.62 12.55 2.52
CA GLN A 77 -11.07 12.34 2.22
C GLN A 77 -11.54 11.10 2.96
N PHE A 78 -10.73 10.07 3.01
CA PHE A 78 -11.14 8.84 3.73
C PHE A 78 -11.17 9.14 5.23
N LEU A 79 -10.18 9.81 5.74
CA LEU A 79 -10.17 10.13 7.19
C LEU A 79 -11.50 10.78 7.57
N GLU A 80 -11.94 11.74 6.80
CA GLU A 80 -13.26 12.37 7.10
C GLU A 80 -14.34 11.29 7.00
N LYS A 81 -14.25 10.46 6.00
CA LYS A 81 -15.23 9.35 5.85
C LYS A 81 -14.51 8.09 5.38
N PRO A 82 -14.41 7.14 6.28
CA PRO A 82 -13.73 5.86 5.97
C PRO A 82 -14.75 4.82 5.48
N LYS A 83 -14.35 3.98 4.56
CA LYS A 83 -15.31 2.95 4.05
C LYS A 83 -14.53 1.77 3.44
N PRO A 84 -14.90 0.57 3.84
CA PRO A 84 -15.98 0.37 4.83
C PRO A 84 -15.48 0.77 6.22
N LYS A 85 -16.20 0.43 7.25
CA LYS A 85 -15.75 0.80 8.62
C LYS A 85 -14.84 -0.29 9.19
N THR A 86 -13.58 -0.25 8.86
CA THR A 86 -12.62 -1.27 9.39
C THR A 86 -11.57 -0.57 10.26
N ALA A 87 -11.40 -1.00 11.46
CA ALA A 87 -10.40 -0.35 12.35
C ALA A 87 -9.00 -0.40 11.75
N SER A 88 -8.65 -1.47 11.10
CA SER A 88 -7.29 -1.57 10.51
C SER A 88 -7.12 -0.63 9.33
N LEU A 89 -8.06 -0.59 8.43
CA LEU A 89 -7.92 0.34 7.27
C LEU A 89 -7.96 1.78 7.76
N ILE A 90 -8.95 2.11 8.55
CA ILE A 90 -9.03 3.49 9.07
C ILE A 90 -7.72 3.85 9.75
N LYS A 91 -7.15 2.92 10.46
CA LYS A 91 -5.84 3.20 11.11
C LYS A 91 -4.80 3.23 9.99
N ALA A 92 -5.07 2.54 8.91
CA ALA A 92 -4.12 2.52 7.77
C ALA A 92 -4.07 3.91 7.11
N TYR A 93 -5.20 4.56 7.00
CA TYR A 93 -5.23 5.91 6.38
C TYR A 93 -4.69 6.96 7.34
N LYS A 94 -5.05 6.89 8.59
CA LYS A 94 -4.54 7.89 9.56
C LYS A 94 -3.02 7.75 9.72
N MET A 95 -2.52 6.54 9.69
CA MET A 95 -1.06 6.34 9.82
C MET A 95 -0.37 6.55 8.47
N ALA A 96 -0.95 6.06 7.41
CA ALA A 96 -0.33 6.25 6.07
C ALA A 96 -0.40 7.73 5.71
N GLN A 97 -1.44 8.39 6.17
CA GLN A 97 -1.59 9.84 5.90
C GLN A 97 -0.45 10.61 6.56
N SER A 98 0.23 9.98 7.48
CA SER A 98 1.37 10.65 8.18
C SER A 98 2.69 10.35 7.46
N THR A 99 2.76 9.24 6.78
CA THR A 99 4.01 8.89 6.05
C THR A 99 3.94 9.38 4.59
N PRO A 100 4.77 10.34 4.28
CA PRO A 100 4.78 10.91 2.92
C PRO A 100 5.43 9.96 1.91
N ASP A 101 6.68 9.62 2.11
CA ASP A 101 7.36 8.70 1.15
C ASP A 101 7.95 7.49 1.89
N LEU A 102 8.81 6.77 1.22
CA LEU A 102 9.44 5.56 1.85
C LEU A 102 10.49 5.97 2.89
N ASP A 103 11.28 6.96 2.57
CA ASP A 103 12.33 7.41 3.53
C ASP A 103 11.71 7.76 4.89
N SER A 104 10.46 8.13 4.90
CA SER A 104 9.81 8.48 6.19
C SER A 104 9.40 7.21 6.95
N LEU A 105 9.21 6.13 6.25
CA LEU A 105 8.81 4.86 6.92
C LEU A 105 10.01 4.21 7.61
N SER A 106 9.77 3.28 8.49
CA SER A 106 10.89 2.60 9.19
C SER A 106 10.86 1.10 8.91
N VAL A 107 11.99 0.48 8.69
CA VAL A 107 12.00 -0.98 8.42
C VAL A 107 12.68 -1.73 9.58
N PRO A 108 11.96 -2.63 10.16
CA PRO A 108 12.50 -3.43 11.29
C PRO A 108 13.51 -4.46 10.78
N SER A 109 13.69 -4.54 9.48
CA SER A 109 14.67 -5.52 8.92
C SER A 109 15.91 -4.78 8.42
#